data_4WLO
#
_entry.id   4WLO
#
_cell.length_a   59.989
_cell.length_b   152.191
_cell.length_c   155.869
_cell.angle_alpha   90.00
_cell.angle_beta   90.00
_cell.angle_gamma   90.00
#
_symmetry.space_group_name_H-M   'P 21 21 21'
#
loop_
_entity.id
_entity.type
_entity.pdbx_description
1 polymer 'Malate dehydrogenase, mitochondrial'
2 non-polymer '1,4-DIHYDRONICOTINAMIDE ADENINE DINUCLEOTIDE'
3 non-polymer 'OXALOACETATE ION'
4 water water
#
_entity_poly.entity_id   1
_entity_poly.type   'polypeptide(L)'
_entity_poly.pdbx_seq_one_letter_code
;MGSSHHHHHHSSGLVPRGSHMSAQNNAKVAVLGASGGIGQPLSLLLKNSPLVSRLTLYDIAHTPGVAADLSHIETKAAVK
GYLGPEQLPDCLKGCDVVVIPAGVPRKPGMTRDDLFNTNATIVATLTAACAQHCPEAMICVIANPVNSTIPITAEVFKKH
GVYNPNKIFGVTTLDIVRANTFVAELKGLDPARVNVPVIGGHAGKTIIPLISQCTPKVDFPQDQLTALTGRIQEAGTEVV
KAKAGAGSATLSMAYAGARFVFSLVDAMNGKEGVVECSFVKSQETECTYFSTPLLLGKKGIEKNLGIGKVSSFEEKMISD
AIPELKASIKKGEDFVKTLK
;
_entity_poly.pdbx_strand_id   A,B,C,D
#
loop_
_chem_comp.id
_chem_comp.type
_chem_comp.name
_chem_comp.formula
NAI non-polymer '1,4-DIHYDRONICOTINAMIDE ADENINE DINUCLEOTIDE' 'C21 H29 N7 O14 P2'
OAA non-polymer 'OXALOACETATE ION' 'C4 H3 O5 -1'
#
# COMPACT_ATOMS: atom_id res chain seq x y z
N ASN A 26 3.14 12.06 34.59
CA ASN A 26 4.50 12.69 34.52
C ASN A 26 5.54 11.93 33.66
N ALA A 27 5.08 10.90 32.93
CA ALA A 27 5.96 9.97 32.21
C ALA A 27 6.12 10.31 30.73
N LYS A 28 7.33 10.07 30.23
CA LYS A 28 7.68 10.34 28.84
C LYS A 28 7.93 9.01 28.15
N VAL A 29 7.16 8.73 27.10
CA VAL A 29 7.24 7.46 26.40
C VAL A 29 7.56 7.67 24.92
N ALA A 30 8.48 6.85 24.41
CA ALA A 30 8.82 6.85 23.00
C ALA A 30 8.44 5.53 22.35
N VAL A 31 7.91 5.61 21.14
CA VAL A 31 7.57 4.43 20.35
C VAL A 31 8.44 4.44 19.11
N LEU A 32 9.23 3.39 18.92
CA LEU A 32 10.12 3.28 17.76
C LEU A 32 9.50 2.30 16.80
N GLY A 33 9.10 2.80 15.63
CA GLY A 33 8.28 2.06 14.68
C GLY A 33 6.82 2.51 14.77
N ALA A 34 6.63 3.78 15.11
CA ALA A 34 5.31 4.32 15.44
C ALA A 34 4.35 4.39 14.26
N SER A 35 4.88 4.28 13.03
CA SER A 35 4.06 4.36 11.81
C SER A 35 3.49 3.02 11.34
N GLY A 36 3.83 1.92 12.01
CA GLY A 36 3.44 0.59 11.55
C GLY A 36 2.04 0.16 11.98
N GLY A 37 1.66 -1.04 11.56
CA GLY A 37 0.40 -1.63 11.96
C GLY A 37 0.19 -1.60 13.46
N ILE A 38 1.21 -1.97 14.22
CA ILE A 38 1.15 -1.90 15.68
C ILE A 38 1.42 -0.49 16.16
N GLY A 39 2.47 0.13 15.65
CA GLY A 39 2.91 1.45 16.12
C GLY A 39 1.81 2.48 16.29
N GLN A 40 0.91 2.56 15.30
CA GLN A 40 -0.09 3.63 15.25
C GLN A 40 -1.20 3.50 16.29
N PRO A 41 -1.87 2.33 16.37
CA PRO A 41 -2.84 2.12 17.46
C PRO A 41 -2.22 2.09 18.86
N LEU A 42 -0.99 1.60 18.97
CA LEU A 42 -0.27 1.67 20.25
C LEU A 42 -0.11 3.12 20.68
N SER A 43 0.39 3.95 19.77
CA SER A 43 0.60 5.36 20.05
C SER A 43 -0.71 6.07 20.39
N LEU A 44 -1.79 5.61 19.77
CA LEU A 44 -3.14 6.14 20.07
C LEU A 44 -3.53 5.81 21.52
N LEU A 45 -3.37 4.55 21.92
CA LEU A 45 -3.73 4.16 23.28
C LEU A 45 -2.86 4.89 24.30
N LEU A 46 -1.58 5.02 23.99
CA LEU A 46 -0.68 5.80 24.83
C LEU A 46 -1.09 7.27 24.89
N LYS A 47 -1.46 7.87 23.77
CA LYS A 47 -1.89 9.28 23.77
C LYS A 47 -3.13 9.47 24.63
N ASN A 48 -4.04 8.51 24.56
CA ASN A 48 -5.29 8.55 25.32
C ASN A 48 -5.12 8.50 26.84
N SER A 49 -3.99 7.97 27.31
CA SER A 49 -3.78 7.67 28.72
C SER A 49 -3.30 8.87 29.52
N PRO A 50 -3.93 9.16 30.67
CA PRO A 50 -3.45 10.23 31.55
C PRO A 50 -2.12 9.91 32.26
N LEU A 51 -1.59 8.70 32.08
CA LEU A 51 -0.26 8.36 32.60
C LEU A 51 0.85 9.02 31.78
N VAL A 52 0.68 9.08 30.46
CA VAL A 52 1.69 9.66 29.58
C VAL A 52 1.55 11.16 29.54
N SER A 53 2.65 11.88 29.75
CA SER A 53 2.66 13.34 29.63
C SER A 53 3.49 13.83 28.44
N ARG A 54 4.35 12.97 27.91
CA ARG A 54 5.13 13.29 26.72
C ARG A 54 5.25 12.02 25.87
N LEU A 55 4.80 12.11 24.62
CA LEU A 55 4.83 10.97 23.70
C LEU A 55 5.65 11.31 22.47
N THR A 56 6.82 10.68 22.32
CA THR A 56 7.65 10.92 21.14
C THR A 56 7.53 9.73 20.22
N LEU A 57 7.42 10.00 18.93
CA LEU A 57 7.16 8.97 17.96
C LEU A 57 8.29 8.93 16.95
N TYR A 58 8.86 7.75 16.74
CA TYR A 58 9.93 7.61 15.76
C TYR A 58 9.63 6.51 14.76
N ASP A 59 10.09 6.75 13.54
CA ASP A 59 10.04 5.76 12.47
C ASP A 59 10.95 6.26 11.35
N ILE A 60 11.21 5.39 10.38
CA ILE A 60 11.88 5.79 9.15
C ILE A 60 10.89 6.40 8.13
N ALA A 61 9.61 6.06 8.26
CA ALA A 61 8.58 6.53 7.32
C ALA A 61 7.32 7.10 8.01
N HIS A 62 6.72 8.11 7.38
CA HIS A 62 5.36 8.59 7.71
C HIS A 62 5.12 9.21 9.10
N THR A 63 6.16 9.37 9.92
CA THR A 63 5.99 9.75 11.32
C THR A 63 5.33 11.11 11.52
N PRO A 64 5.73 12.13 10.73
CA PRO A 64 5.19 13.47 10.94
C PRO A 64 3.68 13.57 10.76
N GLY A 65 3.13 12.81 9.82
CA GLY A 65 1.69 12.74 9.60
C GLY A 65 0.96 12.07 10.75
N VAL A 66 1.53 10.95 11.22
CA VAL A 66 1.00 10.25 12.39
C VAL A 66 1.02 11.15 13.63
N ALA A 67 2.12 11.90 13.80
CA ALA A 67 2.26 12.82 14.93
C ALA A 67 1.26 13.97 14.88
N ALA A 68 1.06 14.56 13.71
CA ALA A 68 0.12 15.67 13.58
C ALA A 68 -1.33 15.22 13.85
N ASP A 69 -1.68 14.04 13.35
CA ASP A 69 -2.93 13.36 13.63
C ASP A 69 -3.20 13.21 15.15
N LEU A 70 -2.31 12.50 15.85
CA LEU A 70 -2.44 12.27 17.29
C LEU A 70 -2.41 13.54 18.15
N SER A 71 -1.69 14.57 17.69
CA SER A 71 -1.53 15.81 18.47
C SER A 71 -2.84 16.55 18.66
N HIS A 72 -3.83 16.21 17.84
CA HIS A 72 -5.14 16.85 17.89
C HIS A 72 -6.05 16.28 18.96
N ILE A 73 -5.67 15.14 19.52
CA ILE A 73 -6.49 14.48 20.53
C ILE A 73 -6.41 15.26 21.83
N GLU A 74 -7.58 15.44 22.44
CA GLU A 74 -7.78 16.32 23.59
C GLU A 74 -7.26 15.79 24.93
N THR A 75 -6.07 15.19 24.94
CA THR A 75 -5.44 14.76 26.20
C THR A 75 -4.13 15.52 26.43
N LYS A 76 -3.55 15.37 27.63
CA LYS A 76 -2.45 16.25 28.04
C LYS A 76 -1.12 15.94 27.36
N ALA A 77 -0.92 14.69 26.95
CA ALA A 77 0.34 14.28 26.35
C ALA A 77 0.67 15.09 25.11
N ALA A 78 1.78 15.82 25.19
CA ALA A 78 2.35 16.50 24.05
C ALA A 78 2.94 15.45 23.12
N VAL A 79 2.57 15.49 21.85
CA VAL A 79 3.04 14.53 20.85
C VAL A 79 4.04 15.20 19.92
N LYS A 80 5.08 14.47 19.55
CA LYS A 80 6.09 14.97 18.62
C LYS A 80 6.59 13.81 17.77
N GLY A 81 6.72 14.04 16.48
CA GLY A 81 7.15 13.02 15.52
C GLY A 81 8.58 13.23 15.06
N TYR A 82 9.26 12.14 14.73
CA TYR A 82 10.68 12.14 14.39
C TYR A 82 10.96 11.18 13.25
N LEU A 83 11.71 11.65 12.25
CA LEU A 83 11.89 10.93 11.01
C LEU A 83 13.37 10.74 10.69
N GLY A 84 13.79 9.50 10.50
CA GLY A 84 15.13 9.16 10.06
C GLY A 84 16.17 9.11 11.17
N PRO A 85 17.22 8.29 11.00
CA PRO A 85 18.26 8.12 12.04
C PRO A 85 18.86 9.42 12.56
N GLU A 86 18.89 10.47 11.75
CA GLU A 86 19.42 11.76 12.17
C GLU A 86 18.63 12.31 13.36
N GLN A 87 17.31 12.08 13.38
CA GLN A 87 16.44 12.64 14.40
C GLN A 87 16.11 11.71 15.58
N LEU A 88 16.64 10.48 15.54
CA LEU A 88 16.42 9.50 16.60
C LEU A 88 16.93 9.98 17.98
N PRO A 89 18.12 10.62 18.03
CA PRO A 89 18.58 11.16 19.31
C PRO A 89 17.63 12.14 19.99
N ASP A 90 17.13 13.13 19.26
CA ASP A 90 16.18 14.10 19.83
C ASP A 90 14.94 13.41 20.42
N CYS A 91 14.49 12.34 19.74
CA CYS A 91 13.32 11.59 20.14
C CYS A 91 13.51 10.93 21.51
N LEU A 92 14.68 10.31 21.68
CA LEU A 92 14.98 9.53 22.87
C LEU A 92 15.40 10.36 24.10
N LYS A 93 15.54 11.67 23.93
CA LYS A 93 16.10 12.51 24.99
C LYS A 93 15.15 12.64 26.16
N GLY A 94 15.57 12.16 27.32
CA GLY A 94 14.80 12.29 28.56
C GLY A 94 13.63 11.33 28.66
N CYS A 95 13.73 10.18 27.98
CA CYS A 95 12.64 9.20 27.95
C CYS A 95 12.65 8.30 29.17
N ASP A 96 11.49 8.14 29.80
CA ASP A 96 11.32 7.21 30.90
C ASP A 96 11.09 5.80 30.36
N VAL A 97 10.43 5.70 29.20
CA VAL A 97 10.09 4.38 28.63
C VAL A 97 10.14 4.39 27.11
N VAL A 98 10.69 3.32 26.55
CA VAL A 98 10.80 3.13 25.12
C VAL A 98 10.16 1.82 24.73
N VAL A 99 9.24 1.86 23.76
CA VAL A 99 8.61 0.64 23.24
C VAL A 99 9.03 0.44 21.79
N ILE A 100 9.26 -0.81 21.39
CA ILE A 100 9.82 -1.07 20.07
C ILE A 100 9.04 -2.13 19.27
N PRO A 101 7.98 -1.68 18.58
CA PRO A 101 7.31 -2.47 17.56
C PRO A 101 8.01 -2.44 16.20
N ALA A 102 8.94 -1.51 16.00
CA ALA A 102 9.72 -1.47 14.78
C ALA A 102 10.15 -2.88 14.43
N GLY A 103 9.87 -3.32 13.21
CA GLY A 103 10.20 -4.67 12.76
C GLY A 103 9.30 -5.12 11.64
N VAL A 104 9.62 -6.27 11.04
CA VAL A 104 8.84 -6.79 9.94
C VAL A 104 7.95 -7.92 10.45
N PRO A 105 6.66 -7.91 10.08
CA PRO A 105 5.77 -8.97 10.53
C PRO A 105 5.75 -10.15 9.57
N ARG A 106 5.21 -11.25 10.05
CA ARG A 106 5.11 -12.48 9.31
C ARG A 106 4.07 -12.45 8.18
N LYS A 107 4.30 -13.33 7.21
CA LYS A 107 3.33 -13.70 6.19
C LYS A 107 2.90 -15.13 6.46
N PRO A 108 1.75 -15.56 5.91
CA PRO A 108 1.34 -16.95 6.10
C PRO A 108 2.43 -17.96 5.72
N GLY A 109 2.65 -18.95 6.58
CA GLY A 109 3.69 -19.94 6.36
C GLY A 109 4.99 -19.67 7.11
N MET A 110 5.38 -18.39 7.25
CA MET A 110 6.62 -18.05 7.95
C MET A 110 6.55 -18.47 9.41
N THR A 111 7.71 -18.76 9.98
CA THR A 111 7.86 -18.90 11.42
C THR A 111 8.32 -17.53 11.89
N ARG A 112 8.29 -17.31 13.19
CA ARG A 112 8.81 -16.07 13.75
C ARG A 112 10.31 -15.92 13.47
N ASP A 113 10.99 -17.06 13.32
CA ASP A 113 12.43 -17.11 13.13
C ASP A 113 12.88 -16.62 11.75
N ASP A 114 12.00 -16.73 10.76
CA ASP A 114 12.31 -16.30 9.39
C ASP A 114 12.48 -14.79 9.29
N LEU A 115 11.98 -14.09 10.30
CA LEU A 115 12.11 -12.64 10.40
C LEU A 115 13.41 -12.21 11.06
N PHE A 116 14.22 -13.18 11.51
CA PHE A 116 15.36 -12.90 12.39
C PHE A 116 16.38 -11.93 11.81
N ASN A 117 16.89 -12.22 10.62
CA ASN A 117 17.94 -11.42 10.00
C ASN A 117 17.55 -9.96 9.91
N THR A 118 16.33 -9.73 9.41
CA THR A 118 15.77 -8.39 9.24
C THR A 118 15.62 -7.66 10.58
N ASN A 119 15.01 -8.33 11.54
CA ASN A 119 14.68 -7.67 12.82
C ASN A 119 15.85 -7.51 13.79
N ALA A 120 16.80 -8.44 13.74
CA ALA A 120 18.03 -8.33 14.53
C ALA A 120 18.69 -6.97 14.28
N THR A 121 18.84 -6.63 13.00
CA THR A 121 19.50 -5.41 12.58
C THR A 121 18.75 -4.19 13.07
N ILE A 122 17.43 -4.21 12.89
CA ILE A 122 16.55 -3.12 13.31
C ILE A 122 16.65 -2.91 14.83
N VAL A 123 16.55 -4.00 15.58
CA VAL A 123 16.64 -3.95 17.04
C VAL A 123 18.00 -3.41 17.53
N ALA A 124 19.09 -3.95 16.97
CA ALA A 124 20.45 -3.54 17.36
C ALA A 124 20.66 -2.04 17.21
N THR A 125 20.27 -1.52 16.05
CA THR A 125 20.42 -0.10 15.75
C THR A 125 19.62 0.76 16.73
N LEU A 126 18.38 0.35 16.98
CA LEU A 126 17.46 1.16 17.78
C LEU A 126 17.82 1.09 19.26
N THR A 127 18.16 -0.10 19.74
CA THR A 127 18.56 -0.27 21.15
C THR A 127 19.89 0.47 21.46
N ALA A 128 20.80 0.48 20.49
CA ALA A 128 22.05 1.24 20.62
C ALA A 128 21.77 2.71 20.92
N ALA A 129 20.85 3.31 20.17
CA ALA A 129 20.48 4.71 20.39
C ALA A 129 19.93 4.94 21.78
N CYS A 130 19.07 4.02 22.24
CA CYS A 130 18.52 4.10 23.60
C CYS A 130 19.67 4.08 24.59
N ALA A 131 20.58 3.12 24.39
CA ALA A 131 21.80 2.98 25.21
C ALA A 131 22.59 4.29 25.32
N GLN A 132 22.71 4.99 24.21
CA GLN A 132 23.48 6.23 24.16
C GLN A 132 22.72 7.42 24.71
N HIS A 133 21.42 7.50 24.44
CA HIS A 133 20.65 8.72 24.70
C HIS A 133 19.60 8.62 25.82
N CYS A 134 19.14 7.41 26.15
CA CYS A 134 18.28 7.23 27.33
C CYS A 134 18.56 5.88 28.01
N PRO A 135 19.73 5.76 28.64
CA PRO A 135 20.15 4.49 29.24
C PRO A 135 19.38 4.13 30.50
N GLU A 136 18.83 5.15 31.18
CA GLU A 136 18.01 4.96 32.37
C GLU A 136 16.55 4.56 32.04
N ALA A 137 16.17 4.60 30.77
CA ALA A 137 14.81 4.24 30.34
C ALA A 137 14.52 2.75 30.41
N MET A 138 13.25 2.41 30.51
CA MET A 138 12.78 1.03 30.37
C MET A 138 12.65 0.73 28.88
N ILE A 139 13.09 -0.46 28.49
CA ILE A 139 13.05 -0.86 27.09
C ILE A 139 12.08 -2.03 26.96
N CYS A 140 11.02 -1.85 26.18
CA CYS A 140 10.03 -2.89 25.93
C CYS A 140 10.05 -3.30 24.47
N VAL A 141 10.59 -4.49 24.20
CA VAL A 141 10.77 -4.95 22.84
C VAL A 141 9.59 -5.82 22.46
N ILE A 142 8.87 -5.39 21.43
CA ILE A 142 7.76 -6.17 20.87
C ILE A 142 8.23 -6.98 19.66
N ALA A 143 9.13 -6.38 18.86
CA ALA A 143 9.63 -6.99 17.61
C ALA A 143 10.06 -8.44 17.76
N ASN A 144 9.83 -9.23 16.71
CA ASN A 144 10.06 -10.68 16.75
C ASN A 144 11.36 -11.15 16.07
N PRO A 145 11.87 -12.33 16.49
CA PRO A 145 11.37 -13.11 17.62
C PRO A 145 11.88 -12.54 18.94
N VAL A 146 10.98 -12.40 19.91
CA VAL A 146 11.32 -11.87 21.23
C VAL A 146 12.37 -12.74 21.93
N ASN A 147 12.29 -14.04 21.69
CA ASN A 147 13.24 -14.99 22.23
C ASN A 147 14.72 -14.66 21.88
N SER A 148 14.95 -14.02 20.74
CA SER A 148 16.29 -13.65 20.31
C SER A 148 16.56 -12.15 20.45
N THR A 149 15.53 -11.32 20.27
CA THR A 149 15.70 -9.86 20.19
C THR A 149 15.94 -9.19 21.55
N ILE A 150 15.56 -9.87 22.62
CA ILE A 150 15.88 -9.38 23.97
C ILE A 150 17.36 -9.62 24.29
N PRO A 151 17.88 -10.84 24.02
CA PRO A 151 19.32 -11.06 24.13
C PRO A 151 20.14 -10.04 23.35
N ILE A 152 19.68 -9.74 22.13
CA ILE A 152 20.32 -8.72 21.31
C ILE A 152 20.32 -7.38 22.03
N THR A 153 19.16 -7.00 22.56
CA THR A 153 19.00 -5.75 23.27
C THR A 153 19.92 -5.69 24.50
N ALA A 154 19.99 -6.79 25.25
CA ALA A 154 20.84 -6.86 26.44
C ALA A 154 22.31 -6.69 26.08
N GLU A 155 22.80 -7.50 25.14
CA GLU A 155 24.19 -7.43 24.72
C GLU A 155 24.57 -6.06 24.14
N VAL A 156 23.67 -5.46 23.38
CA VAL A 156 23.91 -4.14 22.79
C VAL A 156 24.07 -3.10 23.90
N PHE A 157 23.24 -3.20 24.93
CA PHE A 157 23.35 -2.36 26.10
C PHE A 157 24.67 -2.60 26.83
N LYS A 158 25.07 -3.87 26.94
CA LYS A 158 26.38 -4.24 27.51
C LYS A 158 27.51 -3.57 26.74
N LYS A 159 27.47 -3.71 25.42
CA LYS A 159 28.51 -3.20 24.52
C LYS A 159 28.67 -1.68 24.61
N HIS A 160 27.66 -0.98 25.12
CA HIS A 160 27.77 0.45 25.42
C HIS A 160 27.93 0.70 26.92
N GLY A 161 28.20 -0.36 27.68
CA GLY A 161 28.40 -0.29 29.14
C GLY A 161 27.30 0.40 29.95
N VAL A 162 26.04 0.10 29.65
CA VAL A 162 24.90 0.66 30.41
C VAL A 162 23.86 -0.39 30.81
N TYR A 163 24.21 -1.67 30.68
CA TYR A 163 23.26 -2.76 30.90
C TYR A 163 22.64 -2.73 32.31
N ASN A 164 21.31 -2.85 32.35
CA ASN A 164 20.56 -3.02 33.61
C ASN A 164 19.44 -4.04 33.36
N PRO A 165 19.61 -5.29 33.80
CA PRO A 165 18.65 -6.37 33.46
C PRO A 165 17.24 -6.15 34.02
N ASN A 166 17.11 -5.26 35.00
CA ASN A 166 15.82 -4.93 35.60
C ASN A 166 14.95 -3.97 34.77
N LYS A 167 15.48 -3.46 33.67
CA LYS A 167 14.78 -2.48 32.84
C LYS A 167 14.58 -2.91 31.38
N ILE A 168 14.88 -4.17 31.07
CA ILE A 168 14.73 -4.68 29.69
C ILE A 168 13.67 -5.78 29.63
N PHE A 169 12.57 -5.49 28.92
CA PHE A 169 11.41 -6.38 28.89
C PHE A 169 11.04 -6.87 27.49
N GLY A 170 10.91 -8.19 27.35
CA GLY A 170 10.36 -8.79 26.14
C GLY A 170 8.87 -8.95 26.32
N VAL A 171 8.10 -8.20 25.54
CA VAL A 171 6.67 -8.11 25.76
C VAL A 171 5.98 -9.37 25.26
N THR A 172 5.54 -10.19 26.21
CA THR A 172 4.80 -11.41 25.94
C THR A 172 3.33 -11.24 26.32
N THR A 173 2.95 -10.02 26.70
CA THR A 173 1.62 -9.77 27.28
C THR A 173 0.46 -10.32 26.42
N LEU A 174 0.56 -10.24 25.10
CA LEU A 174 -0.52 -10.70 24.23
C LEU A 174 -0.84 -12.18 24.45
N ASP A 175 0.17 -12.98 24.78
CA ASP A 175 -0.05 -14.38 25.16
C ASP A 175 -0.95 -14.52 26.40
N ILE A 176 -0.75 -13.65 27.39
CA ILE A 176 -1.57 -13.68 28.60
C ILE A 176 -3.00 -13.27 28.23
N VAL A 177 -3.09 -12.14 27.53
CA VAL A 177 -4.39 -11.59 27.12
C VAL A 177 -5.22 -12.62 26.38
N ARG A 178 -4.59 -13.36 25.48
CA ARG A 178 -5.29 -14.42 24.72
C ARG A 178 -5.74 -15.56 25.62
N ALA A 179 -4.83 -16.01 26.48
CA ALA A 179 -5.13 -17.07 27.45
C ALA A 179 -6.38 -16.71 28.24
N ASN A 180 -6.41 -15.48 28.75
CA ASN A 180 -7.54 -14.98 29.53
C ASN A 180 -8.84 -15.01 28.76
N THR A 181 -8.80 -14.49 27.54
CA THR A 181 -9.95 -14.47 26.64
C THR A 181 -10.48 -15.87 26.39
N PHE A 182 -9.60 -16.80 26.04
CA PHE A 182 -10.03 -18.16 25.70
C PHE A 182 -10.62 -18.90 26.90
N VAL A 183 -9.96 -18.82 28.05
CA VAL A 183 -10.48 -19.47 29.25
C VAL A 183 -11.82 -18.85 29.69
N ALA A 184 -11.94 -17.54 29.52
CA ALA A 184 -13.18 -16.85 29.85
C ALA A 184 -14.32 -17.34 28.96
N GLU A 185 -14.04 -17.46 27.67
CA GLU A 185 -15.03 -17.94 26.69
C GLU A 185 -15.51 -19.34 27.04
N LEU A 186 -14.58 -20.23 27.34
CA LEU A 186 -14.91 -21.64 27.59
C LEU A 186 -15.71 -21.86 28.88
N LYS A 187 -15.37 -21.12 29.93
CA LYS A 187 -16.07 -21.23 31.22
C LYS A 187 -17.20 -20.23 31.43
N GLY A 188 -17.37 -19.30 30.50
CA GLY A 188 -18.44 -18.29 30.59
C GLY A 188 -18.18 -17.26 31.66
N LEU A 189 -16.92 -16.84 31.79
CA LEU A 189 -16.51 -15.87 32.80
C LEU A 189 -16.30 -14.49 32.18
N ASP A 190 -16.25 -13.48 33.03
CA ASP A 190 -15.86 -12.13 32.64
C ASP A 190 -14.35 -12.12 32.46
N PRO A 191 -13.86 -11.89 31.23
CA PRO A 191 -12.40 -11.92 31.03
C PRO A 191 -11.61 -10.84 31.79
N ALA A 192 -12.30 -9.86 32.37
CA ALA A 192 -11.66 -8.90 33.27
C ALA A 192 -11.29 -9.53 34.62
N ARG A 193 -12.03 -10.57 35.02
CA ARG A 193 -11.78 -11.29 36.27
C ARG A 193 -10.84 -12.51 36.11
N VAL A 194 -10.38 -12.78 34.88
CA VAL A 194 -9.54 -13.96 34.63
C VAL A 194 -8.07 -13.57 34.45
N ASN A 195 -7.20 -14.38 35.06
CA ASN A 195 -5.77 -14.15 35.03
C ASN A 195 -5.03 -15.47 34.88
N VAL A 196 -4.38 -15.66 33.72
CA VAL A 196 -3.63 -16.86 33.43
C VAL A 196 -2.15 -16.52 33.30
N PRO A 197 -1.30 -17.07 34.19
CA PRO A 197 0.14 -16.89 34.01
C PRO A 197 0.63 -17.67 32.81
N VAL A 198 1.47 -17.03 32.00
CA VAL A 198 2.09 -17.67 30.86
C VAL A 198 3.58 -17.40 30.93
N ILE A 199 4.35 -18.49 30.91
CA ILE A 199 5.79 -18.45 31.15
C ILE A 199 6.54 -19.00 29.94
N GLY A 200 7.87 -18.95 30.03
CA GLY A 200 8.73 -19.56 29.03
C GLY A 200 9.21 -18.52 28.04
N GLY A 201 8.78 -18.67 26.79
CA GLY A 201 9.18 -17.77 25.71
C GLY A 201 7.99 -17.34 24.87
N HIS A 202 8.27 -16.80 23.69
CA HIS A 202 7.24 -16.28 22.82
C HIS A 202 7.36 -16.83 21.40
N ALA A 203 7.14 -18.14 21.26
CA ALA A 203 7.15 -18.80 19.96
C ALA A 203 6.85 -20.29 20.10
N GLY A 204 5.80 -20.74 19.42
CA GLY A 204 5.46 -22.16 19.35
C GLY A 204 5.29 -22.81 20.71
N LYS A 205 6.08 -23.85 20.97
CA LYS A 205 5.94 -24.68 22.17
C LYS A 205 6.66 -24.08 23.38
N THR A 206 7.41 -23.00 23.18
CA THR A 206 8.00 -22.28 24.31
C THR A 206 6.97 -21.46 25.08
N ILE A 207 5.77 -21.28 24.50
CA ILE A 207 4.66 -20.63 25.17
C ILE A 207 3.96 -21.66 26.03
N ILE A 208 3.99 -21.46 27.34
CA ILE A 208 3.45 -22.43 28.30
C ILE A 208 2.37 -21.79 29.19
N PRO A 209 1.08 -22.07 28.89
CA PRO A 209 0.01 -21.56 29.74
C PRO A 209 -0.17 -22.36 31.01
N LEU A 210 0.04 -21.72 32.15
CA LEU A 210 -0.10 -22.38 33.43
C LEU A 210 -1.55 -22.31 33.87
N ILE A 211 -2.39 -23.12 33.23
CA ILE A 211 -3.82 -23.14 33.55
C ILE A 211 -4.08 -23.58 35.00
N SER A 212 -3.14 -24.33 35.59
CA SER A 212 -3.24 -24.74 36.99
C SER A 212 -3.02 -23.56 37.96
N GLN A 213 -2.43 -22.47 37.48
CA GLN A 213 -2.26 -21.26 38.29
C GLN A 213 -3.32 -20.21 37.98
N CYS A 214 -4.33 -20.58 37.20
CA CYS A 214 -5.34 -19.62 36.74
C CYS A 214 -6.24 -19.18 37.89
N THR A 215 -6.46 -17.88 38.00
CA THR A 215 -7.44 -17.31 38.92
C THR A 215 -8.59 -16.74 38.08
N PRO A 216 -9.84 -17.19 38.33
CA PRO A 216 -10.24 -18.22 39.29
C PRO A 216 -9.82 -19.60 38.84
N LYS A 217 -9.76 -20.54 39.78
CA LYS A 217 -9.44 -21.93 39.50
C LYS A 217 -10.42 -22.49 38.47
N VAL A 218 -9.89 -23.20 37.48
CA VAL A 218 -10.70 -23.77 36.41
C VAL A 218 -10.34 -25.22 36.16
N ASP A 219 -11.35 -26.08 36.08
CA ASP A 219 -11.15 -27.52 35.89
C ASP A 219 -11.49 -27.92 34.45
N PHE A 220 -10.52 -28.51 33.75
CA PHE A 220 -10.71 -29.05 32.40
C PHE A 220 -10.26 -30.50 32.36
N PRO A 221 -10.93 -31.35 31.56
CA PRO A 221 -10.32 -32.65 31.24
C PRO A 221 -9.10 -32.45 30.34
N GLN A 222 -8.13 -33.38 30.42
CA GLN A 222 -6.89 -33.28 29.65
C GLN A 222 -7.16 -33.14 28.14
N ASP A 223 -8.30 -33.66 27.70
CA ASP A 223 -8.76 -33.49 26.31
C ASP A 223 -8.75 -32.01 25.91
N GLN A 224 -9.57 -31.21 26.60
CA GLN A 224 -9.77 -29.81 26.24
C GLN A 224 -8.56 -28.96 26.62
N LEU A 225 -7.94 -29.31 27.75
CA LEU A 225 -6.77 -28.61 28.25
C LEU A 225 -5.60 -28.66 27.27
N THR A 226 -5.53 -29.71 26.47
CA THR A 226 -4.48 -29.85 25.46
C THR A 226 -4.78 -28.95 24.27
N ALA A 227 -6.03 -28.92 23.84
CA ALA A 227 -6.45 -28.04 22.76
C ALA A 227 -6.31 -26.57 23.15
N LEU A 228 -6.71 -26.25 24.38
CA LEU A 228 -6.63 -24.89 24.89
C LEU A 228 -5.19 -24.40 24.86
N THR A 229 -4.27 -25.29 25.23
CA THR A 229 -2.86 -24.96 25.23
C THR A 229 -2.35 -24.73 23.80
N GLY A 230 -2.74 -25.60 22.88
CA GLY A 230 -2.39 -25.42 21.48
C GLY A 230 -2.98 -24.15 20.87
N ARG A 231 -4.21 -23.84 21.26
CA ARG A 231 -4.90 -22.63 20.80
C ARG A 231 -4.09 -21.40 21.21
N ILE A 232 -3.64 -21.35 22.46
CA ILE A 232 -2.84 -20.22 22.94
C ILE A 232 -1.49 -20.15 22.23
N GLN A 233 -0.86 -21.31 22.05
CA GLN A 233 0.47 -21.38 21.42
C GLN A 233 0.45 -20.91 19.98
N GLU A 234 -0.58 -21.30 19.24
CA GLU A 234 -0.68 -20.98 17.82
C GLU A 234 -1.56 -19.77 17.49
N ALA A 235 -2.04 -19.08 18.51
CA ALA A 235 -2.95 -17.94 18.32
C ALA A 235 -2.41 -16.88 17.34
N GLY A 236 -1.12 -16.59 17.44
CA GLY A 236 -0.44 -15.66 16.54
C GLY A 236 -0.48 -16.11 15.10
N THR A 237 -0.46 -17.42 14.89
CA THR A 237 -0.50 -17.99 13.54
C THR A 237 -1.94 -18.08 13.01
N GLU A 238 -2.88 -18.34 13.90
CA GLU A 238 -4.30 -18.26 13.58
C GLU A 238 -4.60 -16.90 12.94
N VAL A 239 -4.14 -15.82 13.58
CA VAL A 239 -4.40 -14.47 13.11
C VAL A 239 -3.73 -14.17 11.76
N VAL A 240 -2.47 -14.58 11.61
CA VAL A 240 -1.75 -14.42 10.34
C VAL A 240 -2.49 -15.11 9.19
N LYS A 241 -2.98 -16.32 9.43
CA LYS A 241 -3.80 -17.02 8.43
C LYS A 241 -5.06 -16.24 8.08
N ALA A 242 -5.75 -15.72 9.10
CA ALA A 242 -7.00 -15.00 8.89
C ALA A 242 -6.81 -13.68 8.14
N LYS A 243 -5.61 -13.10 8.22
CA LYS A 243 -5.27 -11.88 7.48
C LYS A 243 -4.75 -12.14 6.07
N ALA A 244 -4.54 -13.40 5.72
CA ALA A 244 -4.19 -13.83 4.35
C ALA A 244 -3.14 -12.99 3.66
N GLY A 245 -2.05 -12.68 4.34
CA GLY A 245 -0.97 -11.89 3.74
C GLY A 245 -1.00 -10.42 4.10
N ALA A 246 -2.02 -9.98 4.84
CA ALA A 246 -2.13 -8.56 5.23
C ALA A 246 -1.52 -8.26 6.61
N GLY A 247 -0.53 -9.06 7.02
CA GLY A 247 0.21 -8.85 8.26
C GLY A 247 -0.16 -9.83 9.35
N SER A 248 0.19 -9.46 10.58
CA SER A 248 -0.12 -10.26 11.76
C SER A 248 -0.93 -9.41 12.75
N ALA A 249 -1.20 -9.96 13.93
CA ALA A 249 -1.90 -9.24 15.00
C ALA A 249 -1.35 -7.83 15.16
N THR A 250 -2.22 -6.83 15.07
CA THR A 250 -1.84 -5.44 15.21
C THR A 250 -2.65 -4.75 16.32
N LEU A 251 -3.97 -4.83 16.23
CA LEU A 251 -4.85 -4.13 17.15
C LEU A 251 -4.78 -4.77 18.54
N SER A 252 -4.88 -6.10 18.61
CA SER A 252 -4.71 -6.79 19.91
C SER A 252 -3.33 -6.57 20.51
N MET A 253 -2.31 -6.50 19.66
CA MET A 253 -0.95 -6.29 20.15
C MET A 253 -0.80 -4.88 20.68
N ALA A 254 -1.44 -3.92 20.02
CA ALA A 254 -1.47 -2.55 20.51
C ALA A 254 -2.13 -2.49 21.90
N TYR A 255 -3.17 -3.30 22.12
CA TYR A 255 -3.82 -3.37 23.42
C TYR A 255 -2.86 -3.97 24.47
N ALA A 256 -2.25 -5.09 24.14
CA ALA A 256 -1.34 -5.76 25.07
C ALA A 256 -0.10 -4.92 25.37
N GLY A 257 0.45 -4.27 24.35
CA GLY A 257 1.62 -3.44 24.52
C GLY A 257 1.31 -2.26 25.42
N ALA A 258 0.17 -1.62 25.20
CA ALA A 258 -0.28 -0.52 26.04
C ALA A 258 -0.49 -0.99 27.48
N ARG A 259 -1.12 -2.15 27.64
CA ARG A 259 -1.34 -2.70 28.97
C ARG A 259 -0.02 -2.86 29.73
N PHE A 260 0.98 -3.45 29.07
CA PHE A 260 2.28 -3.64 29.72
C PHE A 260 2.95 -2.32 30.09
N VAL A 261 2.88 -1.34 29.20
CA VAL A 261 3.48 -0.03 29.46
C VAL A 261 2.77 0.65 30.63
N PHE A 262 1.45 0.47 30.69
CA PHE A 262 0.67 1.04 31.78
C PHE A 262 1.03 0.41 33.12
N SER A 263 1.15 -0.90 33.15
CA SER A 263 1.61 -1.59 34.35
C SER A 263 2.95 -1.03 34.81
N LEU A 264 3.90 -0.99 33.87
CA LEU A 264 5.24 -0.49 34.11
C LEU A 264 5.22 0.94 34.66
N VAL A 265 4.48 1.82 34.00
CA VAL A 265 4.41 3.23 34.40
C VAL A 265 3.68 3.41 35.74
N ASP A 266 2.63 2.61 36.00
CA ASP A 266 1.96 2.62 37.31
C ASP A 266 2.92 2.19 38.43
N ALA A 267 3.66 1.12 38.19
CA ALA A 267 4.69 0.65 39.12
C ALA A 267 5.71 1.74 39.42
N MET A 268 6.16 2.44 38.37
CA MET A 268 7.12 3.54 38.52
C MET A 268 6.57 4.74 39.27
N ASN A 269 5.25 4.89 39.31
CA ASN A 269 4.59 5.87 40.20
C ASN A 269 4.38 5.36 41.63
N GLY A 270 4.90 4.17 41.93
CA GLY A 270 4.74 3.60 43.26
C GLY A 270 3.41 2.91 43.52
N LYS A 271 2.72 2.45 42.48
CA LYS A 271 1.61 1.54 42.68
C LYS A 271 2.15 0.19 43.12
N GLU A 272 1.48 -0.43 44.10
CA GLU A 272 1.93 -1.68 44.71
C GLU A 272 1.18 -2.86 44.11
N GLY A 273 1.80 -4.04 44.17
CA GLY A 273 1.16 -5.29 43.74
C GLY A 273 0.96 -5.45 42.24
N VAL A 274 1.72 -4.69 41.44
CA VAL A 274 1.64 -4.77 39.98
C VAL A 274 2.47 -5.93 39.47
N VAL A 275 1.79 -6.93 38.90
CA VAL A 275 2.46 -8.16 38.43
C VAL A 275 2.19 -8.38 36.94
N GLU A 276 3.25 -8.58 36.16
CA GLU A 276 3.15 -8.96 34.74
C GLU A 276 4.18 -10.01 34.42
N CYS A 277 3.80 -10.98 33.59
CA CYS A 277 4.77 -11.87 32.96
C CYS A 277 5.49 -11.16 31.82
N SER A 278 6.81 -11.30 31.76
CA SER A 278 7.60 -10.80 30.63
C SER A 278 8.90 -11.56 30.47
N PHE A 279 9.39 -11.62 29.24
CA PHE A 279 10.62 -12.31 28.89
C PHE A 279 11.83 -11.44 29.27
N VAL A 280 12.58 -11.88 30.28
CA VAL A 280 13.69 -11.09 30.85
C VAL A 280 14.90 -11.94 31.23
N LYS A 281 15.97 -11.27 31.67
CA LYS A 281 17.14 -11.96 32.25
C LYS A 281 16.69 -12.73 33.49
N SER A 282 16.88 -14.05 33.48
CA SER A 282 16.28 -14.92 34.50
C SER A 282 17.28 -15.88 35.15
N GLN A 283 17.08 -16.12 36.44
CA GLN A 283 17.80 -17.16 37.19
C GLN A 283 16.96 -18.42 37.38
N GLU A 284 15.67 -18.33 37.03
CA GLU A 284 14.68 -19.36 37.36
C GLU A 284 14.94 -20.70 36.68
N THR A 285 15.74 -20.71 35.62
CA THR A 285 16.10 -21.95 34.92
C THR A 285 17.52 -21.90 34.37
N GLU A 286 17.91 -23.02 33.80
CA GLU A 286 19.13 -23.13 32.98
C GLU A 286 19.18 -22.11 31.83
N CYS A 287 18.02 -21.61 31.40
CA CYS A 287 17.97 -20.54 30.40
C CYS A 287 18.26 -19.18 31.03
N THR A 288 19.11 -18.40 30.37
CA THR A 288 19.51 -17.09 30.89
C THR A 288 18.46 -16.02 30.63
N TYR A 289 17.52 -16.34 29.74
CA TYR A 289 16.35 -15.51 29.51
C TYR A 289 15.11 -16.40 29.56
N PHE A 290 14.08 -15.92 30.26
CA PHE A 290 12.89 -16.70 30.51
C PHE A 290 11.79 -15.74 30.93
N SER A 291 10.54 -16.07 30.59
CA SER A 291 9.41 -15.28 31.05
C SER A 291 8.75 -15.91 32.26
N THR A 292 8.62 -15.13 33.32
CA THR A 292 7.83 -15.51 34.48
C THR A 292 7.05 -14.29 34.94
N PRO A 293 6.03 -14.49 35.81
CA PRO A 293 5.39 -13.36 36.46
C PRO A 293 6.41 -12.53 37.22
N LEU A 294 6.27 -11.21 37.18
CA LEU A 294 7.25 -10.30 37.77
C LEU A 294 6.56 -9.25 38.59
N LEU A 295 7.08 -8.97 39.77
CA LEU A 295 6.60 -7.85 40.54
C LEU A 295 7.35 -6.64 40.01
N LEU A 296 6.60 -5.67 39.49
CA LEU A 296 7.21 -4.46 38.97
C LEU A 296 7.18 -3.40 40.06
N GLY A 297 8.15 -2.50 40.03
CA GLY A 297 8.21 -1.39 40.97
C GLY A 297 9.03 -0.25 40.41
N LYS A 298 9.52 0.61 41.30
CA LYS A 298 10.28 1.79 40.87
C LYS A 298 11.63 1.43 40.23
N LYS A 299 12.16 0.23 40.55
CA LYS A 299 13.41 -0.26 39.96
C LYS A 299 13.24 -0.80 38.55
N GLY A 300 12.00 -1.00 38.12
CA GLY A 300 11.68 -1.85 36.96
C GLY A 300 11.24 -3.19 37.53
N ILE A 301 11.99 -4.25 37.23
CA ILE A 301 11.77 -5.51 37.93
C ILE A 301 12.08 -5.32 39.42
N GLU A 302 11.07 -5.43 40.25
CA GLU A 302 11.24 -5.41 41.70
C GLU A 302 11.65 -6.81 42.17
N LYS A 303 10.83 -7.81 41.84
CA LYS A 303 11.16 -9.20 42.16
C LYS A 303 10.63 -10.17 41.11
N ASN A 304 11.42 -11.18 40.80
CA ASN A 304 10.99 -12.26 39.93
C ASN A 304 10.30 -13.34 40.74
N LEU A 305 9.04 -13.64 40.41
CA LEU A 305 8.24 -14.55 41.20
C LEU A 305 8.40 -16.02 40.82
N GLY A 306 9.18 -16.29 39.78
CA GLY A 306 9.47 -17.68 39.38
C GLY A 306 8.29 -18.47 38.81
N ILE A 307 8.58 -19.72 38.44
CA ILE A 307 7.59 -20.65 37.88
C ILE A 307 6.50 -21.03 38.89
N GLY A 308 6.89 -21.17 40.15
CA GLY A 308 5.96 -21.61 41.20
C GLY A 308 5.53 -23.06 41.05
N LYS A 309 4.41 -23.40 41.66
CA LYS A 309 3.89 -24.77 41.64
C LYS A 309 3.18 -25.06 40.32
N VAL A 310 3.47 -26.22 39.73
CA VAL A 310 2.93 -26.56 38.41
C VAL A 310 2.47 -28.01 38.37
N SER A 311 1.69 -28.34 37.34
CA SER A 311 1.21 -29.71 37.11
C SER A 311 2.24 -30.48 36.29
N SER A 312 2.12 -31.81 36.28
CA SER A 312 3.04 -32.67 35.55
C SER A 312 3.08 -32.31 34.06
N PHE A 313 1.89 -32.15 33.49
CA PHE A 313 1.71 -31.73 32.09
C PHE A 313 2.49 -30.44 31.78
N GLU A 314 2.50 -29.50 32.71
CA GLU A 314 3.18 -28.20 32.55
C GLU A 314 4.68 -28.33 32.76
N GLU A 315 5.08 -29.11 33.76
CA GLU A 315 6.48 -29.47 33.99
C GLU A 315 7.06 -30.05 32.70
N LYS A 316 6.36 -31.01 32.11
CA LYS A 316 6.74 -31.63 30.85
C LYS A 316 7.01 -30.59 29.76
N MET A 317 6.05 -29.69 29.55
CA MET A 317 6.17 -28.66 28.51
C MET A 317 7.37 -27.76 28.71
N ILE A 318 7.68 -27.45 29.97
CA ILE A 318 8.86 -26.63 30.31
C ILE A 318 10.15 -27.32 29.89
N SER A 319 10.27 -28.60 30.20
CA SER A 319 11.45 -29.39 29.82
C SER A 319 11.67 -29.38 28.31
N ASP A 320 10.59 -29.60 27.55
CA ASP A 320 10.66 -29.64 26.09
C ASP A 320 11.06 -28.30 25.48
N ALA A 321 10.66 -27.20 26.13
CA ALA A 321 10.86 -25.86 25.58
C ALA A 321 12.30 -25.34 25.70
N ILE A 322 13.02 -25.79 26.72
CA ILE A 322 14.34 -25.23 27.04
C ILE A 322 15.37 -25.40 25.91
N PRO A 323 15.45 -26.60 25.31
CA PRO A 323 16.34 -26.75 24.16
C PRO A 323 16.17 -25.63 23.13
N GLU A 324 14.94 -25.45 22.64
CA GLU A 324 14.64 -24.42 21.64
C GLU A 324 14.95 -23.01 22.15
N LEU A 325 14.62 -22.74 23.41
CA LEU A 325 14.91 -21.44 24.03
C LEU A 325 16.41 -21.12 24.03
N LYS A 326 17.23 -22.09 24.41
CA LYS A 326 18.68 -21.87 24.45
C LYS A 326 19.24 -21.55 23.07
N ALA A 327 18.79 -22.27 22.05
CA ALA A 327 19.20 -22.01 20.67
C ALA A 327 18.92 -20.55 20.26
N SER A 328 17.73 -20.07 20.60
CA SER A 328 17.29 -18.71 20.25
C SER A 328 18.05 -17.63 20.99
N ILE A 329 18.37 -17.87 22.25
CA ILE A 329 19.18 -16.93 23.04
C ILE A 329 20.59 -16.84 22.46
N LYS A 330 21.18 -17.99 22.16
CA LYS A 330 22.54 -18.01 21.63
C LYS A 330 22.58 -17.26 20.30
N LYS A 331 21.65 -17.62 19.42
CA LYS A 331 21.52 -17.00 18.10
C LYS A 331 21.53 -15.48 18.18
N GLY A 332 20.89 -14.92 19.21
CA GLY A 332 20.88 -13.47 19.45
C GLY A 332 22.21 -12.91 19.92
N GLU A 333 22.84 -13.59 20.88
CA GLU A 333 24.18 -13.21 21.37
C GLU A 333 25.23 -13.32 20.25
N ASP A 334 25.13 -14.39 19.46
CA ASP A 334 26.03 -14.59 18.31
C ASP A 334 25.94 -13.41 17.34
N PHE A 335 24.72 -12.97 17.05
CA PHE A 335 24.49 -11.86 16.11
C PHE A 335 25.18 -10.56 16.57
N VAL A 336 25.15 -10.27 17.88
CA VAL A 336 25.77 -9.04 18.40
C VAL A 336 27.29 -9.06 18.29
N LYS A 337 27.87 -10.25 18.36
CA LYS A 337 29.32 -10.43 18.16
C LYS A 337 29.78 -9.97 16.77
N THR A 338 28.92 -10.13 15.78
CA THR A 338 29.31 -9.87 14.38
C THR A 338 29.12 -8.42 13.93
N LEU A 339 28.86 -7.50 14.85
CA LEU A 339 28.69 -6.09 14.49
C LEU A 339 30.03 -5.34 14.43
N ASN B 26 -24.12 -3.19 27.45
CA ASN B 26 -25.21 -3.84 26.64
C ASN B 26 -25.38 -3.31 25.20
N ALA B 27 -24.66 -2.24 24.83
CA ALA B 27 -24.77 -1.69 23.48
C ALA B 27 -24.20 -2.60 22.40
N LYS B 28 -24.92 -2.70 21.28
CA LYS B 28 -24.51 -3.50 20.14
C LYS B 28 -24.20 -2.55 19.00
N VAL B 29 -22.92 -2.46 18.64
CA VAL B 29 -22.45 -1.47 17.70
C VAL B 29 -21.92 -2.13 16.43
N ALA B 30 -22.29 -1.57 15.28
CA ALA B 30 -21.73 -1.98 14.01
C ALA B 30 -20.81 -0.91 13.44
N VAL B 31 -19.72 -1.34 12.79
CA VAL B 31 -18.79 -0.47 12.08
C VAL B 31 -18.76 -0.89 10.60
N LEU B 32 -19.15 0.01 9.70
CA LEU B 32 -19.14 -0.22 8.25
C LEU B 32 -17.98 0.52 7.62
N GLY B 33 -17.04 -0.23 7.07
CA GLY B 33 -15.71 0.28 6.70
C GLY B 33 -14.68 -0.01 7.78
N ALA B 34 -14.79 -1.19 8.39
CA ALA B 34 -14.00 -1.52 9.58
C ALA B 34 -12.52 -1.82 9.30
N SER B 35 -12.19 -2.12 8.04
CA SER B 35 -10.82 -2.50 7.67
C SER B 35 -9.94 -1.31 7.30
N GLY B 36 -10.54 -0.12 7.20
CA GLY B 36 -9.81 1.08 6.81
C GLY B 36 -8.99 1.71 7.92
N GLY B 37 -8.35 2.82 7.59
CA GLY B 37 -7.52 3.55 8.53
C GLY B 37 -8.27 4.03 9.74
N ILE B 38 -9.49 4.53 9.54
CA ILE B 38 -10.33 4.98 10.63
C ILE B 38 -10.95 3.79 11.32
N GLY B 39 -11.52 2.88 10.53
CA GLY B 39 -12.29 1.77 11.06
C GLY B 39 -11.58 0.78 11.96
N GLN B 40 -10.29 0.56 11.73
CA GLN B 40 -9.55 -0.42 12.53
C GLN B 40 -9.35 0.08 13.96
N PRO B 41 -8.71 1.25 14.11
CA PRO B 41 -8.56 1.78 15.46
C PRO B 41 -9.88 2.16 16.12
N LEU B 42 -10.87 2.57 15.33
CA LEU B 42 -12.20 2.83 15.88
C LEU B 42 -12.72 1.54 16.49
N SER B 43 -12.61 0.44 15.75
CA SER B 43 -13.06 -0.84 16.25
C SER B 43 -12.32 -1.27 17.52
N LEU B 44 -11.04 -0.91 17.62
CA LEU B 44 -10.22 -1.21 18.80
C LEU B 44 -10.73 -0.44 20.02
N LEU B 45 -10.97 0.85 19.85
CA LEU B 45 -11.49 1.65 20.95
C LEU B 45 -12.85 1.12 21.42
N LEU B 46 -13.68 0.67 20.48
CA LEU B 46 -14.99 0.17 20.81
C LEU B 46 -14.85 -1.13 21.57
N LYS B 47 -14.05 -2.04 21.02
CA LYS B 47 -13.76 -3.33 21.65
C LYS B 47 -13.24 -3.18 23.09
N ASN B 48 -12.45 -2.15 23.35
CA ASN B 48 -11.90 -1.92 24.69
C ASN B 48 -12.94 -1.45 25.69
N SER B 49 -14.03 -0.86 25.19
CA SER B 49 -15.01 -0.21 26.06
C SER B 49 -15.97 -1.20 26.69
N PRO B 50 -16.21 -1.07 28.02
CA PRO B 50 -17.21 -1.90 28.68
C PRO B 50 -18.66 -1.53 28.32
N LEU B 51 -18.86 -0.45 27.58
CA LEU B 51 -20.19 -0.07 27.09
C LEU B 51 -20.65 -0.94 25.93
N VAL B 52 -19.71 -1.52 25.20
CA VAL B 52 -20.05 -2.33 24.04
C VAL B 52 -20.08 -3.82 24.40
N SER B 53 -21.23 -4.47 24.16
CA SER B 53 -21.37 -5.91 24.38
C SER B 53 -21.25 -6.72 23.09
N ARG B 54 -21.46 -6.08 21.94
CA ARG B 54 -21.31 -6.75 20.66
C ARG B 54 -20.78 -5.80 19.62
N LEU B 55 -19.74 -6.22 18.90
CA LEU B 55 -19.10 -5.40 17.89
C LEU B 55 -19.07 -6.14 16.56
N THR B 56 -19.94 -5.72 15.64
CA THR B 56 -20.03 -6.34 14.31
C THR B 56 -19.31 -5.47 13.28
N LEU B 57 -18.38 -6.07 12.54
CA LEU B 57 -17.51 -5.33 11.62
C LEU B 57 -17.80 -5.70 10.18
N TYR B 58 -17.84 -4.69 9.32
CA TYR B 58 -18.13 -4.91 7.92
C TYR B 58 -17.19 -4.16 7.03
N ASP B 59 -16.80 -4.79 5.92
CA ASP B 59 -16.02 -4.15 4.88
C ASP B 59 -16.12 -4.99 3.60
N ILE B 60 -15.59 -4.48 2.50
CA ILE B 60 -15.57 -5.25 1.26
C ILE B 60 -14.30 -6.09 1.15
N ALA B 61 -13.38 -5.89 2.08
CA ALA B 61 -12.12 -6.63 2.12
C ALA B 61 -11.55 -6.71 3.54
N HIS B 62 -10.77 -7.76 3.80
CA HIS B 62 -9.91 -7.90 4.99
C HIS B 62 -10.63 -8.05 6.32
N THR B 63 -11.95 -8.01 6.34
CA THR B 63 -12.67 -7.90 7.61
C THR B 63 -12.37 -9.08 8.56
N PRO B 64 -12.39 -10.33 8.05
CA PRO B 64 -12.27 -11.48 8.97
C PRO B 64 -10.94 -11.51 9.76
N GLY B 65 -9.88 -10.96 9.17
CA GLY B 65 -8.60 -10.82 9.85
C GLY B 65 -8.65 -9.77 10.96
N VAL B 66 -9.33 -8.67 10.68
CA VAL B 66 -9.50 -7.61 11.68
C VAL B 66 -10.31 -8.13 12.87
N ALA B 67 -11.36 -8.92 12.60
CA ALA B 67 -12.19 -9.50 13.66
C ALA B 67 -11.44 -10.55 14.47
N ALA B 68 -10.62 -11.35 13.79
CA ALA B 68 -9.84 -12.39 14.45
C ALA B 68 -8.88 -11.77 15.47
N ASP B 69 -8.19 -10.74 15.00
CA ASP B 69 -7.24 -9.96 15.78
C ASP B 69 -7.92 -9.39 17.02
N LEU B 70 -9.00 -8.64 16.81
CA LEU B 70 -9.76 -8.01 17.89
C LEU B 70 -10.41 -9.01 18.82
N SER B 71 -10.82 -10.18 18.31
CA SER B 71 -11.49 -11.21 19.14
C SER B 71 -10.63 -11.71 20.30
N HIS B 72 -9.31 -11.50 20.23
CA HIS B 72 -8.39 -11.94 21.29
C HIS B 72 -8.23 -10.97 22.47
N ILE B 73 -8.80 -9.77 22.36
CA ILE B 73 -8.70 -8.80 23.44
C ILE B 73 -9.62 -9.20 24.60
N GLU B 74 -9.09 -9.06 25.81
CA GLU B 74 -9.68 -9.62 27.04
C GLU B 74 -10.80 -8.77 27.62
N THR B 75 -11.70 -8.31 26.77
CA THR B 75 -12.89 -7.56 27.17
C THR B 75 -14.13 -8.33 26.73
N LYS B 76 -15.29 -7.97 27.27
CA LYS B 76 -16.50 -8.79 27.11
C LYS B 76 -17.13 -8.77 25.72
N ALA B 77 -16.89 -7.74 24.92
CA ALA B 77 -17.59 -7.58 23.66
C ALA B 77 -17.29 -8.72 22.69
N ALA B 78 -18.34 -9.37 22.18
CA ALA B 78 -18.15 -10.39 21.15
C ALA B 78 -17.91 -9.72 19.83
N VAL B 79 -16.80 -10.06 19.17
CA VAL B 79 -16.43 -9.49 17.89
C VAL B 79 -16.80 -10.45 16.77
N LYS B 80 -17.40 -9.91 15.70
CA LYS B 80 -17.78 -10.70 14.54
C LYS B 80 -17.47 -9.90 13.28
N GLY B 81 -16.82 -10.54 12.32
CA GLY B 81 -16.51 -9.92 11.04
C GLY B 81 -17.41 -10.39 9.90
N TYR B 82 -17.73 -9.48 8.99
CA TYR B 82 -18.58 -9.76 7.85
C TYR B 82 -17.97 -9.15 6.61
N LEU B 83 -18.05 -9.88 5.51
CA LEU B 83 -17.37 -9.51 4.29
C LEU B 83 -18.31 -9.63 3.10
N GLY B 84 -18.45 -8.54 2.35
CA GLY B 84 -19.23 -8.52 1.12
C GLY B 84 -20.73 -8.34 1.31
N PRO B 85 -21.44 -7.87 0.28
CA PRO B 85 -22.87 -7.57 0.36
C PRO B 85 -23.75 -8.65 0.99
N GLU B 86 -23.52 -9.93 0.66
CA GLU B 86 -24.31 -11.01 1.24
C GLU B 86 -24.32 -10.99 2.77
N GLN B 87 -23.22 -10.54 3.37
CA GLN B 87 -23.06 -10.63 4.83
C GLN B 87 -23.44 -9.34 5.58
N LEU B 88 -23.72 -8.28 4.82
CA LEU B 88 -24.04 -6.98 5.41
C LEU B 88 -25.30 -7.00 6.29
N PRO B 89 -26.37 -7.66 5.83
CA PRO B 89 -27.58 -7.69 6.67
C PRO B 89 -27.37 -8.36 8.02
N ASP B 90 -26.48 -9.35 8.06
CA ASP B 90 -26.18 -10.05 9.31
C ASP B 90 -25.33 -9.20 10.25
N CYS B 91 -24.48 -8.34 9.69
CA CYS B 91 -23.72 -7.36 10.48
C CYS B 91 -24.63 -6.33 11.17
N LEU B 92 -25.71 -5.95 10.49
CA LEU B 92 -26.59 -4.85 10.94
C LEU B 92 -27.73 -5.28 11.84
N LYS B 93 -28.15 -6.54 11.72
CA LYS B 93 -29.28 -7.05 12.51
C LYS B 93 -29.09 -6.86 14.01
N GLY B 94 -30.08 -6.25 14.66
CA GLY B 94 -30.11 -6.09 16.11
C GLY B 94 -29.19 -5.00 16.67
N CYS B 95 -28.67 -4.14 15.81
CA CYS B 95 -27.70 -3.12 16.22
C CYS B 95 -28.39 -1.89 16.82
N ASP B 96 -27.78 -1.35 17.88
CA ASP B 96 -28.23 -0.09 18.49
C ASP B 96 -27.58 1.13 17.83
N VAL B 97 -26.32 1.00 17.42
CA VAL B 97 -25.55 2.07 16.81
C VAL B 97 -24.80 1.55 15.60
N VAL B 98 -24.79 2.33 14.53
CA VAL B 98 -23.99 2.03 13.35
C VAL B 98 -23.06 3.20 13.05
N VAL B 99 -21.77 2.93 13.01
CA VAL B 99 -20.78 3.96 12.65
C VAL B 99 -20.30 3.68 11.24
N ILE B 100 -20.25 4.71 10.42
CA ILE B 100 -19.89 4.55 9.01
C ILE B 100 -18.70 5.43 8.67
N PRO B 101 -17.48 4.91 8.91
CA PRO B 101 -16.26 5.55 8.43
C PRO B 101 -15.86 5.14 7.02
N ALA B 102 -16.61 4.25 6.37
CA ALA B 102 -16.28 3.82 5.01
C ALA B 102 -16.21 5.02 4.07
N GLY B 103 -15.27 4.99 3.12
CA GLY B 103 -15.15 6.05 2.15
C GLY B 103 -13.71 6.33 1.77
N VAL B 104 -13.51 7.08 0.71
CA VAL B 104 -12.18 7.36 0.21
C VAL B 104 -11.62 8.58 0.91
N PRO B 105 -10.37 8.49 1.39
CA PRO B 105 -9.80 9.66 2.02
C PRO B 105 -9.23 10.65 1.00
N ARG B 106 -9.01 11.88 1.46
CA ARG B 106 -8.39 12.93 0.68
C ARG B 106 -6.90 12.73 0.45
N LYS B 107 -6.43 13.24 -0.69
CA LYS B 107 -5.02 13.45 -0.96
C LYS B 107 -4.75 14.95 -0.83
N PRO B 108 -3.48 15.35 -0.66
CA PRO B 108 -3.14 16.78 -0.66
C PRO B 108 -3.66 17.52 -1.90
N GLY B 109 -4.16 18.74 -1.70
CA GLY B 109 -4.75 19.52 -2.77
C GLY B 109 -6.26 19.37 -2.89
N MET B 110 -6.78 18.18 -2.59
CA MET B 110 -8.22 17.93 -2.68
C MET B 110 -9.00 18.65 -1.59
N THR B 111 -10.22 19.06 -1.92
CA THR B 111 -11.23 19.47 -0.93
C THR B 111 -12.02 18.22 -0.55
N ARG B 112 -12.82 18.31 0.51
CA ARG B 112 -13.70 17.20 0.88
C ARG B 112 -14.76 16.97 -0.18
N ASP B 113 -15.14 18.04 -0.87
CA ASP B 113 -16.16 17.97 -1.91
C ASP B 113 -15.70 17.12 -3.11
N ASP B 114 -14.40 17.08 -3.36
CA ASP B 114 -13.82 16.29 -4.46
C ASP B 114 -14.04 14.79 -4.30
N LEU B 115 -14.35 14.36 -3.07
CA LEU B 115 -14.64 12.95 -2.78
C LEU B 115 -16.11 12.62 -2.98
N PHE B 116 -16.91 13.61 -3.35
CA PHE B 116 -18.36 13.45 -3.31
C PHE B 116 -18.84 12.31 -4.17
N ASN B 117 -18.50 12.34 -5.46
CA ASN B 117 -19.02 11.35 -6.39
C ASN B 117 -18.63 9.92 -5.99
N THR B 118 -17.42 9.76 -5.42
CA THR B 118 -16.99 8.45 -4.93
C THR B 118 -17.83 8.01 -3.75
N ASN B 119 -17.88 8.87 -2.73
CA ASN B 119 -18.46 8.50 -1.45
C ASN B 119 -19.99 8.51 -1.39
N ALA B 120 -20.63 9.29 -2.27
CA ALA B 120 -22.08 9.34 -2.34
C ALA B 120 -22.68 7.96 -2.58
N THR B 121 -22.09 7.21 -3.50
CA THR B 121 -22.58 5.86 -3.82
C THR B 121 -22.32 4.88 -2.66
N ILE B 122 -21.16 5.00 -2.04
CA ILE B 122 -20.82 4.17 -0.87
C ILE B 122 -21.83 4.43 0.24
N VAL B 123 -21.99 5.69 0.61
CA VAL B 123 -22.91 6.07 1.69
C VAL B 123 -24.39 5.73 1.37
N ALA B 124 -24.82 5.95 0.13
CA ALA B 124 -26.20 5.60 -0.26
C ALA B 124 -26.46 4.11 -0.07
N THR B 125 -25.53 3.30 -0.54
CA THR B 125 -25.61 1.83 -0.45
C THR B 125 -25.64 1.31 0.99
N LEU B 126 -24.73 1.80 1.83
CA LEU B 126 -24.64 1.35 3.21
C LEU B 126 -25.79 1.85 4.08
N THR B 127 -26.24 3.08 3.83
CA THR B 127 -27.40 3.62 4.56
C THR B 127 -28.70 2.97 4.13
N ALA B 128 -28.80 2.61 2.84
CA ALA B 128 -29.95 1.83 2.38
C ALA B 128 -30.05 0.51 3.14
N ALA B 129 -28.90 -0.10 3.41
CA ALA B 129 -28.85 -1.34 4.18
C ALA B 129 -29.25 -1.13 5.63
N CYS B 130 -28.82 -0.01 6.23
CA CYS B 130 -29.21 0.32 7.60
C CYS B 130 -30.73 0.55 7.66
N ALA B 131 -31.24 1.37 6.75
CA ALA B 131 -32.68 1.65 6.67
C ALA B 131 -33.48 0.36 6.58
N GLN B 132 -32.97 -0.60 5.82
CA GLN B 132 -33.59 -1.90 5.67
C GLN B 132 -33.46 -2.79 6.90
N HIS B 133 -32.29 -2.83 7.52
CA HIS B 133 -32.01 -3.88 8.52
C HIS B 133 -31.87 -3.43 9.98
N CYS B 134 -31.61 -2.15 10.23
CA CYS B 134 -31.61 -1.64 11.60
C CYS B 134 -32.13 -0.20 11.61
N PRO B 135 -33.39 -0.01 11.18
CA PRO B 135 -34.01 1.31 11.04
C PRO B 135 -34.09 2.12 12.32
N GLU B 136 -34.11 1.47 13.46
CA GLU B 136 -34.21 2.11 14.76
C GLU B 136 -32.85 2.43 15.40
N ALA B 137 -31.75 2.10 14.72
CA ALA B 137 -30.41 2.38 15.27
C ALA B 137 -30.02 3.83 15.07
N MET B 138 -29.07 4.29 15.89
CA MET B 138 -28.44 5.57 15.70
C MET B 138 -27.43 5.39 14.56
N ILE B 139 -27.50 6.25 13.54
CA ILE B 139 -26.62 6.16 12.38
C ILE B 139 -25.63 7.33 12.41
N CYS B 140 -24.34 7.01 12.52
CA CYS B 140 -23.31 8.01 12.71
C CYS B 140 -22.40 8.05 11.50
N VAL B 141 -22.54 9.08 10.68
CA VAL B 141 -21.83 9.14 9.42
C VAL B 141 -20.52 9.93 9.58
N ILE B 142 -19.42 9.25 9.33
CA ILE B 142 -18.10 9.86 9.33
C ILE B 142 -17.70 10.21 7.89
N ALA B 143 -18.08 9.36 6.94
CA ALA B 143 -17.75 9.50 5.52
C ALA B 143 -17.92 10.91 4.98
N ASN B 144 -16.87 11.44 4.36
CA ASN B 144 -16.91 12.78 3.78
C ASN B 144 -17.50 12.83 2.37
N PRO B 145 -17.98 14.00 1.94
CA PRO B 145 -18.17 15.21 2.76
C PRO B 145 -19.46 15.16 3.57
N VAL B 146 -19.34 15.28 4.88
CA VAL B 146 -20.49 15.21 5.82
C VAL B 146 -21.59 16.21 5.47
N ASN B 147 -21.22 17.40 5.01
CA ASN B 147 -22.18 18.43 4.65
C ASN B 147 -23.15 17.97 3.58
N SER B 148 -22.70 17.03 2.75
CA SER B 148 -23.54 16.41 1.71
C SER B 148 -23.97 14.97 2.03
N THR B 149 -23.12 14.17 2.67
CA THR B 149 -23.47 12.74 2.87
C THR B 149 -24.58 12.53 3.89
N ILE B 150 -24.70 13.44 4.84
CA ILE B 150 -25.83 13.38 5.78
C ILE B 150 -27.15 13.59 5.04
N PRO B 151 -27.26 14.66 4.23
CA PRO B 151 -28.49 14.82 3.43
C PRO B 151 -28.82 13.60 2.58
N ILE B 152 -27.80 12.95 2.02
CA ILE B 152 -27.99 11.69 1.30
C ILE B 152 -28.59 10.62 2.21
N THR B 153 -28.02 10.48 3.40
CA THR B 153 -28.47 9.46 4.35
C THR B 153 -29.94 9.63 4.69
N ALA B 154 -30.35 10.88 4.88
CA ALA B 154 -31.70 11.19 5.29
C ALA B 154 -32.68 10.89 4.16
N GLU B 155 -32.31 11.27 2.94
CA GLU B 155 -33.15 11.01 1.76
C GLU B 155 -33.28 9.50 1.49
N VAL B 156 -32.22 8.74 1.76
CA VAL B 156 -32.31 7.29 1.64
C VAL B 156 -33.31 6.72 2.65
N PHE B 157 -33.20 7.16 3.90
CA PHE B 157 -34.16 6.72 4.92
C PHE B 157 -35.61 7.15 4.60
N LYS B 158 -35.76 8.27 3.89
CA LYS B 158 -37.09 8.73 3.48
C LYS B 158 -37.69 7.84 2.41
N LYS B 159 -36.89 7.45 1.42
CA LYS B 159 -37.34 6.52 0.39
C LYS B 159 -37.69 5.14 0.93
N HIS B 160 -37.18 4.82 2.12
CA HIS B 160 -37.52 3.55 2.78
C HIS B 160 -38.62 3.71 3.83
N GLY B 161 -39.11 4.94 4.02
CA GLY B 161 -40.20 5.20 4.96
C GLY B 161 -39.87 5.04 6.43
N VAL B 162 -38.62 5.25 6.82
CA VAL B 162 -38.21 5.07 8.23
C VAL B 162 -37.29 6.17 8.75
N TYR B 163 -37.45 7.36 8.20
CA TYR B 163 -36.62 8.51 8.57
C TYR B 163 -37.00 9.05 9.94
N ASN B 164 -36.07 8.92 10.88
CA ASN B 164 -36.18 9.56 12.17
C ASN B 164 -35.01 10.53 12.32
N PRO B 165 -35.28 11.84 12.20
CA PRO B 165 -34.18 12.83 12.23
C PRO B 165 -33.45 12.97 13.56
N ASN B 166 -34.00 12.37 14.63
CA ASN B 166 -33.34 12.36 15.94
C ASN B 166 -32.32 11.25 16.12
N LYS B 167 -32.12 10.43 15.08
CA LYS B 167 -31.20 9.29 15.12
C LYS B 167 -30.13 9.31 14.05
N ILE B 168 -30.01 10.41 13.30
CA ILE B 168 -29.06 10.47 12.20
C ILE B 168 -28.10 11.63 12.43
N PHE B 169 -26.82 11.28 12.55
CA PHE B 169 -25.79 12.16 13.03
C PHE B 169 -24.61 12.20 12.08
N GLY B 170 -24.30 13.39 11.60
CA GLY B 170 -23.05 13.65 10.91
C GLY B 170 -22.01 13.92 11.97
N VAL B 171 -20.99 13.08 12.05
CA VAL B 171 -20.05 13.15 13.16
C VAL B 171 -19.06 14.30 12.93
N THR B 172 -19.23 15.37 13.71
CA THR B 172 -18.37 16.54 13.64
C THR B 172 -17.42 16.60 14.84
N THR B 173 -17.46 15.55 15.67
CA THR B 173 -16.79 15.55 16.96
C THR B 173 -15.30 15.89 16.95
N LEU B 174 -14.61 15.59 15.85
CA LEU B 174 -13.17 15.87 15.76
C LEU B 174 -12.88 17.37 15.71
N ASP B 175 -13.74 18.15 15.06
CA ASP B 175 -13.65 19.60 15.11
C ASP B 175 -13.72 20.15 16.56
N ILE B 176 -14.54 19.53 17.40
CA ILE B 176 -14.62 19.92 18.81
C ILE B 176 -13.39 19.46 19.58
N VAL B 177 -12.95 18.23 19.30
CA VAL B 177 -11.74 17.70 19.93
C VAL B 177 -10.52 18.58 19.60
N ARG B 178 -10.40 19.00 18.34
CA ARG B 178 -9.32 19.89 17.91
C ARG B 178 -9.39 21.24 18.62
N ALA B 179 -10.56 21.85 18.61
CA ALA B 179 -10.77 23.13 19.28
C ALA B 179 -10.35 23.08 20.75
N ASN B 180 -10.79 22.04 21.45
CA ASN B 180 -10.42 21.86 22.86
C ASN B 180 -8.90 21.77 23.03
N THR B 181 -8.25 21.00 22.16
CA THR B 181 -6.81 20.83 22.22
C THR B 181 -6.07 22.15 21.99
N PHE B 182 -6.46 22.89 20.95
CA PHE B 182 -5.76 24.11 20.58
C PHE B 182 -5.94 25.21 21.61
N VAL B 183 -7.17 25.35 22.11
CA VAL B 183 -7.43 26.33 23.15
C VAL B 183 -6.58 26.04 24.37
N ALA B 184 -6.59 24.79 24.81
CA ALA B 184 -5.80 24.37 25.97
C ALA B 184 -4.30 24.58 25.75
N GLU B 185 -3.81 24.27 24.55
CA GLU B 185 -2.40 24.49 24.24
C GLU B 185 -2.03 25.96 24.35
N LEU B 186 -2.92 26.86 23.91
CA LEU B 186 -2.65 28.29 23.96
C LEU B 186 -2.70 28.88 25.37
N LYS B 187 -3.68 28.48 26.17
CA LYS B 187 -3.87 29.02 27.52
C LYS B 187 -3.20 28.19 28.62
N GLY B 188 -2.56 27.09 28.26
CA GLY B 188 -1.90 26.22 29.23
C GLY B 188 -2.89 25.54 30.14
N LEU B 189 -3.99 25.06 29.58
CA LEU B 189 -5.03 24.37 30.36
C LEU B 189 -4.93 22.87 30.16
N ASP B 190 -5.68 22.12 30.95
CA ASP B 190 -5.84 20.69 30.72
C ASP B 190 -6.97 20.51 29.71
N PRO B 191 -6.70 19.85 28.58
CA PRO B 191 -7.74 19.75 27.54
C PRO B 191 -8.96 18.95 27.98
N ALA B 192 -8.78 18.01 28.90
CA ALA B 192 -9.91 17.28 29.49
C ALA B 192 -10.94 18.22 30.11
N ARG B 193 -10.48 19.40 30.55
CA ARG B 193 -11.34 20.38 31.21
C ARG B 193 -11.84 21.49 30.26
N VAL B 194 -11.50 21.41 28.97
CA VAL B 194 -11.87 22.45 28.04
C VAL B 194 -12.98 21.95 27.12
N ASN B 195 -13.96 22.82 26.88
CA ASN B 195 -15.11 22.47 26.08
C ASN B 195 -15.55 23.59 25.15
N VAL B 196 -15.25 23.42 23.86
CA VAL B 196 -15.54 24.42 22.85
C VAL B 196 -16.67 23.95 21.97
N PRO B 197 -17.86 24.59 22.06
CA PRO B 197 -18.88 24.29 21.09
C PRO B 197 -18.45 24.73 19.69
N VAL B 198 -18.72 23.88 18.70
CA VAL B 198 -18.39 24.17 17.32
C VAL B 198 -19.63 23.89 16.52
N ILE B 199 -20.00 24.83 15.65
CA ILE B 199 -21.26 24.76 14.94
C ILE B 199 -21.08 24.87 13.42
N GLY B 200 -22.18 24.72 12.69
CA GLY B 200 -22.20 24.89 11.25
C GLY B 200 -22.11 23.57 10.51
N GLY B 201 -21.00 23.38 9.81
CA GLY B 201 -20.77 22.16 9.05
C GLY B 201 -19.36 21.66 9.26
N HIS B 202 -18.95 20.70 8.44
CA HIS B 202 -17.64 20.06 8.58
C HIS B 202 -16.79 20.22 7.32
N ALA B 203 -16.56 21.47 6.92
CA ALA B 203 -15.71 21.79 5.78
C ALA B 203 -15.31 23.28 5.81
N GLY B 204 -14.01 23.52 5.84
CA GLY B 204 -13.45 24.87 5.79
C GLY B 204 -14.21 25.90 6.61
N LYS B 205 -14.68 26.94 5.93
CA LYS B 205 -15.34 28.04 6.61
C LYS B 205 -16.72 27.71 7.18
N THR B 206 -17.25 26.52 6.90
CA THR B 206 -18.49 26.06 7.55
C THR B 206 -18.24 25.60 8.99
N ILE B 207 -16.98 25.36 9.34
CA ILE B 207 -16.60 25.03 10.70
C ILE B 207 -16.52 26.32 11.50
N ILE B 208 -17.42 26.48 12.47
CA ILE B 208 -17.52 27.71 13.24
C ILE B 208 -17.33 27.41 14.73
N PRO B 209 -16.10 27.55 15.24
CA PRO B 209 -15.86 27.34 16.67
C PRO B 209 -16.31 28.53 17.50
N LEU B 210 -17.29 28.31 18.36
CA LEU B 210 -17.81 29.37 19.23
C LEU B 210 -16.94 29.52 20.47
N ILE B 211 -15.76 30.11 20.27
CA ILE B 211 -14.82 30.33 21.38
C ILE B 211 -15.44 31.21 22.48
N SER B 212 -16.43 32.04 22.14
CA SER B 212 -17.11 32.86 23.13
C SER B 212 -17.96 32.05 24.09
N GLN B 213 -18.30 30.82 23.70
CA GLN B 213 -19.09 29.92 24.56
C GLN B 213 -18.20 28.87 25.22
N CYS B 214 -16.89 29.05 25.14
CA CYS B 214 -15.97 28.09 25.71
C CYS B 214 -16.11 28.05 27.22
N THR B 215 -16.06 26.85 27.79
CA THR B 215 -15.93 26.68 29.23
C THR B 215 -14.56 26.02 29.44
N PRO B 216 -13.70 26.64 30.26
CA PRO B 216 -13.89 27.94 30.91
C PRO B 216 -13.88 29.07 29.89
N LYS B 217 -14.41 30.23 30.27
CA LYS B 217 -14.35 31.41 29.41
C LYS B 217 -12.89 31.77 29.23
N VAL B 218 -12.51 31.97 27.98
CA VAL B 218 -11.17 32.30 27.61
C VAL B 218 -11.23 33.61 26.83
N ASP B 219 -10.25 34.47 27.05
CA ASP B 219 -10.15 35.74 26.35
C ASP B 219 -8.87 35.70 25.56
N PHE B 220 -8.97 35.98 24.27
CA PHE B 220 -7.82 36.01 23.38
C PHE B 220 -7.73 37.37 22.70
N PRO B 221 -6.51 37.92 22.60
CA PRO B 221 -6.36 39.06 21.70
C PRO B 221 -6.73 38.64 20.29
N GLN B 222 -7.41 39.54 19.57
CA GLN B 222 -7.93 39.27 18.24
C GLN B 222 -7.00 38.48 17.32
N ASP B 223 -5.73 38.86 17.24
CA ASP B 223 -4.81 38.18 16.33
C ASP B 223 -4.64 36.69 16.67
N GLN B 224 -4.68 36.36 17.96
CA GLN B 224 -4.61 34.98 18.38
C GLN B 224 -5.93 34.28 18.11
N LEU B 225 -7.05 34.96 18.37
CA LEU B 225 -8.38 34.41 18.14
C LEU B 225 -8.62 34.07 16.67
N THR B 226 -8.08 34.89 15.78
CA THR B 226 -8.23 34.69 14.34
C THR B 226 -7.41 33.51 13.85
N ALA B 227 -6.16 33.43 14.32
CA ALA B 227 -5.26 32.34 13.97
C ALA B 227 -5.74 30.99 14.49
N LEU B 228 -6.28 30.99 15.71
CA LEU B 228 -6.87 29.81 16.34
C LEU B 228 -8.08 29.34 15.53
N THR B 229 -8.98 30.27 15.22
CA THR B 229 -10.17 29.95 14.45
C THR B 229 -9.84 29.35 13.09
N GLY B 230 -8.85 29.93 12.39
CA GLY B 230 -8.40 29.37 11.11
C GLY B 230 -7.70 28.02 11.23
N ARG B 231 -6.93 27.85 12.29
CA ARG B 231 -6.24 26.58 12.53
C ARG B 231 -7.24 25.43 12.74
N ILE B 232 -8.31 25.70 13.46
CA ILE B 232 -9.37 24.72 13.69
C ILE B 232 -10.03 24.35 12.37
N GLN B 233 -10.29 25.36 11.55
CA GLN B 233 -10.96 25.16 10.27
C GLN B 233 -10.13 24.34 9.26
N GLU B 234 -8.82 24.56 9.23
CA GLU B 234 -7.96 23.85 8.26
C GLU B 234 -7.17 22.73 8.91
N ALA B 235 -7.59 22.32 10.10
CA ALA B 235 -6.92 21.25 10.85
C ALA B 235 -6.82 19.96 10.06
N GLY B 236 -7.92 19.57 9.42
CA GLY B 236 -7.95 18.36 8.60
C GLY B 236 -7.04 18.46 7.40
N THR B 237 -7.13 19.58 6.68
CA THR B 237 -6.23 19.88 5.57
C THR B 237 -4.77 19.91 6.03
N GLU B 238 -4.53 20.44 7.23
CA GLU B 238 -3.20 20.43 7.85
C GLU B 238 -2.67 19.00 8.02
N VAL B 239 -3.52 18.06 8.41
CA VAL B 239 -3.11 16.67 8.62
C VAL B 239 -2.87 15.93 7.29
N VAL B 240 -3.69 16.24 6.29
CA VAL B 240 -3.50 15.67 4.95
C VAL B 240 -2.14 16.10 4.36
N LYS B 241 -1.79 17.37 4.51
CA LYS B 241 -0.49 17.86 4.06
C LYS B 241 0.64 17.09 4.73
N ALA B 242 0.60 17.05 6.07
CA ALA B 242 1.63 16.35 6.84
C ALA B 242 1.80 14.89 6.42
N LYS B 243 0.70 14.23 6.04
CA LYS B 243 0.73 12.82 5.63
C LYS B 243 1.16 12.59 4.17
N ALA B 244 1.20 13.67 3.39
CA ALA B 244 1.79 13.68 2.05
C ALA B 244 1.29 12.57 1.14
N GLY B 245 0.01 12.26 1.21
CA GLY B 245 -0.60 11.28 0.31
C GLY B 245 -0.82 9.92 0.95
N ALA B 246 -0.43 9.79 2.22
CA ALA B 246 -0.72 8.56 2.95
C ALA B 246 -2.14 8.56 3.58
N GLY B 247 -2.96 9.56 3.26
CA GLY B 247 -4.35 9.58 3.71
C GLY B 247 -4.69 10.76 4.59
N SER B 248 -5.84 10.71 5.24
CA SER B 248 -6.27 11.77 6.13
C SER B 248 -6.20 11.31 7.59
N ALA B 249 -6.63 12.17 8.51
CA ALA B 249 -6.64 11.86 9.93
C ALA B 249 -7.37 10.55 10.17
N THR B 250 -6.73 9.66 10.94
CA THR B 250 -7.27 8.35 11.19
C THR B 250 -7.38 8.07 12.68
N LEU B 251 -6.27 8.24 13.40
CA LEU B 251 -6.21 7.90 14.81
C LEU B 251 -7.05 8.88 15.65
N SER B 252 -6.99 10.15 15.32
CA SER B 252 -7.76 11.16 16.04
C SER B 252 -9.22 11.13 15.66
N MET B 253 -9.53 10.62 14.46
CA MET B 253 -10.91 10.46 14.04
C MET B 253 -11.53 9.25 14.72
N ALA B 254 -10.73 8.21 14.90
CA ALA B 254 -11.12 7.06 15.70
C ALA B 254 -11.47 7.52 17.12
N TYR B 255 -10.57 8.31 17.73
CA TYR B 255 -10.84 8.87 19.04
C TYR B 255 -12.17 9.61 19.04
N ALA B 256 -12.37 10.48 18.05
CA ALA B 256 -13.54 11.34 18.02
C ALA B 256 -14.84 10.57 17.83
N GLY B 257 -14.84 9.59 16.93
CA GLY B 257 -16.01 8.75 16.68
C GLY B 257 -16.36 7.87 17.87
N ALA B 258 -15.34 7.35 18.55
CA ALA B 258 -15.57 6.54 19.73
C ALA B 258 -16.21 7.42 20.80
N ARG B 259 -15.62 8.58 21.04
CA ARG B 259 -16.18 9.52 22.00
C ARG B 259 -17.66 9.76 21.68
N PHE B 260 -17.98 9.99 20.41
CA PHE B 260 -19.34 10.29 20.05
C PHE B 260 -20.25 9.08 20.30
N VAL B 261 -19.78 7.88 19.92
CA VAL B 261 -20.56 6.67 20.15
C VAL B 261 -20.81 6.44 21.64
N PHE B 262 -19.79 6.63 22.47
CA PHE B 262 -19.96 6.45 23.92
C PHE B 262 -20.97 7.44 24.50
N SER B 263 -20.93 8.68 24.03
CA SER B 263 -21.89 9.69 24.47
C SER B 263 -23.30 9.22 24.19
N LEU B 264 -23.49 8.70 22.98
CA LEU B 264 -24.79 8.25 22.49
C LEU B 264 -25.28 7.10 23.35
N VAL B 265 -24.37 6.17 23.64
CA VAL B 265 -24.69 4.98 24.43
C VAL B 265 -25.06 5.33 25.87
N ASP B 266 -24.24 6.15 26.52
CA ASP B 266 -24.57 6.71 27.85
C ASP B 266 -25.99 7.29 27.88
N ALA B 267 -26.27 8.22 26.98
CA ALA B 267 -27.61 8.82 26.88
C ALA B 267 -28.68 7.76 26.71
N MET B 268 -28.40 6.75 25.91
CA MET B 268 -29.31 5.61 25.76
C MET B 268 -29.48 4.83 27.07
N ASN B 269 -28.43 4.73 27.88
CA ASN B 269 -28.52 4.11 29.20
C ASN B 269 -29.11 5.01 30.26
N GLY B 270 -29.63 6.17 29.87
CA GLY B 270 -30.32 7.07 30.82
C GLY B 270 -29.47 8.17 31.45
N LYS B 271 -28.19 8.23 31.12
CA LYS B 271 -27.34 9.30 31.67
C LYS B 271 -27.87 10.67 31.26
N GLU B 272 -27.93 11.59 32.23
CA GLU B 272 -28.46 12.94 32.00
C GLU B 272 -27.36 13.94 31.63
N GLY B 273 -27.74 15.00 30.94
CA GLY B 273 -26.83 16.08 30.59
C GLY B 273 -25.72 15.76 29.60
N VAL B 274 -25.92 14.76 28.75
CA VAL B 274 -24.94 14.43 27.71
C VAL B 274 -25.19 15.33 26.50
N VAL B 275 -24.20 16.17 26.21
CA VAL B 275 -24.31 17.16 25.15
C VAL B 275 -23.16 16.95 24.17
N GLU B 276 -23.49 16.78 22.89
CA GLU B 276 -22.48 16.70 21.84
C GLU B 276 -22.95 17.52 20.65
N CYS B 277 -22.03 18.24 20.03
CA CYS B 277 -22.29 18.89 18.74
C CYS B 277 -22.31 17.85 17.63
N SER B 278 -23.20 18.03 16.66
CA SER B 278 -23.36 17.10 15.55
C SER B 278 -24.24 17.70 14.46
N PHE B 279 -23.88 17.38 13.21
CA PHE B 279 -24.53 17.92 12.01
C PHE B 279 -25.78 17.11 11.74
N VAL B 280 -26.94 17.72 12.02
CA VAL B 280 -28.21 17.01 11.96
C VAL B 280 -29.27 17.81 11.23
N LYS B 281 -30.40 17.18 10.97
CA LYS B 281 -31.59 17.90 10.55
C LYS B 281 -31.83 19.02 11.57
N SER B 282 -31.97 20.24 11.06
CA SER B 282 -31.95 21.44 11.90
C SER B 282 -32.90 22.53 11.37
N GLN B 283 -33.51 23.27 12.28
CA GLN B 283 -34.23 24.50 11.91
C GLN B 283 -33.73 25.69 12.75
N GLU B 284 -32.42 25.72 12.97
CA GLU B 284 -31.77 26.77 13.76
C GLU B 284 -31.36 27.93 12.87
N THR B 285 -31.03 27.62 11.62
CA THR B 285 -30.80 28.62 10.60
C THR B 285 -31.74 28.26 9.44
N GLU B 286 -31.54 28.87 8.28
CA GLU B 286 -32.33 28.50 7.11
C GLU B 286 -31.78 27.26 6.41
N CYS B 287 -30.61 26.78 6.82
CA CYS B 287 -30.07 25.51 6.34
C CYS B 287 -30.88 24.33 6.89
N THR B 288 -31.27 23.41 6.01
CA THR B 288 -32.03 22.23 6.40
C THR B 288 -31.23 21.31 7.35
N TYR B 289 -29.91 21.30 7.21
CA TYR B 289 -29.04 20.58 8.12
C TYR B 289 -27.99 21.53 8.66
N PHE B 290 -27.59 21.30 9.90
CA PHE B 290 -26.71 22.22 10.59
C PHE B 290 -26.21 21.56 11.86
N SER B 291 -25.03 21.94 12.30
CA SER B 291 -24.46 21.41 13.50
C SER B 291 -24.59 22.39 14.66
N THR B 292 -25.11 21.91 15.79
CA THR B 292 -25.21 22.67 17.03
C THR B 292 -25.11 21.69 18.21
N PRO B 293 -24.94 22.21 19.43
CA PRO B 293 -24.97 21.29 20.57
C PRO B 293 -26.33 20.62 20.73
N LEU B 294 -26.32 19.34 21.05
CA LEU B 294 -27.54 18.56 21.18
C LEU B 294 -27.52 17.83 22.50
N LEU B 295 -28.59 17.98 23.28
CA LEU B 295 -28.79 17.16 24.46
C LEU B 295 -29.26 15.81 23.96
N LEU B 296 -28.57 14.75 24.37
CA LEU B 296 -28.92 13.40 23.94
C LEU B 296 -29.71 12.70 25.03
N GLY B 297 -30.66 11.87 24.62
CA GLY B 297 -31.45 11.06 25.56
C GLY B 297 -31.66 9.65 25.05
N LYS B 298 -32.66 8.97 25.61
CA LYS B 298 -32.90 7.55 25.33
C LYS B 298 -33.21 7.25 23.87
N LYS B 299 -33.70 8.23 23.14
CA LYS B 299 -34.17 8.04 21.77
C LYS B 299 -33.38 8.90 20.78
N GLY B 300 -32.15 9.23 21.15
CA GLY B 300 -31.28 10.05 20.30
C GLY B 300 -31.32 11.49 20.77
N ILE B 301 -31.63 12.41 19.84
CA ILE B 301 -31.67 13.83 20.18
C ILE B 301 -32.86 14.09 21.10
N GLU B 302 -32.58 14.54 22.32
CA GLU B 302 -33.59 14.95 23.27
C GLU B 302 -34.00 16.41 22.96
N LYS B 303 -33.01 17.25 22.67
CA LYS B 303 -33.26 18.67 22.47
C LYS B 303 -32.10 19.30 21.72
N ASN B 304 -32.38 19.93 20.59
CA ASN B 304 -31.38 20.76 19.94
C ASN B 304 -31.21 22.04 20.77
N LEU B 305 -30.02 22.25 21.32
CA LEU B 305 -29.75 23.44 22.17
C LEU B 305 -29.46 24.71 21.36
N GLY B 306 -29.45 24.62 20.04
CA GLY B 306 -29.35 25.80 19.19
C GLY B 306 -28.02 26.54 19.20
N ILE B 307 -27.98 27.65 18.49
CA ILE B 307 -26.77 28.47 18.40
C ILE B 307 -26.48 29.19 19.72
N GLY B 308 -27.51 29.68 20.40
CA GLY B 308 -27.31 30.51 21.59
C GLY B 308 -26.74 31.87 21.24
N LYS B 309 -26.18 32.55 22.23
CA LYS B 309 -25.66 33.89 22.01
C LYS B 309 -24.21 33.83 21.56
N VAL B 310 -23.94 34.51 20.44
CA VAL B 310 -22.60 34.51 19.84
C VAL B 310 -22.08 35.93 19.69
N SER B 311 -20.77 36.05 19.45
CA SER B 311 -20.13 37.33 19.20
C SER B 311 -20.33 37.70 17.72
N SER B 312 -20.12 38.97 17.39
CA SER B 312 -20.29 39.46 16.01
C SER B 312 -19.34 38.77 15.03
N PHE B 313 -18.11 38.56 15.47
CA PHE B 313 -17.14 37.78 14.72
C PHE B 313 -17.76 36.44 14.32
N GLU B 314 -18.33 35.76 15.32
CA GLU B 314 -18.95 34.46 15.12
C GLU B 314 -20.20 34.59 14.27
N GLU B 315 -20.99 35.63 14.52
CA GLU B 315 -22.17 35.92 13.70
C GLU B 315 -21.81 36.03 12.21
N LYS B 316 -20.64 36.63 11.92
CA LYS B 316 -20.18 36.84 10.54
C LYS B 316 -19.82 35.52 9.84
N MET B 317 -19.15 34.62 10.55
CA MET B 317 -18.81 33.30 10.00
C MET B 317 -20.04 32.47 9.66
N ILE B 318 -21.10 32.62 10.44
CA ILE B 318 -22.35 31.89 10.20
C ILE B 318 -23.03 32.38 8.91
N SER B 319 -23.12 33.70 8.77
CA SER B 319 -23.62 34.31 7.53
C SER B 319 -22.79 33.85 6.33
N ASP B 320 -21.48 33.83 6.50
CA ASP B 320 -20.58 33.43 5.41
C ASP B 320 -20.68 31.94 5.07
N ALA B 321 -21.12 31.12 6.02
CA ALA B 321 -21.16 29.65 5.84
C ALA B 321 -22.46 29.14 5.22
N ILE B 322 -23.55 29.87 5.37
CA ILE B 322 -24.85 29.41 4.92
C ILE B 322 -24.90 29.13 3.40
N PRO B 323 -24.34 30.04 2.58
CA PRO B 323 -24.33 29.73 1.15
C PRO B 323 -23.66 28.40 0.81
N GLU B 324 -22.46 28.17 1.33
CA GLU B 324 -21.74 26.91 1.06
C GLU B 324 -22.51 25.70 1.60
N LEU B 325 -23.10 25.83 2.79
CA LEU B 325 -23.86 24.75 3.38
C LEU B 325 -25.06 24.39 2.52
N LYS B 326 -25.81 25.40 2.09
CA LYS B 326 -26.98 25.17 1.26
C LYS B 326 -26.64 24.44 -0.03
N ALA B 327 -25.55 24.84 -0.66
CA ALA B 327 -25.11 24.23 -1.90
C ALA B 327 -24.79 22.74 -1.68
N SER B 328 -24.04 22.46 -0.61
CA SER B 328 -23.66 21.08 -0.27
C SER B 328 -24.86 20.20 0.10
N ILE B 329 -25.86 20.79 0.73
CA ILE B 329 -27.09 20.10 1.05
C ILE B 329 -27.84 19.74 -0.22
N LYS B 330 -28.05 20.74 -1.07
CA LYS B 330 -28.74 20.55 -2.34
C LYS B 330 -28.01 19.49 -3.18
N LYS B 331 -26.69 19.58 -3.22
CA LYS B 331 -25.88 18.63 -3.96
C LYS B 331 -26.16 17.20 -3.55
N GLY B 332 -26.26 16.98 -2.24
CA GLY B 332 -26.58 15.66 -1.70
C GLY B 332 -28.01 15.23 -2.00
N GLU B 333 -28.97 16.13 -1.78
CA GLU B 333 -30.36 15.85 -2.08
C GLU B 333 -30.53 15.51 -3.57
N ASP B 334 -29.87 16.26 -4.43
CA ASP B 334 -29.92 16.01 -5.86
C ASP B 334 -29.45 14.60 -6.24
N PHE B 335 -28.39 14.12 -5.58
CA PHE B 335 -27.85 12.81 -5.89
C PHE B 335 -28.89 11.71 -5.70
N VAL B 336 -29.64 11.77 -4.61
CA VAL B 336 -30.68 10.78 -4.34
C VAL B 336 -31.87 10.96 -5.29
N LYS B 337 -32.11 12.19 -5.72
CA LYS B 337 -33.11 12.47 -6.77
C LYS B 337 -32.78 11.74 -8.07
N THR B 338 -31.52 11.83 -8.50
CA THR B 338 -31.08 11.21 -9.75
C THR B 338 -30.90 9.68 -9.62
N LEU B 339 -31.95 8.99 -9.20
CA LEU B 339 -31.94 7.53 -9.05
C LEU B 339 -33.35 6.99 -9.20
N ASN C 26 19.68 9.05 -29.55
CA ASN C 26 20.33 9.59 -28.32
C ASN C 26 19.51 10.71 -27.63
N ALA C 27 18.20 10.49 -27.52
CA ALA C 27 17.31 11.47 -26.87
C ALA C 27 17.43 11.40 -25.34
N LYS C 28 17.47 12.57 -24.71
CA LYS C 28 17.48 12.68 -23.25
C LYS C 28 16.05 12.90 -22.75
N VAL C 29 15.47 11.90 -22.11
CA VAL C 29 14.10 12.00 -21.62
C VAL C 29 14.03 12.07 -20.10
N ALA C 30 13.17 12.95 -19.61
CA ALA C 30 12.84 13.04 -18.20
C ALA C 30 11.43 12.51 -18.00
N VAL C 31 11.24 11.78 -16.90
CA VAL C 31 9.92 11.33 -16.50
C VAL C 31 9.66 11.90 -15.11
N LEU C 32 8.72 12.84 -15.04
CA LEU C 32 8.33 13.46 -13.77
C LEU C 32 7.09 12.75 -13.25
N GLY C 33 7.25 12.08 -12.12
CA GLY C 33 6.23 11.19 -11.58
C GLY C 33 6.56 9.73 -11.85
N ALA C 34 7.85 9.40 -11.78
CA ALA C 34 8.34 8.11 -12.29
C ALA C 34 8.10 6.94 -11.35
N SER C 35 7.85 7.20 -10.07
CA SER C 35 7.57 6.12 -9.10
C SER C 35 6.12 5.62 -9.13
N GLY C 36 5.27 6.29 -9.91
CA GLY C 36 3.85 6.00 -9.91
C GLY C 36 3.44 4.79 -10.72
N GLY C 37 2.14 4.49 -10.70
CA GLY C 37 1.56 3.40 -11.47
C GLY C 37 1.83 3.48 -12.96
N ILE C 38 1.72 4.67 -13.52
CA ILE C 38 2.08 4.90 -14.92
C ILE C 38 3.58 5.06 -15.01
N GLY C 39 4.13 5.93 -14.18
CA GLY C 39 5.54 6.30 -14.24
C GLY C 39 6.53 5.15 -14.30
N GLN C 40 6.26 4.08 -13.56
CA GLN C 40 7.20 2.96 -13.51
C GLN C 40 7.23 2.17 -14.82
N PRO C 41 6.10 1.62 -15.28
CA PRO C 41 6.15 0.88 -16.54
C PRO C 41 6.48 1.76 -17.75
N LEU C 42 6.10 3.03 -17.71
CA LEU C 42 6.49 3.97 -18.75
C LEU C 42 8.01 4.07 -18.80
N SER C 43 8.62 4.26 -17.63
CA SER C 43 10.08 4.31 -17.51
C SER C 43 10.75 3.03 -17.99
N LEU C 44 10.07 1.90 -17.85
CA LEU C 44 10.57 0.62 -18.33
C LEU C 44 10.61 0.60 -19.85
N LEU C 45 9.54 1.10 -20.48
CA LEU C 45 9.45 1.11 -21.93
C LEU C 45 10.48 2.06 -22.54
N LEU C 46 10.74 3.16 -21.85
CA LEU C 46 11.73 4.13 -22.30
C LEU C 46 13.14 3.57 -22.16
N LYS C 47 13.41 2.94 -21.01
CA LYS C 47 14.70 2.29 -20.78
C LYS C 47 14.97 1.23 -21.84
N ASN C 48 13.92 0.51 -22.24
CA ASN C 48 14.01 -0.53 -23.26
C ASN C 48 14.27 -0.03 -24.69
N SER C 49 14.14 1.27 -24.94
CA SER C 49 14.26 1.79 -26.31
C SER C 49 15.70 2.20 -26.62
N PRO C 50 16.15 1.89 -27.86
CA PRO C 50 17.48 2.34 -28.28
C PRO C 50 17.52 3.84 -28.59
N LEU C 51 16.35 4.45 -28.68
CA LEU C 51 16.25 5.90 -28.92
C LEU C 51 16.73 6.73 -27.73
N VAL C 52 16.65 6.16 -26.53
CA VAL C 52 16.92 6.91 -25.29
C VAL C 52 18.34 6.67 -24.81
N SER C 53 19.11 7.75 -24.64
CA SER C 53 20.50 7.67 -24.16
C SER C 53 20.66 8.06 -22.70
N ARG C 54 19.77 8.92 -22.21
CA ARG C 54 19.75 9.31 -20.81
C ARG C 54 18.32 9.35 -20.29
N LEU C 55 18.04 8.55 -19.27
CA LEU C 55 16.72 8.49 -18.66
C LEU C 55 16.79 9.02 -17.24
N THR C 56 16.30 10.25 -17.04
CA THR C 56 16.26 10.85 -15.71
C THR C 56 14.86 10.68 -15.10
N LEU C 57 14.81 10.20 -13.86
CA LEU C 57 13.54 9.87 -13.21
C LEU C 57 13.33 10.74 -11.97
N TYR C 58 12.21 11.45 -11.94
CA TYR C 58 11.87 12.30 -10.80
C TYR C 58 10.58 11.85 -10.12
N ASP C 59 10.59 11.92 -8.80
CA ASP C 59 9.38 11.78 -7.99
C ASP C 59 9.64 12.38 -6.60
N ILE C 60 8.60 12.45 -5.77
CA ILE C 60 8.76 12.89 -4.38
C ILE C 60 9.03 11.73 -3.44
N ALA C 61 8.81 10.50 -3.92
CA ALA C 61 9.09 9.29 -3.13
C ALA C 61 9.50 8.09 -3.99
N HIS C 62 10.37 7.24 -3.44
CA HIS C 62 10.72 5.91 -3.99
C HIS C 62 11.62 5.90 -5.24
N THR C 63 12.01 7.06 -5.74
CA THR C 63 12.70 7.16 -7.03
C THR C 63 14.09 6.49 -7.07
N PRO C 64 14.84 6.49 -5.95
CA PRO C 64 16.14 5.80 -5.94
C PRO C 64 16.05 4.28 -6.17
N GLY C 65 15.03 3.65 -5.62
CA GLY C 65 14.81 2.22 -5.79
C GLY C 65 14.41 1.87 -7.22
N VAL C 66 13.56 2.71 -7.80
CA VAL C 66 13.11 2.50 -9.17
C VAL C 66 14.26 2.67 -10.14
N ALA C 67 15.05 3.73 -9.96
CA ALA C 67 16.21 3.99 -10.79
C ALA C 67 17.23 2.84 -10.72
N ALA C 68 17.56 2.41 -9.51
CA ALA C 68 18.45 1.26 -9.31
C ALA C 68 17.92 0.00 -10.02
N ASP C 69 16.62 -0.24 -9.90
CA ASP C 69 15.97 -1.36 -10.56
C ASP C 69 16.20 -1.30 -12.08
N LEU C 70 15.82 -0.20 -12.71
CA LEU C 70 15.97 -0.02 -14.16
C LEU C 70 17.42 -0.01 -14.64
N SER C 71 18.34 0.49 -13.80
CA SER C 71 19.76 0.59 -14.18
C SER C 71 20.42 -0.76 -14.47
N HIS C 72 19.81 -1.85 -14.00
CA HIS C 72 20.30 -3.20 -14.23
C HIS C 72 19.93 -3.78 -15.61
N ILE C 73 19.03 -3.11 -16.33
CA ILE C 73 18.60 -3.55 -17.65
C ILE C 73 19.69 -3.28 -18.70
N GLU C 74 19.86 -4.23 -19.61
CA GLU C 74 20.99 -4.30 -20.56
C GLU C 74 20.86 -3.39 -21.80
N THR C 75 20.30 -2.21 -21.63
CA THR C 75 20.21 -1.23 -22.70
C THR C 75 21.20 -0.13 -22.38
N LYS C 76 21.46 0.73 -23.36
CA LYS C 76 22.53 1.72 -23.23
C LYS C 76 22.11 2.94 -22.40
N ALA C 77 20.82 3.28 -22.43
CA ALA C 77 20.29 4.41 -21.65
C ALA C 77 20.82 4.41 -20.21
N ALA C 78 21.48 5.49 -19.82
CA ALA C 78 21.93 5.64 -18.44
C ALA C 78 20.73 6.13 -17.61
N VAL C 79 20.53 5.52 -16.44
CA VAL C 79 19.40 5.87 -15.57
C VAL C 79 19.87 6.58 -14.31
N LYS C 80 19.18 7.67 -13.97
CA LYS C 80 19.46 8.43 -12.75
C LYS C 80 18.15 8.82 -12.08
N GLY C 81 18.14 8.70 -10.76
CA GLY C 81 16.93 8.90 -9.96
C GLY C 81 17.04 10.09 -9.05
N TYR C 82 16.05 10.97 -9.11
CA TYR C 82 16.02 12.19 -8.31
C TYR C 82 14.80 12.23 -7.41
N LEU C 83 14.96 12.81 -6.21
CA LEU C 83 13.97 12.73 -5.16
C LEU C 83 13.74 14.11 -4.53
N GLY C 84 12.50 14.59 -4.56
CA GLY C 84 12.14 15.86 -3.94
C GLY C 84 12.53 17.09 -4.76
N PRO C 85 11.82 18.21 -4.55
CA PRO C 85 11.95 19.44 -5.36
C PRO C 85 13.36 20.04 -5.40
N GLU C 86 14.20 19.73 -4.43
CA GLU C 86 15.61 20.18 -4.41
C GLU C 86 16.41 19.58 -5.58
N GLN C 87 16.07 18.35 -5.97
CA GLN C 87 16.79 17.63 -7.01
C GLN C 87 16.09 17.70 -8.37
N LEU C 88 14.93 18.34 -8.41
CA LEU C 88 14.15 18.51 -9.63
C LEU C 88 14.91 19.29 -10.73
N PRO C 89 15.67 20.34 -10.37
CA PRO C 89 16.41 21.06 -11.42
C PRO C 89 17.45 20.17 -12.10
N ASP C 90 18.27 19.49 -11.30
CA ASP C 90 19.26 18.53 -11.81
C ASP C 90 18.64 17.56 -12.79
N CYS C 91 17.49 16.99 -12.42
CA CYS C 91 16.79 16.01 -13.26
C CYS C 91 16.47 16.52 -14.67
N LEU C 92 16.17 17.81 -14.78
CA LEU C 92 15.72 18.40 -16.05
C LEU C 92 16.88 18.94 -16.91
N LYS C 93 18.08 19.04 -16.34
CA LYS C 93 19.23 19.63 -17.04
C LYS C 93 19.56 18.93 -18.37
N GLY C 94 19.52 19.69 -19.46
CA GLY C 94 19.89 19.20 -20.79
C GLY C 94 18.90 18.24 -21.43
N CYS C 95 17.66 18.20 -20.93
CA CYS C 95 16.66 17.27 -21.42
C CYS C 95 16.10 17.71 -22.76
N ASP C 96 15.74 16.73 -23.58
CA ASP C 96 15.14 16.98 -24.87
C ASP C 96 13.62 16.82 -24.80
N VAL C 97 13.17 15.74 -24.16
CA VAL C 97 11.74 15.47 -23.98
C VAL C 97 11.46 15.28 -22.50
N VAL C 98 10.34 15.81 -22.02
CA VAL C 98 9.93 15.63 -20.63
C VAL C 98 8.52 15.04 -20.60
N VAL C 99 8.34 13.96 -19.86
CA VAL C 99 7.04 13.31 -19.73
C VAL C 99 6.56 13.46 -18.28
N ILE C 100 5.29 13.81 -18.14
CA ILE C 100 4.71 14.13 -16.84
C ILE C 100 3.47 13.27 -16.62
N PRO C 101 3.68 12.00 -16.20
CA PRO C 101 2.58 11.18 -15.72
C PRO C 101 2.23 11.50 -14.27
N ALA C 102 3.03 12.32 -13.60
CA ALA C 102 2.76 12.72 -12.22
C ALA C 102 1.30 13.13 -12.03
N GLY C 103 0.80 12.97 -10.81
CA GLY C 103 -0.59 13.33 -10.51
C GLY C 103 -1.25 12.28 -9.67
N VAL C 104 -2.58 12.37 -9.57
CA VAL C 104 -3.36 11.49 -8.73
C VAL C 104 -4.43 10.83 -9.60
N PRO C 105 -4.59 9.50 -9.48
CA PRO C 105 -5.54 8.80 -10.31
C PRO C 105 -6.97 8.85 -9.79
N ARG C 106 -7.93 8.57 -10.65
CA ARG C 106 -9.34 8.49 -10.28
C ARG C 106 -9.64 7.26 -9.42
N LYS C 107 -10.67 7.40 -8.57
CA LYS C 107 -11.30 6.28 -7.90
C LYS C 107 -12.67 6.08 -8.55
N PRO C 108 -13.29 4.89 -8.36
CA PRO C 108 -14.62 4.63 -8.92
C PRO C 108 -15.68 5.68 -8.55
N GLY C 109 -16.34 6.21 -9.58
CA GLY C 109 -17.33 7.25 -9.43
C GLY C 109 -16.79 8.64 -9.73
N MET C 110 -15.50 8.85 -9.49
CA MET C 110 -14.91 10.16 -9.71
C MET C 110 -14.91 10.55 -11.18
N THR C 111 -15.02 11.85 -11.40
CA THR C 111 -14.83 12.42 -12.72
C THR C 111 -13.40 12.95 -12.77
N ARG C 112 -12.89 13.18 -13.97
CA ARG C 112 -11.57 13.75 -14.15
C ARG C 112 -11.48 15.12 -13.50
N ASP C 113 -12.60 15.85 -13.51
CA ASP C 113 -12.70 17.19 -12.89
C ASP C 113 -12.46 17.19 -11.37
N ASP C 114 -12.82 16.11 -10.68
CA ASP C 114 -12.56 15.98 -9.24
C ASP C 114 -11.07 16.03 -8.88
N LEU C 115 -10.22 15.61 -9.82
CA LEU C 115 -8.77 15.63 -9.61
C LEU C 115 -8.14 16.98 -9.91
N PHE C 116 -8.93 17.92 -10.43
CA PHE C 116 -8.39 19.20 -10.90
C PHE C 116 -7.54 19.90 -9.84
N ASN C 117 -8.12 20.09 -8.66
CA ASN C 117 -7.47 20.84 -7.58
C ASN C 117 -6.07 20.30 -7.29
N THR C 118 -5.98 18.98 -7.07
CA THR C 118 -4.71 18.31 -6.78
C THR C 118 -3.73 18.42 -7.94
N ASN C 119 -4.17 17.97 -9.09
CA ASN C 119 -3.29 17.79 -10.25
C ASN C 119 -2.87 19.09 -10.90
N ALA C 120 -3.73 20.11 -10.82
CA ALA C 120 -3.41 21.41 -11.37
C ALA C 120 -2.22 22.01 -10.64
N THR C 121 -2.21 21.85 -9.33
CA THR C 121 -1.10 22.35 -8.52
C THR C 121 0.18 21.61 -8.85
N ILE C 122 0.06 20.29 -9.03
CA ILE C 122 1.20 19.44 -9.37
C ILE C 122 1.81 19.86 -10.71
N VAL C 123 0.98 19.88 -11.75
CA VAL C 123 1.43 20.21 -13.10
C VAL C 123 2.03 21.59 -13.17
N ALA C 124 1.37 22.56 -12.55
CA ALA C 124 1.87 23.94 -12.50
C ALA C 124 3.26 24.02 -11.87
N THR C 125 3.45 23.32 -10.76
CA THR C 125 4.73 23.33 -10.06
C THR C 125 5.84 22.68 -10.91
N LEU C 126 5.53 21.55 -11.53
CA LEU C 126 6.50 20.82 -12.34
C LEU C 126 6.82 21.54 -13.65
N THR C 127 5.80 21.99 -14.36
CA THR C 127 6.01 22.73 -15.62
C THR C 127 6.67 24.08 -15.37
N ALA C 128 6.55 24.62 -14.16
CA ALA C 128 7.27 25.83 -13.79
C ALA C 128 8.79 25.60 -13.79
N ALA C 129 9.23 24.43 -13.33
CA ALA C 129 10.66 24.10 -13.29
C ALA C 129 11.17 23.74 -14.68
N CYS C 130 10.36 23.02 -15.45
CA CYS C 130 10.67 22.77 -16.86
C CYS C 130 10.98 24.09 -17.55
N ALA C 131 10.05 25.04 -17.42
CA ALA C 131 10.20 26.37 -18.01
C ALA C 131 11.46 27.08 -17.54
N GLN C 132 11.82 26.89 -16.26
CA GLN C 132 13.02 27.50 -15.70
C GLN C 132 14.29 26.80 -16.14
N HIS C 133 14.25 25.47 -16.22
CA HIS C 133 15.48 24.68 -16.32
C HIS C 133 15.67 23.93 -17.63
N CYS C 134 14.61 23.66 -18.37
CA CYS C 134 14.74 23.04 -19.69
C CYS C 134 13.74 23.62 -20.70
N PRO C 135 13.76 24.96 -20.88
CA PRO C 135 12.78 25.67 -21.71
C PRO C 135 12.65 25.14 -23.13
N GLU C 136 13.73 24.57 -23.67
CA GLU C 136 13.75 24.12 -25.06
C GLU C 136 13.11 22.75 -25.26
N ALA C 137 12.86 22.01 -24.17
CA ALA C 137 12.41 20.62 -24.26
C ALA C 137 10.96 20.46 -24.71
N MET C 138 10.65 19.30 -25.29
CA MET C 138 9.27 18.95 -25.62
C MET C 138 8.61 18.55 -24.30
N ILE C 139 7.40 19.07 -24.06
CA ILE C 139 6.71 18.82 -22.79
C ILE C 139 5.43 18.04 -23.06
N CYS C 140 5.41 16.79 -22.60
CA CYS C 140 4.29 15.90 -22.83
C CYS C 140 3.58 15.65 -21.50
N VAL C 141 2.38 16.20 -21.36
CA VAL C 141 1.63 16.10 -20.12
C VAL C 141 0.62 14.95 -20.24
N ILE C 142 0.71 14.02 -19.29
CA ILE C 142 -0.24 12.92 -19.18
C ILE C 142 -1.29 13.25 -18.12
N ALA C 143 -0.91 14.01 -17.10
CA ALA C 143 -1.73 14.27 -15.92
C ALA C 143 -3.10 14.86 -16.29
N ASN C 144 -4.16 14.24 -15.78
CA ASN C 144 -5.51 14.70 -16.03
C ASN C 144 -5.93 15.80 -15.06
N PRO C 145 -6.93 16.61 -15.44
CA PRO C 145 -7.63 16.57 -16.74
C PRO C 145 -6.84 17.27 -17.83
N VAL C 146 -6.46 16.52 -18.88
CA VAL C 146 -5.65 17.05 -19.98
C VAL C 146 -6.25 18.32 -20.60
N ASN C 147 -7.57 18.32 -20.77
CA ASN C 147 -8.31 19.48 -21.27
C ASN C 147 -8.03 20.78 -20.49
N SER C 148 -7.67 20.66 -19.20
CA SER C 148 -7.30 21.81 -18.38
C SER C 148 -5.79 21.93 -18.12
N THR C 149 -5.10 20.80 -17.97
CA THR C 149 -3.69 20.83 -17.57
C THR C 149 -2.74 21.37 -18.64
N ILE C 150 -3.09 21.24 -19.92
CA ILE C 150 -2.25 21.80 -20.98
C ILE C 150 -2.30 23.33 -20.97
N PRO C 151 -3.50 23.92 -20.97
CA PRO C 151 -3.58 25.37 -20.77
C PRO C 151 -2.76 25.86 -19.57
N ILE C 152 -2.81 25.13 -18.47
CA ILE C 152 -2.04 25.47 -17.28
C ILE C 152 -0.56 25.49 -17.61
N THR C 153 -0.10 24.42 -18.24
CA THR C 153 1.29 24.30 -18.66
C THR C 153 1.69 25.49 -19.51
N ALA C 154 0.83 25.83 -20.48
CA ALA C 154 1.05 26.93 -21.40
C ALA C 154 1.12 28.27 -20.69
N GLU C 155 0.13 28.55 -19.85
CA GLU C 155 0.08 29.81 -19.09
C GLU C 155 1.24 29.92 -18.10
N VAL C 156 1.74 28.79 -17.63
CA VAL C 156 2.93 28.79 -16.78
C VAL C 156 4.17 29.13 -17.62
N PHE C 157 4.22 28.62 -18.85
CA PHE C 157 5.31 28.93 -19.76
C PHE C 157 5.25 30.37 -20.30
N LYS C 158 4.04 30.85 -20.61
CA LYS C 158 3.87 32.26 -20.99
C LYS C 158 4.38 33.17 -19.87
N LYS C 159 4.07 32.81 -18.63
CA LYS C 159 4.47 33.61 -17.47
C LYS C 159 5.99 33.75 -17.33
N HIS C 160 6.73 32.74 -17.74
CA HIS C 160 8.20 32.79 -17.73
C HIS C 160 8.78 33.28 -19.06
N GLY C 161 7.92 33.57 -20.03
CA GLY C 161 8.34 34.12 -21.32
C GLY C 161 9.13 33.15 -22.16
N VAL C 162 8.72 31.89 -22.19
CA VAL C 162 9.36 30.86 -23.00
C VAL C 162 8.35 29.96 -23.70
N TYR C 163 7.12 30.44 -23.85
CA TYR C 163 6.05 29.65 -24.42
C TYR C 163 6.29 29.39 -25.90
N ASN C 164 6.50 28.11 -26.24
CA ASN C 164 6.57 27.66 -27.62
C ASN C 164 5.43 26.66 -27.85
N PRO C 165 4.31 27.12 -28.46
CA PRO C 165 3.11 26.27 -28.59
C PRO C 165 3.28 25.00 -29.41
N ASN C 166 4.40 24.88 -30.14
CA ASN C 166 4.70 23.70 -30.94
C ASN C 166 5.44 22.59 -30.16
N LYS C 167 5.75 22.84 -28.89
CA LYS C 167 6.51 21.90 -28.06
C LYS C 167 5.74 21.35 -26.85
N ILE C 168 4.48 21.75 -26.72
CA ILE C 168 3.66 21.36 -25.57
C ILE C 168 2.49 20.50 -26.02
N PHE C 169 2.45 19.26 -25.53
CA PHE C 169 1.53 18.24 -26.01
C PHE C 169 0.71 17.60 -24.89
N GLY C 170 -0.60 17.56 -25.08
CA GLY C 170 -1.49 16.78 -24.23
C GLY C 170 -1.62 15.38 -24.81
N VAL C 171 -1.21 14.39 -24.05
CA VAL C 171 -1.10 13.02 -24.56
C VAL C 171 -2.46 12.35 -24.62
N THR C 172 -3.10 12.48 -25.78
CA THR C 172 -4.41 11.85 -26.05
C THR C 172 -4.27 10.47 -26.67
N THR C 173 -3.04 10.02 -26.87
CA THR C 173 -2.74 8.80 -27.62
C THR C 173 -3.53 7.56 -27.19
N LEU C 174 -3.81 7.41 -25.91
CA LEU C 174 -4.52 6.23 -25.44
C LEU C 174 -5.90 6.11 -26.07
N ASP C 175 -6.52 7.24 -26.38
CA ASP C 175 -7.81 7.23 -27.09
C ASP C 175 -7.67 6.55 -28.45
N ILE C 176 -6.65 6.95 -29.21
CA ILE C 176 -6.35 6.39 -30.53
C ILE C 176 -6.11 4.88 -30.40
N VAL C 177 -5.16 4.54 -29.54
CA VAL C 177 -4.78 3.14 -29.28
C VAL C 177 -6.01 2.29 -28.96
N ARG C 178 -6.87 2.81 -28.11
CA ARG C 178 -8.11 2.13 -27.74
C ARG C 178 -9.03 1.95 -28.92
N ALA C 179 -9.16 3.02 -29.71
CA ALA C 179 -10.03 3.03 -30.89
C ALA C 179 -9.60 1.95 -31.89
N ASN C 180 -8.30 1.96 -32.20
CA ASN C 180 -7.72 0.93 -33.06
C ASN C 180 -8.12 -0.46 -32.60
N THR C 181 -7.96 -0.72 -31.30
CA THR C 181 -8.24 -2.03 -30.73
C THR C 181 -9.72 -2.38 -30.83
N PHE C 182 -10.59 -1.41 -30.57
CA PHE C 182 -12.03 -1.66 -30.57
C PHE C 182 -12.58 -1.87 -31.98
N VAL C 183 -12.03 -1.16 -32.96
CA VAL C 183 -12.38 -1.38 -34.37
C VAL C 183 -11.96 -2.79 -34.82
N ALA C 184 -10.72 -3.16 -34.48
CA ALA C 184 -10.13 -4.44 -34.90
C ALA C 184 -10.87 -5.65 -34.32
N GLU C 185 -11.33 -5.53 -33.08
CA GLU C 185 -12.11 -6.62 -32.45
C GLU C 185 -13.45 -6.82 -33.15
N LEU C 186 -14.00 -5.74 -33.69
CA LEU C 186 -15.31 -5.80 -34.34
C LEU C 186 -15.21 -6.30 -35.77
N LYS C 187 -14.16 -5.90 -36.48
CA LYS C 187 -13.94 -6.33 -37.86
C LYS C 187 -12.96 -7.50 -37.98
N GLY C 188 -12.52 -8.06 -36.86
CA GLY C 188 -11.58 -9.17 -36.85
C GLY C 188 -10.31 -8.87 -37.63
N LEU C 189 -9.82 -7.64 -37.49
CA LEU C 189 -8.65 -7.17 -38.23
C LEU C 189 -7.41 -7.21 -37.35
N ASP C 190 -6.25 -7.04 -37.97
CA ASP C 190 -4.99 -6.96 -37.22
C ASP C 190 -4.83 -5.53 -36.68
N PRO C 191 -4.97 -5.35 -35.36
CA PRO C 191 -4.94 -3.99 -34.80
C PRO C 191 -3.66 -3.20 -35.08
N ALA C 192 -2.59 -3.90 -35.45
CA ALA C 192 -1.34 -3.26 -35.82
C ALA C 192 -1.50 -2.41 -37.09
N ARG C 193 -2.32 -2.87 -38.02
CA ARG C 193 -2.50 -2.19 -39.30
C ARG C 193 -3.57 -1.09 -39.22
N VAL C 194 -4.36 -1.10 -38.17
CA VAL C 194 -5.45 -0.14 -38.01
C VAL C 194 -4.95 1.22 -37.50
N ASN C 195 -5.54 2.29 -38.05
CA ASN C 195 -5.33 3.64 -37.54
C ASN C 195 -6.64 4.44 -37.58
N VAL C 196 -7.19 4.71 -36.40
CA VAL C 196 -8.30 5.64 -36.25
C VAL C 196 -7.76 6.95 -35.70
N PRO C 197 -7.96 8.06 -36.43
CA PRO C 197 -7.68 9.35 -35.81
C PRO C 197 -8.79 9.71 -34.81
N VAL C 198 -8.39 10.37 -33.73
CA VAL C 198 -9.32 10.80 -32.68
C VAL C 198 -9.04 12.25 -32.35
N ILE C 199 -10.09 13.06 -32.32
CA ILE C 199 -9.95 14.50 -32.19
C ILE C 199 -10.78 15.05 -31.03
N GLY C 200 -10.53 16.32 -30.73
CA GLY C 200 -11.24 17.03 -29.67
C GLY C 200 -10.40 17.13 -28.40
N GLY C 201 -10.89 16.51 -27.34
CA GLY C 201 -10.21 16.52 -26.05
C GLY C 201 -10.04 15.13 -25.48
N HIS C 202 -9.84 15.07 -24.16
CA HIS C 202 -9.66 13.81 -23.45
C HIS C 202 -10.55 13.73 -22.21
N ALA C 203 -11.86 13.77 -22.44
CA ALA C 203 -12.84 13.58 -21.38
C ALA C 203 -14.26 13.40 -21.92
N GLY C 204 -14.84 12.22 -21.68
CA GLY C 204 -16.22 11.93 -22.05
C GLY C 204 -16.58 12.29 -23.48
N LYS C 205 -17.53 13.23 -23.63
CA LYS C 205 -18.03 13.60 -24.95
C LYS C 205 -17.05 14.42 -25.78
N THR C 206 -15.97 14.93 -25.19
CA THR C 206 -14.98 15.69 -25.95
C THR C 206 -14.04 14.79 -26.77
N ILE C 207 -14.07 13.48 -26.51
CA ILE C 207 -13.27 12.52 -27.25
C ILE C 207 -14.06 12.07 -28.48
N ILE C 208 -13.60 12.49 -29.66
CA ILE C 208 -14.34 12.27 -30.90
C ILE C 208 -13.55 11.35 -31.82
N PRO C 209 -13.93 10.06 -31.89
CA PRO C 209 -13.28 9.13 -32.80
C PRO C 209 -13.84 9.23 -34.22
N LEU C 210 -13.01 9.68 -35.16
CA LEU C 210 -13.42 9.83 -36.55
C LEU C 210 -13.34 8.50 -37.28
N ILE C 211 -14.38 7.69 -37.12
CA ILE C 211 -14.42 6.35 -37.71
C ILE C 211 -14.44 6.43 -39.24
N SER C 212 -15.13 7.43 -39.78
CA SER C 212 -15.20 7.65 -41.21
C SER C 212 -13.82 7.80 -41.86
N GLN C 213 -12.84 8.32 -41.11
CA GLN C 213 -11.45 8.47 -41.61
C GLN C 213 -10.52 7.29 -41.27
N CYS C 214 -11.08 6.17 -40.85
CA CYS C 214 -10.27 5.03 -40.42
C CYS C 214 -9.61 4.32 -41.60
N THR C 215 -8.33 3.98 -41.45
CA THR C 215 -7.60 3.16 -42.40
C THR C 215 -7.28 1.82 -41.73
N PRO C 216 -7.82 0.70 -42.25
CA PRO C 216 -8.66 0.57 -43.45
C PRO C 216 -10.09 1.09 -43.24
N LYS C 217 -10.76 1.41 -44.35
CA LYS C 217 -12.15 1.87 -44.32
C LYS C 217 -13.04 0.77 -43.74
N VAL C 218 -13.99 1.18 -42.88
CA VAL C 218 -14.86 0.23 -42.17
C VAL C 218 -16.28 0.75 -42.11
N ASP C 219 -17.25 -0.13 -42.38
CA ASP C 219 -18.65 0.24 -42.44
C ASP C 219 -19.42 -0.37 -41.28
N PHE C 220 -20.01 0.48 -40.45
CA PHE C 220 -20.88 0.04 -39.36
C PHE C 220 -22.26 0.66 -39.55
N PRO C 221 -23.33 -0.09 -39.21
CA PRO C 221 -24.62 0.61 -39.09
C PRO C 221 -24.55 1.65 -37.97
N GLN C 222 -25.57 2.49 -37.86
CA GLN C 222 -25.53 3.60 -36.89
C GLN C 222 -25.46 3.10 -35.43
N ASP C 223 -26.25 2.09 -35.09
CA ASP C 223 -26.30 1.57 -33.73
C ASP C 223 -24.94 1.03 -33.24
N GLN C 224 -24.20 0.35 -34.12
CA GLN C 224 -22.85 -0.12 -33.81
C GLN C 224 -21.85 1.03 -33.78
N LEU C 225 -22.08 2.06 -34.60
CA LEU C 225 -21.22 3.24 -34.62
C LEU C 225 -21.41 4.07 -33.36
N THR C 226 -22.62 4.04 -32.82
CA THR C 226 -22.94 4.72 -31.57
C THR C 226 -22.24 4.03 -30.40
N ALA C 227 -22.50 2.73 -30.25
CA ALA C 227 -21.93 1.93 -29.16
C ALA C 227 -20.40 1.88 -29.18
N LEU C 228 -19.81 1.85 -30.38
CA LEU C 228 -18.35 1.87 -30.53
C LEU C 228 -17.77 3.19 -30.05
N THR C 229 -18.37 4.29 -30.51
CA THR C 229 -17.94 5.62 -30.11
C THR C 229 -18.14 5.82 -28.61
N GLY C 230 -19.24 5.30 -28.08
CA GLY C 230 -19.51 5.35 -26.64
C GLY C 230 -18.43 4.64 -25.84
N ARG C 231 -18.03 3.47 -26.32
CA ARG C 231 -16.98 2.65 -25.69
C ARG C 231 -15.66 3.40 -25.62
N ILE C 232 -15.30 4.08 -26.70
CA ILE C 232 -14.04 4.83 -26.76
C ILE C 232 -14.04 5.98 -25.75
N GLN C 233 -15.20 6.60 -25.56
CA GLN C 233 -15.33 7.79 -24.71
C GLN C 233 -15.29 7.47 -23.22
N GLU C 234 -15.88 6.34 -22.84
CA GLU C 234 -15.96 5.90 -21.44
C GLU C 234 -15.03 4.71 -21.14
N ALA C 235 -13.99 4.55 -21.95
CA ALA C 235 -13.03 3.46 -21.74
C ALA C 235 -12.23 3.66 -20.46
N GLY C 236 -11.70 4.86 -20.25
CA GLY C 236 -11.02 5.21 -19.00
C GLY C 236 -11.84 4.85 -17.77
N THR C 237 -13.11 5.19 -17.80
CA THR C 237 -14.02 4.92 -16.71
C THR C 237 -14.36 3.43 -16.55
N GLU C 238 -14.40 2.68 -17.65
CA GLU C 238 -14.62 1.22 -17.55
C GLU C 238 -13.42 0.53 -16.87
N VAL C 239 -12.22 1.07 -17.06
CA VAL C 239 -11.02 0.52 -16.42
C VAL C 239 -10.97 0.90 -14.95
N VAL C 240 -11.33 2.15 -14.63
CA VAL C 240 -11.43 2.58 -13.23
C VAL C 240 -12.45 1.71 -12.48
N LYS C 241 -13.54 1.32 -13.14
CA LYS C 241 -14.53 0.43 -12.53
C LYS C 241 -13.99 -0.99 -12.31
N ALA C 242 -13.35 -1.56 -13.34
CA ALA C 242 -12.76 -2.89 -13.24
C ALA C 242 -11.68 -2.97 -12.14
N LYS C 243 -10.87 -1.92 -12.01
CA LYS C 243 -9.82 -1.86 -10.97
C LYS C 243 -10.39 -1.62 -9.57
N ALA C 244 -11.63 -1.13 -9.51
CA ALA C 244 -12.45 -1.22 -8.31
C ALA C 244 -11.81 -0.62 -7.05
N GLY C 245 -11.15 0.53 -7.20
CA GLY C 245 -10.44 1.17 -6.09
C GLY C 245 -8.94 1.19 -6.30
N ALA C 246 -8.43 0.21 -7.05
CA ALA C 246 -6.99 0.07 -7.26
C ALA C 246 -6.41 1.02 -8.32
N GLY C 247 -7.12 2.10 -8.65
CA GLY C 247 -6.58 3.14 -9.53
C GLY C 247 -7.18 3.12 -10.93
N SER C 248 -6.58 3.92 -11.81
CA SER C 248 -6.99 4.02 -13.21
C SER C 248 -5.98 3.30 -14.11
N ALA C 249 -6.18 3.40 -15.42
CA ALA C 249 -5.27 2.79 -16.39
C ALA C 249 -3.82 3.20 -16.11
N THR C 250 -2.92 2.23 -16.17
CA THR C 250 -1.50 2.44 -15.88
C THR C 250 -0.62 1.85 -16.97
N LEU C 251 -0.88 0.58 -17.31
CA LEU C 251 -0.04 -0.18 -18.23
C LEU C 251 -0.29 0.25 -19.66
N SER C 252 -1.57 0.35 -20.05
CA SER C 252 -1.89 0.80 -21.40
C SER C 252 -1.54 2.26 -21.60
N MET C 253 -1.54 3.04 -20.53
CA MET C 253 -1.11 4.44 -20.62
C MET C 253 0.41 4.54 -20.67
N ALA C 254 1.08 3.56 -20.09
CA ALA C 254 2.52 3.45 -20.23
C ALA C 254 2.85 3.15 -21.69
N TYR C 255 2.07 2.27 -22.32
CA TYR C 255 2.24 1.97 -23.73
C TYR C 255 1.97 3.19 -24.60
N ALA C 256 0.80 3.81 -24.41
CA ALA C 256 0.39 4.97 -25.20
C ALA C 256 1.37 6.13 -25.03
N GLY C 257 1.87 6.30 -23.82
CA GLY C 257 2.84 7.35 -23.54
C GLY C 257 4.17 7.09 -24.23
N ALA C 258 4.62 5.85 -24.19
CA ALA C 258 5.88 5.46 -24.84
C ALA C 258 5.78 5.68 -26.35
N ARG C 259 4.71 5.16 -26.96
CA ARG C 259 4.47 5.34 -28.38
C ARG C 259 4.58 6.80 -28.78
N PHE C 260 3.92 7.68 -28.02
CA PHE C 260 3.96 9.10 -28.37
C PHE C 260 5.37 9.67 -28.24
N VAL C 261 6.09 9.27 -27.19
CA VAL C 261 7.46 9.76 -27.00
C VAL C 261 8.37 9.22 -28.11
N PHE C 262 8.12 7.98 -28.54
CA PHE C 262 8.89 7.40 -29.65
C PHE C 262 8.58 8.15 -30.97
N SER C 263 7.30 8.34 -31.26
CA SER C 263 6.88 9.11 -32.42
C SER C 263 7.56 10.48 -32.42
N LEU C 264 7.40 11.20 -31.32
CA LEU C 264 7.99 12.52 -31.15
C LEU C 264 9.50 12.54 -31.44
N VAL C 265 10.22 11.54 -30.92
CA VAL C 265 11.69 11.50 -31.00
C VAL C 265 12.20 11.17 -32.41
N ASP C 266 11.54 10.25 -33.09
CA ASP C 266 11.87 9.93 -34.48
C ASP C 266 11.88 11.22 -35.31
N ALA C 267 10.80 11.99 -35.21
CA ALA C 267 10.68 13.28 -35.90
C ALA C 267 11.81 14.24 -35.55
N MET C 268 12.20 14.27 -34.28
CA MET C 268 13.32 15.11 -33.84
C MET C 268 14.63 14.65 -34.45
N ASN C 269 14.79 13.35 -34.67
CA ASN C 269 15.94 12.83 -35.40
C ASN C 269 15.82 13.13 -36.91
N GLY C 270 14.58 13.28 -37.36
CA GLY C 270 14.30 13.79 -38.71
C GLY C 270 13.37 12.95 -39.57
N LYS C 271 12.79 11.89 -39.01
CA LYS C 271 11.95 11.00 -39.79
C LYS C 271 10.75 11.73 -40.38
N GLU C 272 10.47 11.45 -41.65
CA GLU C 272 9.44 12.15 -42.41
C GLU C 272 8.11 11.42 -42.22
N GLY C 273 7.02 12.17 -42.28
CA GLY C 273 5.67 11.58 -42.30
C GLY C 273 5.14 11.04 -40.99
N VAL C 274 5.78 11.41 -39.88
CA VAL C 274 5.35 10.97 -38.55
C VAL C 274 4.14 11.78 -38.09
N VAL C 275 3.00 11.12 -38.01
CA VAL C 275 1.75 11.77 -37.60
C VAL C 275 1.20 11.15 -36.30
N GLU C 276 0.95 11.99 -35.32
CA GLU C 276 0.27 11.59 -34.07
C GLU C 276 -0.75 12.65 -33.66
N CYS C 277 -1.94 12.20 -33.30
CA CYS C 277 -2.94 13.08 -32.69
C CYS C 277 -2.46 13.50 -31.30
N SER C 278 -2.69 14.76 -30.95
CA SER C 278 -2.33 15.28 -29.64
C SER C 278 -3.06 16.59 -29.36
N PHE C 279 -3.32 16.85 -28.08
CA PHE C 279 -4.08 18.03 -27.65
C PHE C 279 -3.13 19.22 -27.42
N VAL C 280 -3.20 20.20 -28.33
CA VAL C 280 -2.27 21.33 -28.35
C VAL C 280 -2.97 22.64 -28.63
N LYS C 281 -2.24 23.75 -28.52
CA LYS C 281 -2.70 25.04 -29.00
C LYS C 281 -3.07 24.91 -30.48
N SER C 282 -4.35 25.11 -30.81
CA SER C 282 -4.82 25.00 -32.19
C SER C 282 -5.79 26.12 -32.55
N GLN C 283 -5.91 26.40 -33.85
CA GLN C 283 -6.76 27.47 -34.37
C GLN C 283 -7.83 26.91 -35.31
N GLU C 284 -8.04 25.60 -35.28
CA GLU C 284 -8.98 24.93 -36.18
C GLU C 284 -10.43 25.25 -35.84
N THR C 285 -10.71 25.44 -34.56
CA THR C 285 -12.04 25.78 -34.09
C THR C 285 -11.96 26.99 -33.16
N GLU C 286 -13.11 27.44 -32.65
CA GLU C 286 -13.14 28.54 -31.68
C GLU C 286 -12.47 28.17 -30.34
N CYS C 287 -12.36 26.88 -30.06
CA CYS C 287 -11.55 26.38 -28.94
C CYS C 287 -10.08 26.66 -29.22
N THR C 288 -9.42 27.37 -28.30
CA THR C 288 -8.02 27.77 -28.49
C THR C 288 -7.04 26.60 -28.27
N TYR C 289 -7.54 25.51 -27.70
CA TYR C 289 -6.79 24.24 -27.62
C TYR C 289 -7.66 23.10 -28.15
N PHE C 290 -7.04 22.19 -28.90
CA PHE C 290 -7.78 21.13 -29.58
C PHE C 290 -6.83 20.01 -30.02
N SER C 291 -7.37 18.81 -30.20
CA SER C 291 -6.60 17.66 -30.67
C SER C 291 -6.96 17.32 -32.13
N THR C 292 -5.93 17.23 -32.97
CA THR C 292 -6.07 16.84 -34.37
C THR C 292 -4.80 16.09 -34.78
N PRO C 293 -4.82 15.38 -35.93
CA PRO C 293 -3.59 14.79 -36.42
C PRO C 293 -2.54 15.87 -36.67
N LEU C 294 -1.36 15.70 -36.08
CA LEU C 294 -0.28 16.68 -36.23
C LEU C 294 0.89 16.02 -36.93
N LEU C 295 1.40 16.67 -37.98
CA LEU C 295 2.64 16.24 -38.60
C LEU C 295 3.77 16.75 -37.73
N LEU C 296 4.54 15.83 -37.16
CA LEU C 296 5.63 16.18 -36.26
C LEU C 296 6.92 16.34 -37.07
N GLY C 297 7.81 17.21 -36.59
CA GLY C 297 9.08 17.45 -37.24
C GLY C 297 10.20 17.72 -36.24
N LYS C 298 11.28 18.30 -36.73
CA LYS C 298 12.49 18.51 -35.92
C LYS C 298 12.31 19.55 -34.81
N LYS C 299 11.34 20.45 -34.95
CA LYS C 299 11.12 21.52 -33.97
C LYS C 299 9.81 21.37 -33.18
N GLY C 300 9.18 20.20 -33.26
CA GLY C 300 7.92 19.94 -32.58
C GLY C 300 6.81 19.67 -33.58
N ILE C 301 5.85 20.58 -33.66
CA ILE C 301 4.78 20.48 -34.65
C ILE C 301 5.29 21.09 -35.96
N GLU C 302 5.26 20.29 -37.02
CA GLU C 302 5.59 20.78 -38.36
C GLU C 302 4.35 21.41 -38.98
N LYS C 303 3.21 20.72 -38.87
CA LYS C 303 1.97 21.19 -39.48
C LYS C 303 0.76 20.54 -38.82
N ASN C 304 -0.17 21.37 -38.33
CA ASN C 304 -1.46 20.87 -37.85
C ASN C 304 -2.32 20.52 -39.05
N LEU C 305 -2.56 19.22 -39.25
CA LEU C 305 -3.30 18.74 -40.43
C LEU C 305 -4.81 19.01 -40.35
N GLY C 306 -5.29 19.38 -39.16
CA GLY C 306 -6.68 19.81 -39.00
C GLY C 306 -7.69 18.66 -39.01
N ILE C 307 -8.96 19.03 -38.93
CA ILE C 307 -10.05 18.05 -38.83
C ILE C 307 -10.15 17.20 -40.11
N GLY C 308 -10.19 17.88 -41.25
CA GLY C 308 -10.36 17.20 -42.55
C GLY C 308 -11.83 16.90 -42.81
N LYS C 309 -12.09 15.91 -43.66
CA LYS C 309 -13.46 15.55 -44.03
C LYS C 309 -14.12 14.70 -42.96
N VAL C 310 -15.32 15.11 -42.54
CA VAL C 310 -16.07 14.39 -41.51
C VAL C 310 -17.49 14.09 -41.98
N SER C 311 -18.14 13.14 -41.31
CA SER C 311 -19.54 12.80 -41.60
C SER C 311 -20.48 13.73 -40.84
N SER C 312 -21.79 13.50 -41.00
CA SER C 312 -22.81 14.25 -40.29
C SER C 312 -22.78 13.93 -38.79
N PHE C 313 -22.65 12.64 -38.48
CA PHE C 313 -22.61 12.16 -37.08
C PHE C 313 -21.46 12.80 -36.32
N GLU C 314 -20.29 12.88 -36.96
CA GLU C 314 -19.10 13.44 -36.34
C GLU C 314 -19.14 14.96 -36.20
N GLU C 315 -19.78 15.65 -37.15
CA GLU C 315 -19.95 17.11 -37.04
C GLU C 315 -20.88 17.47 -35.87
N LYS C 316 -21.87 16.61 -35.62
CA LYS C 316 -22.78 16.77 -34.49
C LYS C 316 -22.01 16.67 -33.16
N MET C 317 -21.07 15.75 -33.09
CA MET C 317 -20.28 15.53 -31.87
C MET C 317 -19.25 16.63 -31.62
N ILE C 318 -18.67 17.16 -32.70
CA ILE C 318 -17.70 18.25 -32.58
C ILE C 318 -18.39 19.49 -32.00
N SER C 319 -19.53 19.87 -32.58
CA SER C 319 -20.27 21.06 -32.16
C SER C 319 -20.78 20.93 -30.71
N ASP C 320 -21.24 19.74 -30.35
CA ASP C 320 -21.69 19.47 -28.97
C ASP C 320 -20.55 19.53 -27.95
N ALA C 321 -19.32 19.33 -28.42
CA ALA C 321 -18.15 19.23 -27.55
C ALA C 321 -17.51 20.58 -27.21
N ILE C 322 -17.63 21.56 -28.10
CA ILE C 322 -16.95 22.87 -27.90
C ILE C 322 -17.25 23.52 -26.55
N PRO C 323 -18.53 23.56 -26.12
CA PRO C 323 -18.83 24.21 -24.84
C PRO C 323 -18.04 23.62 -23.66
N GLU C 324 -17.97 22.29 -23.61
CA GLU C 324 -17.27 21.59 -22.53
C GLU C 324 -15.76 21.85 -22.56
N LEU C 325 -15.17 21.82 -23.75
CA LEU C 325 -13.75 22.14 -23.91
C LEU C 325 -13.44 23.56 -23.47
N LYS C 326 -14.25 24.52 -23.92
CA LYS C 326 -14.05 25.93 -23.59
C LYS C 326 -14.00 26.15 -22.08
N ALA C 327 -14.92 25.51 -21.37
CA ALA C 327 -14.99 25.60 -19.91
C ALA C 327 -13.71 25.06 -19.28
N SER C 328 -13.33 23.84 -19.65
CA SER C 328 -12.12 23.20 -19.12
C SER C 328 -10.86 24.01 -19.46
N ILE C 329 -10.82 24.56 -20.67
CA ILE C 329 -9.74 25.46 -21.07
C ILE C 329 -9.69 26.66 -20.11
N LYS C 330 -10.86 27.23 -19.80
CA LYS C 330 -10.96 28.42 -18.94
C LYS C 330 -10.57 28.14 -17.48
N LYS C 331 -11.03 27.00 -16.96
CA LYS C 331 -10.71 26.59 -15.58
C LYS C 331 -9.19 26.50 -15.40
N GLY C 332 -8.52 25.89 -16.37
CA GLY C 332 -7.06 25.78 -16.35
C GLY C 332 -6.38 27.13 -16.40
N GLU C 333 -6.81 27.98 -17.33
CA GLU C 333 -6.23 29.32 -17.49
C GLU C 333 -6.44 30.16 -16.24
N ASP C 334 -7.67 30.15 -15.72
CA ASP C 334 -8.01 30.92 -14.52
C ASP C 334 -7.28 30.43 -13.26
N PHE C 335 -6.88 29.17 -13.22
CA PHE C 335 -6.11 28.63 -12.09
C PHE C 335 -4.72 29.25 -11.97
N VAL C 336 -4.06 29.48 -13.10
CA VAL C 336 -2.70 30.03 -13.09
C VAL C 336 -2.68 31.49 -12.64
N LYS C 337 -3.80 32.20 -12.87
CA LYS C 337 -3.93 33.60 -12.42
C LYS C 337 -3.85 33.70 -10.89
N THR C 338 -4.39 32.70 -10.20
CA THR C 338 -4.38 32.68 -8.73
C THR C 338 -2.99 32.43 -8.13
N LEU C 339 -1.99 32.20 -8.98
CA LEU C 339 -0.61 31.99 -8.54
C LEU C 339 0.19 33.29 -8.68
N ASN D 26 1.75 -16.56 -32.01
CA ASN D 26 0.75 -17.66 -31.83
C ASN D 26 0.82 -18.42 -30.49
N ALA D 27 1.71 -18.01 -29.59
CA ALA D 27 1.87 -18.71 -28.30
C ALA D 27 0.88 -18.24 -27.23
N LYS D 28 0.39 -19.18 -26.44
CA LYS D 28 -0.59 -18.90 -25.40
C LYS D 28 0.09 -18.92 -24.02
N VAL D 29 0.32 -17.73 -23.48
CA VAL D 29 1.07 -17.56 -22.23
C VAL D 29 0.14 -17.32 -21.04
N ALA D 30 0.42 -17.99 -19.93
CA ALA D 30 -0.25 -17.72 -18.67
C ALA D 30 0.73 -17.05 -17.70
N VAL D 31 0.24 -16.05 -16.97
CA VAL D 31 1.00 -15.42 -15.90
C VAL D 31 0.27 -15.63 -14.57
N LEU D 32 0.92 -16.26 -13.61
CA LEU D 32 0.35 -16.54 -12.30
C LEU D 32 1.04 -15.62 -11.30
N GLY D 33 0.28 -14.77 -10.62
CA GLY D 33 0.82 -13.67 -9.84
C GLY D 33 0.93 -12.42 -10.69
N ALA D 34 -0.04 -12.24 -11.59
CA ALA D 34 0.01 -11.17 -12.59
C ALA D 34 -0.28 -9.78 -12.03
N SER D 35 -0.80 -9.68 -10.80
CA SER D 35 -1.13 -8.38 -10.22
C SER D 35 0.04 -7.76 -9.44
N GLY D 36 1.08 -8.56 -9.21
CA GLY D 36 2.22 -8.14 -8.40
C GLY D 36 3.09 -7.11 -9.07
N GLY D 37 4.11 -6.66 -8.35
CA GLY D 37 5.08 -5.71 -8.87
C GLY D 37 5.84 -6.21 -10.09
N ILE D 38 6.09 -7.53 -10.15
CA ILE D 38 6.74 -8.12 -11.33
C ILE D 38 5.70 -8.41 -12.39
N GLY D 39 4.60 -9.03 -11.95
CA GLY D 39 3.55 -9.51 -12.83
C GLY D 39 2.98 -8.49 -13.79
N GLN D 40 2.68 -7.30 -13.30
CA GLN D 40 2.05 -6.28 -14.13
C GLN D 40 2.96 -5.82 -15.27
N PRO D 41 4.17 -5.33 -14.96
CA PRO D 41 5.06 -4.98 -16.08
C PRO D 41 5.45 -6.19 -16.95
N LEU D 42 5.61 -7.36 -16.34
CA LEU D 42 5.83 -8.58 -17.11
C LEU D 42 4.71 -8.77 -18.12
N SER D 43 3.46 -8.76 -17.63
CA SER D 43 2.29 -8.94 -18.49
C SER D 43 2.21 -7.90 -19.61
N LEU D 44 2.68 -6.69 -19.33
CA LEU D 44 2.68 -5.61 -20.31
C LEU D 44 3.61 -5.97 -21.48
N LEU D 45 4.87 -6.25 -21.16
CA LEU D 45 5.86 -6.64 -22.15
C LEU D 45 5.38 -7.80 -23.01
N LEU D 46 4.76 -8.79 -22.37
CA LEU D 46 4.16 -9.92 -23.10
C LEU D 46 3.04 -9.48 -24.05
N LYS D 47 2.15 -8.60 -23.57
CA LYS D 47 1.07 -8.05 -24.39
C LYS D 47 1.60 -7.24 -25.58
N ASN D 48 2.76 -6.61 -25.41
CA ASN D 48 3.39 -5.81 -26.47
C ASN D 48 4.07 -6.63 -27.58
N SER D 49 4.12 -7.95 -27.42
CA SER D 49 4.81 -8.83 -28.35
C SER D 49 3.83 -9.54 -29.29
N PRO D 50 4.14 -9.55 -30.60
CA PRO D 50 3.33 -10.32 -31.56
C PRO D 50 3.56 -11.83 -31.46
N LEU D 51 4.53 -12.25 -30.68
CA LEU D 51 4.73 -13.68 -30.37
C LEU D 51 3.58 -14.26 -29.55
N VAL D 52 2.85 -13.41 -28.82
CA VAL D 52 1.79 -13.86 -27.93
C VAL D 52 0.41 -13.66 -28.57
N SER D 53 -0.35 -14.74 -28.68
CA SER D 53 -1.71 -14.68 -29.22
C SER D 53 -2.80 -14.65 -28.14
N ARG D 54 -2.51 -15.24 -26.98
CA ARG D 54 -3.43 -15.25 -25.86
C ARG D 54 -2.66 -15.12 -24.52
N LEU D 55 -3.00 -14.08 -23.75
CA LEU D 55 -2.38 -13.83 -22.45
C LEU D 55 -3.43 -13.97 -21.34
N THR D 56 -3.46 -15.13 -20.68
CA THR D 56 -4.34 -15.34 -19.53
C THR D 56 -3.60 -14.95 -18.27
N LEU D 57 -4.20 -14.07 -17.47
CA LEU D 57 -3.56 -13.54 -16.27
C LEU D 57 -4.27 -14.09 -15.04
N TYR D 58 -3.50 -14.42 -14.00
CA TYR D 58 -4.08 -15.01 -12.80
C TYR D 58 -3.46 -14.43 -11.54
N ASP D 59 -4.32 -14.25 -10.54
CA ASP D 59 -3.92 -13.80 -9.22
C ASP D 59 -5.06 -14.05 -8.22
N ILE D 60 -4.79 -13.82 -6.94
CA ILE D 60 -5.81 -13.91 -5.89
C ILE D 60 -6.52 -12.57 -5.70
N ALA D 61 -5.97 -11.52 -6.28
CA ALA D 61 -6.55 -10.19 -6.18
C ALA D 61 -6.18 -9.32 -7.39
N HIS D 62 -7.11 -8.44 -7.79
CA HIS D 62 -6.88 -7.34 -8.75
C HIS D 62 -6.78 -7.68 -10.24
N THR D 63 -6.81 -8.97 -10.60
CA THR D 63 -6.55 -9.36 -11.99
C THR D 63 -7.55 -8.84 -13.05
N PRO D 64 -8.84 -8.68 -12.68
CA PRO D 64 -9.79 -8.15 -13.65
C PRO D 64 -9.41 -6.76 -14.16
N GLY D 65 -8.95 -5.91 -13.25
CA GLY D 65 -8.57 -4.54 -13.59
C GLY D 65 -7.25 -4.44 -14.34
N VAL D 66 -6.37 -5.40 -14.12
CA VAL D 66 -5.11 -5.44 -14.86
C VAL D 66 -5.40 -5.90 -16.29
N ALA D 67 -6.26 -6.91 -16.41
CA ALA D 67 -6.68 -7.45 -17.70
C ALA D 67 -7.37 -6.40 -18.57
N ALA D 68 -8.32 -5.67 -17.97
CA ALA D 68 -9.01 -4.60 -18.70
C ALA D 68 -8.02 -3.55 -19.19
N ASP D 69 -7.12 -3.12 -18.31
CA ASP D 69 -6.08 -2.14 -18.65
C ASP D 69 -5.29 -2.59 -19.88
N LEU D 70 -4.80 -3.83 -19.85
CA LEU D 70 -4.03 -4.38 -20.97
C LEU D 70 -4.89 -4.63 -22.22
N SER D 71 -6.14 -5.06 -22.04
CA SER D 71 -7.02 -5.37 -23.19
C SER D 71 -7.17 -4.21 -24.18
N HIS D 72 -6.81 -3.01 -23.76
CA HIS D 72 -6.92 -1.81 -24.60
C HIS D 72 -5.69 -1.56 -25.48
N ILE D 73 -4.64 -2.37 -25.33
CA ILE D 73 -3.41 -2.15 -26.09
C ILE D 73 -3.55 -2.73 -27.50
N GLU D 74 -3.07 -1.97 -28.48
CA GLU D 74 -3.31 -2.22 -29.92
C GLU D 74 -2.50 -3.39 -30.53
N THR D 75 -2.33 -4.46 -29.78
CA THR D 75 -1.64 -5.64 -30.29
C THR D 75 -2.61 -6.81 -30.31
N LYS D 76 -2.20 -7.91 -30.94
CA LYS D 76 -3.12 -9.00 -31.25
C LYS D 76 -3.50 -9.87 -30.05
N ALA D 77 -2.67 -9.90 -29.01
CA ALA D 77 -2.89 -10.81 -27.88
C ALA D 77 -4.28 -10.65 -27.24
N ALA D 78 -5.00 -11.75 -27.12
CA ALA D 78 -6.30 -11.77 -26.42
C ALA D 78 -6.07 -11.89 -24.92
N VAL D 79 -6.33 -10.81 -24.18
CA VAL D 79 -6.13 -10.77 -22.72
C VAL D 79 -7.38 -11.19 -21.93
N LYS D 80 -7.17 -11.95 -20.85
CA LYS D 80 -8.26 -12.51 -20.03
C LYS D 80 -7.87 -12.66 -18.56
N GLY D 81 -8.67 -12.06 -17.67
CA GLY D 81 -8.43 -12.08 -16.23
C GLY D 81 -9.09 -13.25 -15.53
N TYR D 82 -8.43 -13.74 -14.48
CA TYR D 82 -8.93 -14.85 -13.68
C TYR D 82 -8.54 -14.60 -12.22
N LEU D 83 -9.43 -14.98 -11.31
CA LEU D 83 -9.32 -14.56 -9.91
C LEU D 83 -9.72 -15.69 -8.94
N GLY D 84 -8.79 -16.07 -8.08
CA GLY D 84 -9.03 -17.06 -7.04
C GLY D 84 -8.88 -18.49 -7.53
N PRO D 85 -8.53 -19.42 -6.63
CA PRO D 85 -8.25 -20.82 -7.00
C PRO D 85 -9.37 -21.51 -7.81
N GLU D 86 -10.57 -20.94 -7.80
CA GLU D 86 -11.72 -21.53 -8.50
C GLU D 86 -11.59 -21.34 -10.00
N GLN D 87 -11.06 -20.17 -10.40
CA GLN D 87 -10.90 -19.82 -11.82
C GLN D 87 -9.53 -20.25 -12.40
N LEU D 88 -8.63 -20.71 -11.53
CA LEU D 88 -7.29 -21.11 -11.94
C LEU D 88 -7.27 -22.14 -13.09
N PRO D 89 -8.09 -23.21 -12.99
CA PRO D 89 -8.10 -24.21 -14.07
C PRO D 89 -8.40 -23.67 -15.46
N ASP D 90 -9.33 -22.73 -15.56
CA ASP D 90 -9.71 -22.16 -16.85
C ASP D 90 -8.66 -21.19 -17.39
N CYS D 91 -7.88 -20.58 -16.50
CA CYS D 91 -6.74 -19.76 -16.91
C CYS D 91 -5.71 -20.61 -17.66
N LEU D 92 -5.52 -21.84 -17.22
CA LEU D 92 -4.42 -22.69 -17.67
C LEU D 92 -4.75 -23.57 -18.89
N LYS D 93 -6.02 -23.72 -19.23
CA LYS D 93 -6.41 -24.58 -20.35
C LYS D 93 -5.75 -24.14 -21.67
N GLY D 94 -5.11 -25.09 -22.33
CA GLY D 94 -4.51 -24.87 -23.64
C GLY D 94 -3.32 -23.94 -23.66
N CYS D 95 -2.65 -23.75 -22.52
CA CYS D 95 -1.49 -22.86 -22.45
C CYS D 95 -0.22 -23.56 -22.95
N ASP D 96 0.67 -22.77 -23.54
CA ASP D 96 1.95 -23.24 -24.05
C ASP D 96 3.04 -22.93 -23.03
N VAL D 97 3.03 -21.71 -22.51
CA VAL D 97 3.98 -21.27 -21.51
C VAL D 97 3.24 -20.77 -20.27
N VAL D 98 3.66 -21.23 -19.09
CA VAL D 98 3.18 -20.67 -17.82
C VAL D 98 4.35 -20.01 -17.08
N VAL D 99 4.19 -18.74 -16.73
CA VAL D 99 5.21 -18.00 -15.97
C VAL D 99 4.69 -17.70 -14.57
N ILE D 100 5.50 -17.99 -13.56
CA ILE D 100 5.04 -17.92 -12.18
C ILE D 100 5.90 -16.99 -11.33
N PRO D 101 5.66 -15.66 -11.42
CA PRO D 101 6.21 -14.73 -10.43
C PRO D 101 5.43 -14.69 -9.12
N ALA D 102 4.31 -15.39 -9.01
CA ALA D 102 3.54 -15.38 -7.76
C ALA D 102 4.44 -15.72 -6.58
N GLY D 103 4.50 -14.83 -5.60
CA GLY D 103 5.29 -15.05 -4.38
C GLY D 103 5.58 -13.80 -3.58
N VAL D 104 6.15 -13.97 -2.39
CA VAL D 104 6.47 -12.85 -1.51
C VAL D 104 7.89 -12.37 -1.76
N PRO D 105 8.09 -11.04 -1.92
CA PRO D 105 9.44 -10.53 -2.10
C PRO D 105 10.17 -10.29 -0.79
N ARG D 106 11.49 -10.12 -0.87
CA ARG D 106 12.33 -9.82 0.30
C ARG D 106 12.19 -8.39 0.79
N LYS D 107 12.30 -8.25 2.11
CA LYS D 107 12.58 -6.96 2.74
C LYS D 107 14.08 -6.86 2.98
N PRO D 108 14.59 -5.64 3.16
CA PRO D 108 16.00 -5.43 3.53
C PRO D 108 16.47 -6.28 4.73
N GLY D 109 17.54 -7.06 4.53
CA GLY D 109 18.08 -7.93 5.57
C GLY D 109 17.67 -9.38 5.43
N MET D 110 16.54 -9.63 4.79
CA MET D 110 16.12 -10.99 4.48
C MET D 110 17.02 -11.64 3.44
N THR D 111 17.23 -12.95 3.56
CA THR D 111 17.82 -13.73 2.48
C THR D 111 16.68 -14.35 1.69
N ARG D 112 16.96 -14.69 0.43
CA ARG D 112 15.98 -15.36 -0.42
C ARG D 112 15.38 -16.60 0.26
N ASP D 113 16.17 -17.25 1.11
CA ASP D 113 15.75 -18.48 1.78
C ASP D 113 14.77 -18.26 2.95
N ASP D 114 14.80 -17.07 3.56
CA ASP D 114 13.81 -16.72 4.57
C ASP D 114 12.36 -16.72 4.01
N LEU D 115 12.22 -16.65 2.68
CA LEU D 115 10.91 -16.72 2.02
C LEU D 115 10.43 -18.15 1.73
N PHE D 116 11.26 -19.16 2.03
CA PHE D 116 10.95 -20.51 1.58
C PHE D 116 9.60 -20.99 2.07
N ASN D 117 9.38 -20.87 3.37
CA ASN D 117 8.18 -21.43 4.00
C ASN D 117 6.89 -20.90 3.38
N THR D 118 6.86 -19.58 3.14
CA THR D 118 5.73 -18.94 2.47
C THR D 118 5.60 -19.35 1.01
N ASN D 119 6.67 -19.13 0.25
CA ASN D 119 6.64 -19.31 -1.21
C ASN D 119 6.61 -20.76 -1.68
N ALA D 120 7.05 -21.69 -0.84
CA ALA D 120 6.97 -23.10 -1.15
C ALA D 120 5.52 -23.52 -1.37
N THR D 121 4.65 -23.15 -0.43
CA THR D 121 3.23 -23.48 -0.48
C THR D 121 2.56 -22.93 -1.75
N ILE D 122 2.84 -21.68 -2.06
CA ILE D 122 2.28 -21.04 -3.25
C ILE D 122 2.67 -21.80 -4.50
N VAL D 123 3.98 -22.03 -4.68
CA VAL D 123 4.52 -22.71 -5.86
C VAL D 123 3.98 -24.13 -6.00
N ALA D 124 3.91 -24.85 -4.89
CA ALA D 124 3.39 -26.22 -4.88
C ALA D 124 1.93 -26.29 -5.35
N THR D 125 1.15 -25.29 -4.99
CA THR D 125 -0.28 -25.24 -5.31
C THR D 125 -0.51 -24.84 -6.77
N LEU D 126 0.25 -23.86 -7.24
CA LEU D 126 0.12 -23.39 -8.63
C LEU D 126 0.63 -24.44 -9.59
N THR D 127 1.79 -25.00 -9.31
CA THR D 127 2.35 -26.05 -10.16
C THR D 127 1.49 -27.29 -10.14
N ALA D 128 0.86 -27.60 -9.00
CA ALA D 128 -0.11 -28.71 -8.92
C ALA D 128 -1.23 -28.55 -9.94
N ALA D 129 -1.75 -27.33 -10.07
CA ALA D 129 -2.79 -27.02 -11.05
C ALA D 129 -2.27 -27.12 -12.48
N CYS D 130 -1.07 -26.61 -12.73
CA CYS D 130 -0.40 -26.75 -14.03
C CYS D 130 -0.27 -28.22 -14.44
N ALA D 131 0.12 -29.08 -13.49
CA ALA D 131 0.29 -30.50 -13.77
C ALA D 131 -1.02 -31.16 -14.23
N GLN D 132 -2.14 -30.74 -13.64
CA GLN D 132 -3.46 -31.27 -14.02
C GLN D 132 -4.03 -30.66 -15.29
N HIS D 133 -3.86 -29.35 -15.46
CA HIS D 133 -4.61 -28.61 -16.48
C HIS D 133 -3.79 -28.21 -17.71
N CYS D 134 -2.46 -28.13 -17.58
CA CYS D 134 -1.60 -27.92 -18.75
C CYS D 134 -0.24 -28.59 -18.56
N PRO D 135 -0.24 -29.94 -18.43
CA PRO D 135 0.98 -30.69 -18.15
C PRO D 135 2.06 -30.60 -19.23
N GLU D 136 1.67 -30.28 -20.46
CA GLU D 136 2.61 -30.21 -21.59
C GLU D 136 3.25 -28.84 -21.77
N ALA D 137 2.85 -27.88 -20.95
CA ALA D 137 3.30 -26.50 -21.11
C ALA D 137 4.72 -26.30 -20.56
N MET D 138 5.39 -25.24 -21.03
CA MET D 138 6.67 -24.83 -20.49
C MET D 138 6.43 -24.06 -19.18
N ILE D 139 7.03 -24.54 -18.09
CA ILE D 139 6.83 -23.96 -16.77
C ILE D 139 8.05 -23.13 -16.38
N CYS D 140 7.87 -21.82 -16.26
CA CYS D 140 8.95 -20.90 -15.90
C CYS D 140 8.71 -20.26 -14.54
N VAL D 141 9.46 -20.71 -13.54
CA VAL D 141 9.27 -20.28 -12.17
C VAL D 141 10.17 -19.12 -11.84
N ILE D 142 9.57 -17.97 -11.51
CA ILE D 142 10.33 -16.79 -11.06
C ILE D 142 10.39 -16.72 -9.53
N ALA D 143 9.38 -17.25 -8.87
CA ALA D 143 9.24 -17.19 -7.41
C ALA D 143 10.47 -17.68 -6.68
N ASN D 144 10.88 -16.93 -5.64
CA ASN D 144 12.07 -17.30 -4.85
C ASN D 144 11.74 -18.20 -3.68
N PRO D 145 12.76 -18.91 -3.14
CA PRO D 145 14.12 -19.02 -3.68
C PRO D 145 14.17 -20.05 -4.81
N VAL D 146 14.64 -19.64 -5.98
CA VAL D 146 14.60 -20.47 -7.19
C VAL D 146 15.29 -21.83 -7.01
N ASN D 147 16.39 -21.83 -6.24
CA ASN D 147 17.14 -23.05 -5.97
C ASN D 147 16.31 -24.14 -5.32
N SER D 148 15.24 -23.75 -4.63
CA SER D 148 14.35 -24.72 -4.00
C SER D 148 12.99 -24.86 -4.71
N THR D 149 12.54 -23.82 -5.40
CA THR D 149 11.20 -23.83 -6.02
C THR D 149 11.11 -24.70 -7.27
N ILE D 150 12.21 -24.78 -8.01
CA ILE D 150 12.26 -25.67 -9.18
C ILE D 150 12.19 -27.14 -8.73
N PRO D 151 12.98 -27.52 -7.70
CA PRO D 151 12.77 -28.87 -7.19
C PRO D 151 11.33 -29.15 -6.78
N ILE D 152 10.70 -28.17 -6.12
CA ILE D 152 9.29 -28.31 -5.72
C ILE D 152 8.42 -28.60 -6.93
N THR D 153 8.59 -27.81 -7.99
CA THR D 153 7.79 -27.98 -9.20
C THR D 153 7.97 -29.38 -9.80
N ALA D 154 9.24 -29.77 -9.97
CA ALA D 154 9.60 -31.07 -10.50
C ALA D 154 8.91 -32.20 -9.74
N GLU D 155 8.97 -32.15 -8.42
CA GLU D 155 8.39 -33.20 -7.59
C GLU D 155 6.87 -33.19 -7.58
N VAL D 156 6.27 -32.00 -7.65
CA VAL D 156 4.81 -31.90 -7.79
C VAL D 156 4.38 -32.51 -9.13
N PHE D 157 5.12 -32.20 -10.19
CA PHE D 157 4.83 -32.82 -11.49
C PHE D 157 5.03 -34.34 -11.47
N LYS D 158 6.03 -34.82 -10.73
CA LYS D 158 6.24 -36.26 -10.57
C LYS D 158 5.06 -36.94 -9.88
N LYS D 159 4.52 -36.32 -8.84
CA LYS D 159 3.35 -36.85 -8.13
C LYS D 159 2.14 -37.08 -9.03
N HIS D 160 1.96 -36.24 -10.04
CA HIS D 160 0.84 -36.36 -10.98
C HIS D 160 1.23 -37.06 -12.29
N GLY D 161 2.40 -37.72 -12.29
CA GLY D 161 2.84 -38.55 -13.41
C GLY D 161 2.97 -37.87 -14.77
N VAL D 162 3.40 -36.60 -14.77
CA VAL D 162 3.57 -35.84 -16.02
C VAL D 162 4.85 -35.01 -16.03
N TYR D 163 5.86 -35.48 -15.30
CA TYR D 163 7.13 -34.75 -15.21
C TYR D 163 7.92 -34.87 -16.51
N ASN D 164 8.21 -33.72 -17.12
CA ASN D 164 9.12 -33.65 -18.25
C ASN D 164 10.18 -32.61 -17.93
N PRO D 165 11.43 -33.07 -17.70
CA PRO D 165 12.51 -32.18 -17.25
C PRO D 165 12.97 -31.18 -18.30
N ASN D 166 12.59 -31.40 -19.56
CA ASN D 166 12.89 -30.45 -20.64
C ASN D 166 11.98 -29.21 -20.63
N LYS D 167 10.93 -29.20 -19.81
CA LYS D 167 9.92 -28.13 -19.84
C LYS D 167 9.86 -27.23 -18.59
N ILE D 168 10.64 -27.56 -17.56
CA ILE D 168 10.64 -26.83 -16.30
C ILE D 168 11.89 -25.97 -16.16
N PHE D 169 11.70 -24.66 -16.03
CA PHE D 169 12.79 -23.67 -16.01
C PHE D 169 12.74 -22.75 -14.80
N GLY D 170 13.88 -22.57 -14.15
CA GLY D 170 14.06 -21.56 -13.13
C GLY D 170 14.69 -20.34 -13.77
N VAL D 171 13.96 -19.24 -13.80
CA VAL D 171 14.42 -18.06 -14.51
C VAL D 171 15.57 -17.39 -13.75
N THR D 172 16.78 -17.62 -14.23
CA THR D 172 17.97 -16.96 -13.70
C THR D 172 18.35 -15.78 -14.57
N THR D 173 17.56 -15.56 -15.62
CA THR D 173 17.92 -14.61 -16.66
C THR D 173 18.43 -13.26 -16.16
N LEU D 174 17.83 -12.73 -15.10
CA LEU D 174 18.21 -11.41 -14.59
C LEU D 174 19.69 -11.33 -14.19
N ASP D 175 20.21 -12.43 -13.62
CA ASP D 175 21.66 -12.54 -13.33
C ASP D 175 22.52 -12.28 -14.57
N ILE D 176 22.09 -12.81 -15.71
CA ILE D 176 22.80 -12.61 -16.97
C ILE D 176 22.67 -11.16 -17.44
N VAL D 177 21.44 -10.63 -17.37
CA VAL D 177 21.19 -9.24 -17.74
C VAL D 177 22.04 -8.26 -16.91
N ARG D 178 22.21 -8.55 -15.62
CA ARG D 178 23.05 -7.72 -14.75
C ARG D 178 24.53 -7.85 -15.12
N ALA D 179 24.95 -9.08 -15.37
CA ALA D 179 26.34 -9.34 -15.77
C ALA D 179 26.65 -8.57 -17.04
N ASN D 180 25.77 -8.68 -18.03
CA ASN D 180 25.93 -7.94 -19.28
C ASN D 180 26.09 -6.44 -19.03
N THR D 181 25.23 -5.88 -18.18
CA THR D 181 25.20 -4.44 -17.97
C THR D 181 26.45 -3.93 -17.26
N PHE D 182 26.87 -4.61 -16.19
CA PHE D 182 28.03 -4.13 -15.41
C PHE D 182 29.32 -4.23 -16.22
N VAL D 183 29.50 -5.36 -16.90
CA VAL D 183 30.63 -5.54 -17.80
C VAL D 183 30.64 -4.45 -18.87
N ALA D 184 29.48 -4.21 -19.49
CA ALA D 184 29.36 -3.18 -20.53
C ALA D 184 29.59 -1.75 -20.03
N GLU D 185 29.38 -1.51 -18.74
CA GLU D 185 29.63 -0.19 -18.16
C GLU D 185 31.13 0.01 -17.95
N LEU D 186 31.78 -1.04 -17.47
CA LEU D 186 33.22 -0.99 -17.18
C LEU D 186 34.07 -0.88 -18.44
N LYS D 187 33.65 -1.53 -19.52
CA LYS D 187 34.42 -1.54 -20.77
C LYS D 187 33.87 -0.58 -21.84
N GLY D 188 32.97 0.32 -21.43
CA GLY D 188 32.40 1.31 -22.35
C GLY D 188 31.82 0.70 -23.60
N LEU D 189 31.20 -0.47 -23.45
CA LEU D 189 30.59 -1.18 -24.57
C LEU D 189 29.09 -0.96 -24.56
N ASP D 190 28.47 -1.22 -25.71
CA ASP D 190 27.02 -1.30 -25.79
C ASP D 190 26.60 -2.63 -25.16
N PRO D 191 25.76 -2.58 -24.10
CA PRO D 191 25.36 -3.81 -23.42
C PRO D 191 24.51 -4.79 -24.25
N ALA D 192 23.90 -4.30 -25.33
CA ALA D 192 23.17 -5.18 -26.25
C ALA D 192 24.11 -6.11 -27.04
N ARG D 193 25.40 -5.74 -27.11
CA ARG D 193 26.40 -6.57 -27.77
C ARG D 193 27.36 -7.20 -26.75
N VAL D 194 26.81 -7.65 -25.63
CA VAL D 194 27.58 -8.33 -24.58
C VAL D 194 26.77 -9.52 -24.10
N ASN D 195 27.44 -10.66 -23.89
CA ASN D 195 26.80 -11.82 -23.30
C ASN D 195 27.76 -12.51 -22.34
N VAL D 196 27.42 -12.49 -21.05
CA VAL D 196 28.15 -13.25 -20.05
C VAL D 196 27.29 -14.44 -19.67
N PRO D 197 27.81 -15.66 -19.86
CA PRO D 197 27.09 -16.80 -19.28
C PRO D 197 27.22 -16.78 -17.76
N VAL D 198 26.11 -17.04 -17.06
CA VAL D 198 26.09 -17.16 -15.61
C VAL D 198 25.56 -18.54 -15.26
N ILE D 199 26.18 -19.22 -14.31
CA ILE D 199 25.86 -20.62 -14.03
C ILE D 199 25.72 -20.88 -12.54
N GLY D 200 25.28 -22.08 -12.20
CA GLY D 200 25.09 -22.50 -10.81
C GLY D 200 23.62 -22.41 -10.39
N GLY D 201 23.30 -21.38 -9.62
CA GLY D 201 21.94 -21.15 -9.14
C GLY D 201 21.66 -19.67 -8.98
N HIS D 202 20.62 -19.35 -8.22
CA HIS D 202 20.15 -17.98 -8.08
C HIS D 202 20.08 -17.52 -6.62
N ALA D 203 21.22 -17.57 -5.93
CA ALA D 203 21.29 -17.11 -4.54
C ALA D 203 22.73 -16.94 -4.06
N GLY D 204 23.14 -15.71 -3.80
CA GLY D 204 24.46 -15.43 -3.23
C GLY D 204 25.62 -16.03 -4.02
N LYS D 205 26.40 -16.87 -3.34
CA LYS D 205 27.62 -17.46 -3.91
C LYS D 205 27.35 -18.43 -5.05
N THR D 206 26.13 -18.98 -5.12
CA THR D 206 25.78 -19.91 -6.20
C THR D 206 25.66 -19.25 -7.57
N ILE D 207 25.58 -17.93 -7.60
CA ILE D 207 25.52 -17.20 -8.86
C ILE D 207 26.96 -17.05 -9.33
N ILE D 208 27.31 -17.74 -10.41
CA ILE D 208 28.70 -17.76 -10.87
C ILE D 208 28.79 -17.24 -12.30
N PRO D 209 29.16 -15.98 -12.47
CA PRO D 209 29.26 -15.43 -13.82
C PRO D 209 30.58 -15.82 -14.45
N LEU D 210 30.50 -16.53 -15.57
CA LEU D 210 31.69 -16.98 -16.28
C LEU D 210 32.20 -15.85 -17.16
N ILE D 211 32.93 -14.93 -16.55
CA ILE D 211 33.46 -13.77 -17.27
C ILE D 211 34.49 -14.18 -18.34
N SER D 212 35.19 -15.29 -18.11
CA SER D 212 36.16 -15.82 -19.08
C SER D 212 35.49 -16.23 -20.40
N GLN D 213 34.23 -16.67 -20.31
CA GLN D 213 33.45 -17.03 -21.48
C GLN D 213 32.66 -15.86 -22.07
N CYS D 214 32.95 -14.64 -21.64
CA CYS D 214 32.22 -13.47 -22.13
C CYS D 214 32.50 -13.26 -23.62
N THR D 215 31.51 -12.71 -24.34
CA THR D 215 31.72 -12.22 -25.71
C THR D 215 31.20 -10.78 -25.80
N PRO D 216 32.03 -9.85 -26.30
CA PRO D 216 33.39 -10.02 -26.76
C PRO D 216 34.33 -10.25 -25.58
N LYS D 217 35.48 -10.83 -25.83
CA LYS D 217 36.40 -11.21 -24.76
C LYS D 217 36.83 -9.98 -23.97
N VAL D 218 36.83 -10.11 -22.65
CA VAL D 218 37.30 -9.06 -21.76
C VAL D 218 38.17 -9.70 -20.69
N ASP D 219 39.13 -8.94 -20.18
CA ASP D 219 39.96 -9.39 -19.07
C ASP D 219 40.14 -8.25 -18.08
N PHE D 220 39.95 -8.58 -16.80
CA PHE D 220 40.08 -7.64 -15.72
C PHE D 220 41.20 -8.13 -14.82
N PRO D 221 41.92 -7.21 -14.17
CA PRO D 221 42.78 -7.68 -13.10
C PRO D 221 41.96 -8.36 -12.00
N GLN D 222 42.57 -9.32 -11.30
CA GLN D 222 41.86 -10.11 -10.29
C GLN D 222 41.07 -9.25 -9.29
N ASP D 223 41.63 -8.10 -8.91
CA ASP D 223 40.96 -7.21 -7.94
C ASP D 223 39.65 -6.61 -8.50
N GLN D 224 39.67 -6.18 -9.76
CA GLN D 224 38.46 -5.70 -10.42
C GLN D 224 37.51 -6.86 -10.69
N LEU D 225 38.07 -8.03 -11.00
CA LEU D 225 37.25 -9.20 -11.35
C LEU D 225 36.43 -9.74 -10.17
N THR D 226 37.03 -9.72 -8.99
CA THR D 226 36.36 -10.19 -7.78
C THR D 226 35.24 -9.25 -7.38
N ALA D 227 35.49 -7.94 -7.48
CA ALA D 227 34.49 -6.92 -7.20
C ALA D 227 33.29 -7.04 -8.15
N LEU D 228 33.58 -7.16 -9.44
CA LEU D 228 32.56 -7.39 -10.46
C LEU D 228 31.71 -8.61 -10.12
N THR D 229 32.37 -9.71 -9.78
CA THR D 229 31.69 -10.94 -9.41
C THR D 229 30.82 -10.73 -8.16
N GLY D 230 31.36 -10.02 -7.16
CA GLY D 230 30.61 -9.68 -5.96
C GLY D 230 29.36 -8.85 -6.26
N ARG D 231 29.52 -7.82 -7.08
CA ARG D 231 28.43 -6.95 -7.50
C ARG D 231 27.29 -7.73 -8.19
N ILE D 232 27.65 -8.69 -9.02
CA ILE D 232 26.67 -9.52 -9.71
C ILE D 232 25.94 -10.45 -8.74
N GLN D 233 26.69 -11.05 -7.82
CA GLN D 233 26.13 -11.99 -6.87
C GLN D 233 25.13 -11.36 -5.91
N GLU D 234 25.39 -10.14 -5.47
CA GLU D 234 24.57 -9.48 -4.47
C GLU D 234 23.71 -8.34 -5.06
N ALA D 235 23.58 -8.32 -6.38
CA ALA D 235 22.83 -7.28 -7.09
C ALA D 235 21.35 -7.18 -6.64
N GLY D 236 20.70 -8.32 -6.47
CA GLY D 236 19.31 -8.34 -6.00
C GLY D 236 19.15 -7.71 -4.63
N THR D 237 20.10 -8.01 -3.72
CA THR D 237 20.09 -7.43 -2.39
C THR D 237 20.28 -5.91 -2.45
N GLU D 238 21.06 -5.44 -3.42
CA GLU D 238 21.31 -4.01 -3.56
C GLU D 238 20.02 -3.25 -3.92
N VAL D 239 19.24 -3.79 -4.85
CA VAL D 239 17.98 -3.17 -5.25
C VAL D 239 16.99 -3.16 -4.07
N VAL D 240 16.95 -4.23 -3.31
CA VAL D 240 16.16 -4.27 -2.09
C VAL D 240 16.61 -3.15 -1.14
N LYS D 241 17.91 -3.03 -0.91
CA LYS D 241 18.44 -1.95 -0.07
C LYS D 241 18.00 -0.58 -0.60
N ALA D 242 18.17 -0.37 -1.90
CA ALA D 242 17.77 0.89 -2.53
C ALA D 242 16.27 1.20 -2.39
N LYS D 243 15.43 0.16 -2.33
CA LYS D 243 13.99 0.34 -2.23
C LYS D 243 13.46 0.50 -0.78
N ALA D 244 14.32 0.33 0.22
CA ALA D 244 14.00 0.59 1.63
C ALA D 244 12.65 0.03 2.10
N GLY D 245 12.40 -1.23 1.78
CA GLY D 245 11.18 -1.91 2.22
C GLY D 245 10.04 -1.90 1.20
N ALA D 246 10.22 -1.17 0.10
CA ALA D 246 9.20 -1.12 -0.95
C ALA D 246 9.22 -2.34 -1.87
N GLY D 247 10.00 -3.37 -1.53
CA GLY D 247 10.02 -4.61 -2.28
C GLY D 247 11.35 -4.87 -2.96
N SER D 248 11.34 -5.79 -3.91
CA SER D 248 12.55 -6.22 -4.62
C SER D 248 12.51 -5.76 -6.07
N ALA D 249 13.48 -6.17 -6.88
CA ALA D 249 13.53 -5.80 -8.30
C ALA D 249 12.27 -6.23 -9.04
N THR D 250 11.62 -5.28 -9.70
CA THR D 250 10.36 -5.55 -10.39
C THR D 250 10.46 -5.32 -11.90
N LEU D 251 10.95 -4.14 -12.29
CA LEU D 251 10.96 -3.74 -13.70
C LEU D 251 12.04 -4.53 -14.47
N SER D 252 13.25 -4.59 -13.92
CA SER D 252 14.31 -5.40 -14.50
C SER D 252 13.92 -6.87 -14.57
N MET D 253 13.20 -7.36 -13.58
CA MET D 253 12.77 -8.76 -13.58
C MET D 253 11.70 -9.00 -14.64
N ALA D 254 10.83 -8.02 -14.83
CA ALA D 254 9.86 -8.06 -15.92
C ALA D 254 10.59 -8.10 -17.26
N TYR D 255 11.66 -7.31 -17.39
CA TYR D 255 12.50 -7.36 -18.58
C TYR D 255 13.12 -8.74 -18.75
N ALA D 256 13.82 -9.21 -17.73
CA ALA D 256 14.53 -10.50 -17.78
C ALA D 256 13.59 -11.66 -18.07
N GLY D 257 12.42 -11.64 -17.44
CA GLY D 257 11.43 -12.72 -17.61
C GLY D 257 10.78 -12.71 -18.98
N ALA D 258 10.53 -11.52 -19.51
CA ALA D 258 9.93 -11.39 -20.83
C ALA D 258 10.91 -11.90 -21.88
N ARG D 259 12.16 -11.43 -21.78
CA ARG D 259 13.27 -11.93 -22.60
C ARG D 259 13.29 -13.46 -22.65
N PHE D 260 13.22 -14.10 -21.49
CA PHE D 260 13.28 -15.54 -21.41
C PHE D 260 12.09 -16.21 -22.10
N VAL D 261 10.88 -15.71 -21.82
CA VAL D 261 9.67 -16.25 -22.45
C VAL D 261 9.74 -16.07 -23.96
N PHE D 262 10.28 -14.93 -24.40
CA PHE D 262 10.42 -14.67 -25.83
C PHE D 262 11.37 -15.67 -26.49
N SER D 263 12.53 -15.88 -25.89
CA SER D 263 13.49 -16.89 -26.35
C SER D 263 12.81 -18.25 -26.45
N LEU D 264 12.07 -18.60 -25.42
CA LEU D 264 11.43 -19.90 -25.31
C LEU D 264 10.34 -20.08 -26.36
N VAL D 265 9.65 -18.99 -26.71
CA VAL D 265 8.58 -19.03 -27.70
C VAL D 265 9.17 -18.99 -29.13
N ASP D 266 10.25 -18.23 -29.32
CA ASP D 266 10.99 -18.23 -30.57
C ASP D 266 11.45 -19.65 -30.94
N ALA D 267 12.08 -20.32 -29.98
CA ALA D 267 12.53 -21.70 -30.16
C ALA D 267 11.35 -22.64 -30.41
N MET D 268 10.25 -22.44 -29.68
CA MET D 268 9.04 -23.25 -29.89
C MET D 268 8.49 -23.11 -31.31
N ASN D 269 8.74 -21.96 -31.95
CA ASN D 269 8.37 -21.74 -33.35
C ASN D 269 9.43 -22.22 -34.36
N GLY D 270 10.44 -22.93 -33.87
CA GLY D 270 11.47 -23.51 -34.72
C GLY D 270 12.65 -22.63 -35.00
N LYS D 271 12.81 -21.53 -34.25
CA LYS D 271 13.99 -20.69 -34.44
C LYS D 271 15.24 -21.40 -33.88
N GLU D 272 16.38 -21.11 -34.51
CA GLU D 272 17.62 -21.81 -34.23
C GLU D 272 18.67 -20.88 -33.62
N GLY D 273 19.56 -21.45 -32.84
CA GLY D 273 20.64 -20.70 -32.20
C GLY D 273 20.19 -19.95 -30.96
N VAL D 274 19.06 -20.34 -30.38
CA VAL D 274 18.50 -19.65 -29.21
C VAL D 274 19.07 -20.25 -27.92
N VAL D 275 19.88 -19.47 -27.23
CA VAL D 275 20.57 -19.95 -26.03
C VAL D 275 20.28 -19.10 -24.80
N GLU D 276 19.85 -19.75 -23.73
CA GLU D 276 19.60 -19.07 -22.47
C GLU D 276 20.09 -19.91 -21.31
N CYS D 277 20.72 -19.27 -20.34
CA CYS D 277 20.98 -19.91 -19.06
C CYS D 277 19.68 -20.07 -18.30
N SER D 278 19.53 -21.19 -17.60
CA SER D 278 18.40 -21.41 -16.73
C SER D 278 18.63 -22.58 -15.81
N PHE D 279 18.03 -22.51 -14.63
CA PHE D 279 18.17 -23.51 -13.59
C PHE D 279 17.18 -24.63 -13.88
N VAL D 280 17.72 -25.80 -14.22
CA VAL D 280 16.93 -26.94 -14.67
C VAL D 280 17.49 -28.25 -14.14
N LYS D 281 16.76 -29.34 -14.36
CA LYS D 281 17.28 -30.68 -14.13
C LYS D 281 18.60 -30.82 -14.89
N SER D 282 19.64 -31.30 -14.21
CA SER D 282 20.99 -31.30 -14.78
C SER D 282 21.82 -32.47 -14.28
N GLN D 283 22.71 -32.95 -15.14
CA GLN D 283 23.74 -33.91 -14.76
C GLN D 283 25.13 -33.37 -15.10
N GLU D 284 25.24 -32.06 -15.30
CA GLU D 284 26.52 -31.42 -15.60
C GLU D 284 27.41 -31.38 -14.37
N THR D 285 26.80 -31.48 -13.19
CA THR D 285 27.53 -31.57 -11.93
C THR D 285 26.85 -32.60 -11.03
N GLU D 286 27.40 -32.82 -9.85
CA GLU D 286 26.76 -33.69 -8.86
C GLU D 286 25.46 -33.09 -8.26
N CYS D 287 25.16 -31.84 -8.58
CA CYS D 287 23.86 -31.26 -8.26
C CYS D 287 22.80 -31.75 -9.23
N THR D 288 21.72 -32.31 -8.69
CA THR D 288 20.58 -32.78 -9.51
C THR D 288 19.83 -31.65 -10.25
N TYR D 289 19.97 -30.41 -9.77
CA TYR D 289 19.54 -29.22 -10.52
C TYR D 289 20.68 -28.21 -10.58
N PHE D 290 20.78 -27.47 -11.68
CA PHE D 290 21.93 -26.58 -11.94
C PHE D 290 21.64 -25.71 -13.16
N SER D 291 22.19 -24.51 -13.16
CA SER D 291 22.01 -23.58 -14.26
C SER D 291 23.23 -23.52 -15.17
N THR D 292 23.01 -23.75 -16.47
CA THR D 292 24.03 -23.61 -17.50
C THR D 292 23.35 -23.14 -18.78
N PRO D 293 24.13 -22.63 -19.76
CA PRO D 293 23.52 -22.24 -21.02
C PRO D 293 22.77 -23.41 -21.66
N LEU D 294 21.60 -23.11 -22.23
CA LEU D 294 20.72 -24.13 -22.78
C LEU D 294 20.39 -23.79 -24.20
N LEU D 295 20.50 -24.77 -25.09
CA LEU D 295 19.99 -24.63 -26.43
C LEU D 295 18.52 -24.98 -26.37
N LEU D 296 17.67 -24.06 -26.81
CA LEU D 296 16.22 -24.23 -26.71
C LEU D 296 15.62 -24.55 -28.07
N GLY D 297 14.69 -25.51 -28.08
CA GLY D 297 14.00 -25.92 -29.30
C GLY D 297 12.53 -26.17 -29.06
N LYS D 298 11.95 -27.00 -29.91
CA LYS D 298 10.50 -27.20 -29.94
C LYS D 298 9.97 -28.08 -28.81
N LYS D 299 10.84 -28.88 -28.22
CA LYS D 299 10.48 -29.69 -27.05
C LYS D 299 10.91 -29.02 -25.73
N GLY D 300 11.28 -27.75 -25.79
CA GLY D 300 11.86 -27.06 -24.64
C GLY D 300 13.37 -27.11 -24.69
N ILE D 301 13.99 -27.86 -23.78
CA ILE D 301 15.45 -28.02 -23.79
C ILE D 301 15.83 -28.94 -24.95
N GLU D 302 16.59 -28.40 -25.90
CA GLU D 302 17.11 -29.20 -27.01
C GLU D 302 18.40 -29.87 -26.56
N LYS D 303 19.31 -29.09 -25.98
CA LYS D 303 20.58 -29.60 -25.49
C LYS D 303 21.16 -28.71 -24.39
N ASN D 304 21.59 -29.34 -23.31
CA ASN D 304 22.36 -28.66 -22.28
C ASN D 304 23.78 -28.43 -22.83
N LEU D 305 24.17 -27.16 -22.96
CA LEU D 305 25.47 -26.83 -23.55
C LEU D 305 26.62 -26.99 -22.56
N GLY D 306 26.28 -27.20 -21.29
CA GLY D 306 27.28 -27.51 -20.26
C GLY D 306 28.07 -26.31 -19.78
N ILE D 307 28.87 -26.54 -18.74
CA ILE D 307 29.70 -25.51 -18.13
C ILE D 307 30.74 -24.93 -19.09
N GLY D 308 31.43 -25.83 -19.80
CA GLY D 308 32.51 -25.42 -20.69
C GLY D 308 33.84 -25.26 -19.97
N LYS D 309 34.79 -24.62 -20.65
CA LYS D 309 36.12 -24.41 -20.10
C LYS D 309 36.13 -23.15 -19.23
N VAL D 310 36.53 -23.31 -17.97
CA VAL D 310 36.51 -22.22 -17.00
C VAL D 310 37.88 -21.98 -16.38
N SER D 311 38.08 -20.77 -15.87
CA SER D 311 39.32 -20.39 -15.17
C SER D 311 39.37 -21.01 -13.78
N SER D 312 40.53 -20.91 -13.14
CA SER D 312 40.72 -21.44 -11.79
C SER D 312 39.76 -20.74 -10.83
N PHE D 313 39.73 -19.41 -10.89
CA PHE D 313 38.81 -18.61 -10.09
C PHE D 313 37.38 -19.14 -10.22
N GLU D 314 36.94 -19.34 -11.45
CA GLU D 314 35.58 -19.81 -11.72
C GLU D 314 35.34 -21.25 -11.22
N GLU D 315 36.31 -22.13 -11.45
CA GLU D 315 36.20 -23.53 -10.98
C GLU D 315 36.11 -23.59 -9.46
N LYS D 316 36.85 -22.71 -8.79
CA LYS D 316 36.83 -22.63 -7.33
C LYS D 316 35.45 -22.23 -6.80
N MET D 317 34.85 -21.22 -7.43
CA MET D 317 33.49 -20.80 -7.08
C MET D 317 32.47 -21.92 -7.24
N ILE D 318 32.62 -22.73 -8.29
CA ILE D 318 31.71 -23.84 -8.53
C ILE D 318 31.81 -24.83 -7.38
N SER D 319 33.03 -25.19 -7.00
CA SER D 319 33.27 -26.14 -5.91
C SER D 319 32.66 -25.65 -4.59
N ASP D 320 32.88 -24.38 -4.28
CA ASP D 320 32.33 -23.75 -3.08
C ASP D 320 30.80 -23.70 -3.10
N ALA D 321 30.22 -23.50 -4.28
CA ALA D 321 28.77 -23.37 -4.43
C ALA D 321 28.03 -24.67 -4.15
N ILE D 322 28.58 -25.79 -4.61
CA ILE D 322 27.84 -27.06 -4.66
C ILE D 322 27.12 -27.46 -3.38
N PRO D 323 27.77 -27.34 -2.22
CA PRO D 323 27.07 -27.74 -0.98
C PRO D 323 25.80 -26.92 -0.65
N GLU D 324 25.80 -25.63 -1.00
CA GLU D 324 24.63 -24.76 -0.78
C GLU D 324 23.45 -25.13 -1.69
N LEU D 325 23.75 -25.38 -2.97
CA LEU D 325 22.75 -25.83 -3.94
C LEU D 325 22.13 -27.15 -3.51
N LYS D 326 22.98 -28.08 -3.10
CA LYS D 326 22.52 -29.39 -2.62
C LYS D 326 21.52 -29.22 -1.47
N ALA D 327 21.85 -28.37 -0.50
CA ALA D 327 20.95 -28.10 0.63
C ALA D 327 19.62 -27.48 0.18
N SER D 328 19.70 -26.44 -0.65
CA SER D 328 18.51 -25.79 -1.21
C SER D 328 17.64 -26.78 -1.99
N ILE D 329 18.28 -27.63 -2.80
CA ILE D 329 17.56 -28.67 -3.53
C ILE D 329 16.91 -29.65 -2.56
N LYS D 330 17.66 -30.06 -1.53
CA LYS D 330 17.16 -31.00 -0.53
C LYS D 330 15.96 -30.43 0.22
N LYS D 331 16.03 -29.15 0.55
CA LYS D 331 14.96 -28.48 1.27
C LYS D 331 13.64 -28.55 0.48
N GLY D 332 13.72 -28.28 -0.82
CA GLY D 332 12.56 -28.32 -1.69
C GLY D 332 11.96 -29.69 -1.83
N GLU D 333 12.80 -30.69 -2.07
CA GLU D 333 12.35 -32.08 -2.16
C GLU D 333 11.65 -32.51 -0.87
N ASP D 334 12.29 -32.21 0.26
CA ASP D 334 11.75 -32.59 1.57
C ASP D 334 10.37 -31.98 1.83
N PHE D 335 10.15 -30.77 1.33
CA PHE D 335 8.86 -30.10 1.47
C PHE D 335 7.74 -30.88 0.80
N VAL D 336 7.98 -31.34 -0.43
CA VAL D 336 6.96 -32.06 -1.17
C VAL D 336 6.65 -33.42 -0.55
N LYS D 337 7.62 -33.98 0.18
CA LYS D 337 7.36 -35.21 0.93
C LYS D 337 6.39 -35.01 2.10
N THR D 338 6.21 -33.77 2.54
CA THR D 338 5.28 -33.45 3.64
C THR D 338 3.85 -33.22 3.18
N LEU D 339 3.60 -33.25 1.87
CA LEU D 339 2.24 -33.04 1.33
C LEU D 339 1.55 -34.39 1.10
PA NAI E . 4.37 -3.27 10.10
O1A NAI E . 5.06 -3.69 8.88
O2A NAI E . 2.91 -2.97 10.03
O5B NAI E . 5.14 -1.97 10.61
C5B NAI E . 6.49 -2.06 10.98
C4B NAI E . 7.02 -0.64 11.24
O4B NAI E . 8.43 -0.75 11.61
C3B NAI E . 6.95 0.27 9.99
O3B NAI E . 6.33 1.53 10.35
C2B NAI E . 8.41 0.50 9.60
O2B NAI E . 8.64 1.82 9.06
C1B NAI E . 9.10 0.39 10.97
N9A NAI E . 10.59 0.24 10.82
C8A NAI E . 11.29 -0.62 10.09
N7A NAI E . 12.58 -0.35 10.30
C5A NAI E . 12.68 0.69 11.13
C6A NAI E . 13.73 1.35 11.64
N6A NAI E . 14.95 0.94 11.29
N1A NAI E . 13.59 2.37 12.49
C2A NAI E . 12.30 2.78 12.84
N3A NAI E . 11.22 2.07 12.28
C4A NAI E . 11.44 1.04 11.45
O3 NAI E . 4.60 -4.43 11.24
PN NAI E . 3.76 -4.54 12.63
O1N NAI E . 2.52 -5.27 12.37
O2N NAI E . 3.75 -3.17 13.19
O5D NAI E . 4.66 -5.53 13.55
C5D NAI E . 5.93 -5.07 14.06
C4D NAI E . 6.60 -6.25 14.75
O4D NAI E . 5.79 -6.70 15.89
C3D NAI E . 6.76 -7.48 13.84
O3D NAI E . 8.12 -7.90 13.85
C2D NAI E . 5.87 -8.52 14.47
O2D NAI E . 6.41 -9.85 14.30
C1D NAI E . 5.92 -8.12 15.94
N1N NAI E . 4.80 -8.65 16.75
C2N NAI E . 5.04 -9.06 18.07
C3N NAI E . 4.01 -9.57 18.88
C7N NAI E . 4.23 -10.00 20.21
O7N NAI E . 3.29 -10.44 20.87
N7N NAI E . 5.44 -9.90 20.73
C4N NAI E . 2.69 -9.64 18.38
C5N NAI E . 2.48 -9.22 17.07
C6N NAI E . 3.49 -8.73 16.26
O1 OAA F . 4.19 -12.55 13.86
O2 OAA F . 2.92 -13.97 15.05
O4 OAA F . 0.75 -12.49 17.09
O5 OAA F . 1.64 -13.37 18.88
O3 OAA F . 4.16 -12.75 17.92
C1 OAA F . 3.47 -12.87 14.84
C2 OAA F . 3.25 -11.81 15.89
C3 OAA F . 3.16 -12.48 17.25
C4 OAA F . 1.76 -12.80 17.77
PA NAI G . -9.21 4.31 4.06
O1A NAI G . -8.98 4.24 2.60
O2A NAI G . -8.10 4.02 4.99
O5B NAI G . -10.42 3.29 4.37
C5B NAI G . -11.63 3.37 3.63
C4B NAI G . -12.45 2.14 4.05
O4B NAI G . -13.77 2.21 3.40
C3B NAI G . -11.79 0.86 3.54
O3B NAI G . -11.96 -0.18 4.52
C2B NAI G . -12.59 0.53 2.30
O2B NAI G . -12.52 -0.88 1.99
C1B NAI G . -13.98 0.93 2.78
N9A NAI G . -14.97 0.92 1.65
C8A NAI G . -14.85 1.44 0.43
N7A NAI G . -15.96 1.16 -0.24
C5A NAI G . -16.77 0.45 0.55
C6A NAI G . -17.99 -0.08 0.35
N6A NAI G . -18.54 0.12 -0.84
N1A NAI G . -18.62 -0.78 1.31
C2A NAI G . -17.98 -0.95 2.55
N3A NAI G . -16.72 -0.39 2.73
C4A NAI G . -16.14 0.29 1.72
O3 NAI G . -9.87 5.78 4.43
PN NAI G . -10.10 6.40 5.95
O1N NAI G . -8.91 7.21 6.32
O2N NAI G . -10.57 5.32 6.85
O5D NAI G . -11.33 7.47 5.67
C5D NAI G . -12.66 6.97 5.46
C4D NAI G . -13.61 8.16 5.29
O4D NAI G . -13.67 8.90 6.53
C3D NAI G . -13.15 9.15 4.21
O3D NAI G . -14.28 9.59 3.44
C2D NAI G . -12.58 10.31 5.00
O2D NAI G . -12.66 11.55 4.26
C1D NAI G . -13.56 10.32 6.19
N1N NAI G . -13.12 11.14 7.35
C2N NAI G . -14.07 11.92 8.02
C3N NAI G . -13.74 12.73 9.12
C7N NAI G . -14.70 13.51 9.81
O7N NAI G . -14.35 14.21 10.76
N7N NAI G . -15.98 13.48 9.40
C4N NAI G . -12.41 12.77 9.58
C5N NAI G . -11.47 11.98 8.89
C6N NAI G . -11.80 11.18 7.80
O1 OAA H . -10.41 14.16 4.59
O2 OAA H . -9.91 16.00 5.79
O4 OAA H . -9.69 15.50 9.12
O5 OAA H . -11.44 16.72 9.57
O3 OAA H . -12.80 15.50 7.53
C1 OAA H . -10.35 14.83 5.65
C2 OAA H . -10.89 14.15 6.90
C3 OAA H . -11.63 15.19 7.75
C4 OAA H . -10.87 15.83 8.88
PA NAI I . -0.21 6.92 -9.05
O1A NAI I . -0.77 7.46 -7.80
O2A NAI I . -0.05 5.47 -9.21
O5B NAI I . 1.24 7.62 -9.20
C5B NAI I . 1.33 9.01 -9.40
C4B NAI I . 2.80 9.41 -9.20
O4B NAI I . 2.86 10.89 -9.17
C3B NAI I . 3.34 8.93 -7.85
O3B NAI I . 4.68 8.43 -8.03
C2B NAI I . 3.36 10.17 -6.99
O2B NAI I . 4.39 10.11 -5.99
C1B NAI I . 3.67 11.25 -8.03
N9A NAI I . 3.43 12.63 -7.47
C8A NAI I . 2.43 13.08 -6.71
N7A NAI I . 2.66 14.37 -6.45
C5A NAI I . 3.80 14.72 -7.05
C6A NAI I . 4.47 15.88 -7.11
N6A NAI I . 3.94 16.93 -6.46
N1A NAI I . 5.62 16.01 -7.77
C2A NAI I . 6.14 14.89 -8.43
N3A NAI I . 5.43 13.69 -8.36
C4A NAI I . 4.27 13.64 -7.67
O3 NAI I . -1.10 7.50 -10.34
PN NAI I . -1.01 7.06 -11.94
O1N NAI I . -1.95 5.94 -12.22
O2N NAI I . 0.42 6.94 -12.31
O5D NAI I . -1.65 8.35 -12.65
C5D NAI I . -1.06 9.66 -12.54
C4D NAI I . -1.90 10.56 -13.44
O4D NAI I . -2.06 10.02 -14.76
C3D NAI I . -3.33 10.69 -12.86
O3D NAI I . -3.75 12.08 -12.89
C2D NAI I . -4.19 9.88 -13.81
O2D NAI I . -5.56 10.34 -13.81
C1D NAI I . -3.46 10.18 -15.12
N1N NAI I . -3.85 9.30 -16.26
C2N NAI I . -3.96 9.87 -17.54
C3N NAI I . -4.32 9.11 -18.67
C7N NAI I . -4.44 9.67 -19.95
O7N NAI I . -4.78 8.98 -20.91
N7N NAI I . -4.23 10.99 -20.11
C4N NAI I . -4.56 7.73 -18.53
C5N NAI I . -4.41 7.18 -17.25
C6N NAI I . -4.07 7.93 -16.13
O1 OAA J . -7.92 9.21 -14.55
O2 OAA J . -9.40 8.12 -15.84
O4 OAA J . -8.27 7.63 -20.13
O5 OAA J . -7.76 6.30 -18.49
O3 OAA J . -7.78 9.78 -18.50
C1 OAA J . -8.26 8.60 -15.59
C2 OAA J . -7.19 8.36 -16.63
C3 OAA J . -7.67 8.64 -18.06
C4 OAA J . -7.91 7.45 -18.94
PA NAI K . 4.61 -8.66 -5.10
O1A NAI K . 4.16 -8.76 -3.69
O2A NAI K . 4.61 -7.35 -5.78
O5B NAI K . 3.85 -9.75 -5.94
C5B NAI K . 3.06 -10.62 -5.23
C4B NAI K . 2.09 -11.18 -6.26
O4B NAI K . 1.99 -12.62 -6.05
C3B NAI K . 0.72 -10.55 -5.99
O3B NAI K . 0.02 -10.30 -7.20
C2B NAI K . 0.07 -11.62 -5.18
O2B NAI K . -1.35 -11.52 -5.28
C1B NAI K . 0.58 -12.88 -5.89
N9A NAI K . 0.30 -14.09 -5.08
C8A NAI K . 0.64 -14.41 -3.84
N7A NAI K . 0.12 -15.62 -3.59
C5A NAI K . -0.53 -16.04 -4.66
C6A NAI K . -1.22 -17.14 -4.93
N6A NAI K . -1.30 -18.06 -3.96
N1A NAI K . -1.82 -17.34 -6.11
C2A NAI K . -1.72 -16.34 -7.09
N3A NAI K . -1.00 -15.20 -6.80
C4A NAI K . -0.42 -15.08 -5.59
O3 NAI K . 6.10 -9.31 -5.28
PN NAI K . 6.90 -9.35 -6.72
O1N NAI K . 7.80 -8.17 -6.74
O2N NAI K . 5.94 -9.55 -7.84
O5D NAI K . 7.80 -10.71 -6.50
C5D NAI K . 7.23 -12.00 -6.75
C4D NAI K . 8.33 -13.05 -6.58
O4D NAI K . 9.39 -12.82 -7.52
C3D NAI K . 8.97 -13.01 -5.18
O3D NAI K . 9.08 -14.34 -4.67
C2D NAI K . 10.34 -12.44 -5.44
O2D NAI K . 11.28 -12.88 -4.45
C1D NAI K . 10.62 -13.06 -6.80
N1N NAI K . 11.73 -12.47 -7.58
C2N NAI K . 12.54 -13.31 -8.34
C3N NAI K . 13.60 -12.81 -9.11
C7N NAI K . 14.45 -13.66 -9.88
O7N NAI K . 15.37 -13.18 -10.54
N7N NAI K . 14.23 -14.98 -9.86
C4N NAI K . 13.84 -11.43 -9.17
C5N NAI K . 13.00 -10.60 -8.41
C6N NAI K . 11.95 -11.09 -7.64
O1 OAA L . 16.30 -10.45 -4.40
O2 OAA L . 14.26 -11.10 -3.75
O4 OAA L . 17.79 -11.17 -8.22
O5 OAA L . 16.51 -9.50 -7.71
O3 OAA L . 16.21 -12.84 -6.68
C1 OAA L . 15.14 -10.85 -4.60
C2 OAA L . 14.76 -11.04 -6.04
C3 OAA L . 15.95 -11.64 -6.77
C4 OAA L . 16.80 -10.71 -7.62
#